data_6E7R
#
_entry.id   6E7R
#
_cell.length_a   267.953
_cell.length_b   59.898
_cell.length_c   145.286
_cell.angle_alpha   90.000
_cell.angle_beta   116.690
_cell.angle_gamma   90.000
#
_symmetry.space_group_name_H-M   'C 1 2 1'
#
loop_
_entity.id
_entity.type
_entity.pdbx_description
1 polymer 'Glutamate receptor ionotropic, NMDA 1'
2 polymer 'Glutamate receptor ionotropic, NMDA 2B'
3 branched alpha-D-mannopyranose-(1-3)-[alpha-D-mannopyranose-(1-6)]beta-D-mannopyranose-(1-4)-2-acetamido-2-deoxy-beta-D-glucopyranose-(1-4)-2-acetamido-2-deoxy-beta-D-glucopyranose
4 branched 2-acetamido-2-deoxy-beta-D-glucopyranose-(1-4)-2-acetamido-2-deoxy-beta-D-glucopyranose
5 non-polymer 2-acetamido-2-deoxy-beta-D-glucopyranose
6 non-polymer 'SODIUM ION'
7 non-polymer 'CHLORIDE ION'
8 non-polymer N-{4-[(2S)-3-{[2-(3,4-dichlorophenyl)ethyl]amino}-2-hydroxypropoxy]phenyl}methanesulfonamide
9 water water
#
loop_
_entity_poly.entity_id
_entity_poly.type
_entity_poly.pdbx_seq_one_letter_code
_entity_poly.pdbx_strand_id
1 'polypeptide(L)'
;DPKIVNIGAVLSTKKHEQIFREAVNQANKRHFTRKIQLQATSVTHRPNAIQMALSVCEDLISSQVYAILVSHPPAPTDHL
TPTPISYTAGFYRIPVIGLTTRMSIYSDKSIHLSFLRTVPPYSHQALVWFEMMRLFNWNHVILIVSDDHEGRAAQKKLET
LLEGKESKSKKRNYENLDQLSYDNKRGPKADKVLQFEPGTKNLTALLLEAKELEARVIILSASEDDATAVYKSAAMLDMT
GAGYVWLVGEREISGSALRYAPDGIIGLQLINGKNESAHISDAVAVVAQAIHELFEMENITDPPRGCVGNTNIWKTGPLF
KRVLMSSKYPDGVTGRIEFNEDGDRKFAQYSIMNLQNRKLVQVGIFNGSYIIQNDRKIIWPGGET
;
A,C
2 'polypeptide(L)'
;PPSIGIAVILVGTSDEVAIKDAHEKDDFHHLSVVPRVELVAMNETDPKSIITRICDLMSDRKIQGVVFADDTDQEAIAQI
LDFISAQTLTPILGIHGGSSMIMADKDESSMFFQFGPSIEQQASVMLNIMEEYDWYIFSIVTTYFPGYQDFVNKIRSTIE
NSFVGWELEEVLLLDMSLDDGDSKIQNQLKKLQSPIILLYCTKEEATYIFEVANSVGLTGYGYTWIVPSLVAGDTDTVPS
EFPTGLISVSYDEWDYGLPARVRDGIAIITTAASDMLSEHSFIPEPKSSCYNTHEKRIYQSNMLNRYLINVTFEGRDLSF
SEDGYQMHPKLVIILLNKERKWERVGKWKDKSLQMKYYVWPRM
;
B,D
#
loop_
_chem_comp.id
_chem_comp.type
_chem_comp.name
_chem_comp.formula
BMA D-saccharide, beta linking beta-D-mannopyranose 'C6 H12 O6'
CL non-polymer 'CHLORIDE ION' 'Cl -1'
HYS non-polymer N-{4-[(2S)-3-{[2-(3,4-dichlorophenyl)ethyl]amino}-2-hydroxypropoxy]phenyl}methanesulfonamide 'C18 H22 Cl2 N2 O4 S'
MAN D-saccharide, alpha linking alpha-D-mannopyranose 'C6 H12 O6'
NA non-polymer 'SODIUM ION' 'Na 1'
NAG D-saccharide, beta linking 2-acetamido-2-deoxy-beta-D-glucopyranose 'C8 H15 N O6'
#
# COMPACT_ATOMS: atom_id res chain seq x y z
N ASP A 1 10.37 -61.05 -4.37
CA ASP A 1 9.82 -59.67 -4.30
C ASP A 1 10.94 -58.67 -4.00
N PRO A 2 11.26 -57.81 -4.99
CA PRO A 2 12.32 -56.84 -4.82
C PRO A 2 11.92 -55.70 -3.88
N LYS A 3 12.92 -55.04 -3.31
CA LYS A 3 12.73 -53.77 -2.66
C LYS A 3 12.31 -52.72 -3.68
N ILE A 4 11.22 -52.01 -3.38
CA ILE A 4 10.74 -50.94 -4.25
C ILE A 4 11.38 -49.61 -3.87
N VAL A 5 12.02 -48.98 -4.85
CA VAL A 5 12.70 -47.72 -4.63
C VAL A 5 12.06 -46.64 -5.49
N ASN A 6 11.46 -45.65 -4.84
CA ASN A 6 10.70 -44.62 -5.55
C ASN A 6 11.61 -43.53 -6.04
N ILE A 7 11.45 -43.17 -7.31
CA ILE A 7 11.99 -41.92 -7.85
C ILE A 7 10.87 -40.92 -8.05
N GLY A 8 11.14 -39.66 -7.72
CA GLY A 8 10.15 -38.60 -7.83
C GLY A 8 10.42 -37.69 -9.02
N ALA A 9 9.38 -36.99 -9.46
CA ALA A 9 9.54 -35.98 -10.51
C ALA A 9 8.48 -34.90 -10.38
N VAL A 10 8.91 -33.66 -10.61
CA VAL A 10 8.00 -32.54 -10.79
C VAL A 10 8.17 -31.97 -12.19
N LEU A 11 7.14 -32.15 -13.00
CA LEU A 11 7.25 -32.00 -14.44
C LEU A 11 6.12 -31.11 -14.97
N SER A 12 6.19 -30.77 -16.25
CA SER A 12 5.41 -29.66 -16.79
C SER A 12 3.99 -30.09 -17.09
N THR A 13 3.82 -31.27 -17.66
CA THR A 13 2.50 -31.73 -18.11
C THR A 13 2.30 -33.18 -17.76
N LYS A 14 1.07 -33.64 -17.86
CA LYS A 14 0.75 -35.04 -17.68
C LYS A 14 1.40 -35.91 -18.75
N LYS A 15 1.59 -35.36 -19.95
CA LYS A 15 2.32 -36.05 -21.00
C LYS A 15 3.73 -36.41 -20.53
N HIS A 16 4.38 -35.46 -19.86
CA HIS A 16 5.75 -35.66 -19.42
C HIS A 16 5.80 -36.61 -18.21
N GLU A 17 4.75 -36.60 -17.40
CA GLU A 17 4.61 -37.58 -16.34
C GLU A 17 4.58 -39.00 -16.91
N GLN A 18 3.85 -39.18 -18.00
CA GLN A 18 3.72 -40.47 -18.63
C GLN A 18 5.06 -40.91 -19.25
N ILE A 19 5.77 -39.94 -19.82
CA ILE A 19 7.12 -40.20 -20.34
C ILE A 19 8.09 -40.61 -19.21
N PHE A 20 7.98 -39.95 -18.06
CA PHE A 20 8.73 -40.34 -16.87
C PHE A 20 8.41 -41.79 -16.44
N ARG A 21 7.12 -42.08 -16.29
CA ARG A 21 6.66 -43.44 -15.95
C ARG A 21 7.31 -44.49 -16.86
N GLU A 22 7.24 -44.26 -18.16
CA GLU A 22 7.69 -45.23 -19.14
C GLU A 22 9.22 -45.36 -19.14
N ALA A 23 9.91 -44.26 -18.92
CA ALA A 23 11.36 -44.28 -18.78
C ALA A 23 11.79 -45.14 -17.58
N VAL A 24 11.06 -45.02 -16.48
CA VAL A 24 11.34 -45.82 -15.28
C VAL A 24 11.01 -47.29 -15.52
N ASN A 25 9.95 -47.55 -16.28
CA ASN A 25 9.56 -48.91 -16.60
C ASN A 25 10.61 -49.57 -17.51
N GLN A 26 11.13 -48.80 -18.46
CA GLN A 26 12.24 -49.25 -19.30
C GLN A 26 13.49 -49.53 -18.47
N ALA A 27 13.80 -48.65 -17.52
CA ALA A 27 14.97 -48.83 -16.67
C ALA A 27 14.89 -50.16 -15.91
N ASN A 28 13.68 -50.54 -15.54
CA ASN A 28 13.46 -51.77 -14.81
C ASN A 28 13.60 -52.99 -15.71
N LYS A 29 13.21 -52.85 -16.98
CA LYS A 29 13.38 -53.93 -17.95
C LYS A 29 14.86 -54.09 -18.28
N ARG A 30 15.52 -52.98 -18.58
CA ARG A 30 16.94 -52.95 -18.91
C ARG A 30 17.77 -53.63 -17.83
N HIS A 31 17.54 -53.22 -16.58
CA HIS A 31 18.44 -53.55 -15.47
C HIS A 31 18.08 -54.90 -14.87
N PHE A 32 18.97 -55.41 -14.03
CA PHE A 32 18.65 -56.57 -13.19
C PHE A 32 17.98 -56.10 -11.91
N THR A 33 16.72 -56.50 -11.73
CA THR A 33 15.86 -55.88 -10.72
C THR A 33 15.21 -56.93 -9.81
N ARG A 34 15.91 -58.03 -9.57
CA ARG A 34 15.46 -59.00 -8.59
C ARG A 34 15.54 -58.43 -7.16
N LYS A 35 16.60 -57.67 -6.89
CA LYS A 35 16.81 -57.13 -5.55
C LYS A 35 16.16 -55.75 -5.42
N ILE A 36 16.27 -54.95 -6.48
CA ILE A 36 15.86 -53.56 -6.43
C ILE A 36 15.03 -53.20 -7.68
N GLN A 37 13.90 -52.54 -7.45
CA GLN A 37 13.00 -52.19 -8.53
C GLN A 37 12.45 -50.77 -8.34
N LEU A 38 12.56 -49.96 -9.38
CA LEU A 38 12.19 -48.56 -9.27
C LEU A 38 10.69 -48.38 -9.45
N GLN A 39 10.15 -47.35 -8.80
CA GLN A 39 8.76 -46.96 -9.00
C GLN A 39 8.66 -45.44 -9.21
N ALA A 40 7.99 -45.04 -10.28
CA ALA A 40 7.80 -43.64 -10.61
C ALA A 40 6.73 -43.00 -9.72
N THR A 41 7.06 -41.87 -9.10
CA THR A 41 6.06 -41.00 -8.47
C THR A 41 6.25 -39.57 -8.95
N SER A 42 5.17 -38.94 -9.40
CA SER A 42 5.29 -37.64 -10.05
C SER A 42 4.09 -36.72 -9.76
N VAL A 43 4.35 -35.42 -9.80
CA VAL A 43 3.30 -34.42 -9.93
C VAL A 43 3.70 -33.40 -10.98
N THR A 44 2.79 -32.49 -11.30
CA THR A 44 3.16 -31.31 -12.07
C THR A 44 3.30 -30.10 -11.16
N HIS A 45 3.80 -29.00 -11.71
CA HIS A 45 4.16 -27.83 -10.92
C HIS A 45 2.92 -27.21 -10.30
N ARG A 46 3.03 -26.83 -9.04
CA ARG A 46 1.98 -26.07 -8.37
C ARG A 46 2.06 -24.61 -8.73
N PRO A 47 0.97 -23.87 -8.53
CA PRO A 47 0.89 -22.50 -9.08
C PRO A 47 1.68 -21.47 -8.25
N ASN A 48 2.13 -21.85 -7.05
CA ASN A 48 3.04 -21.01 -6.28
C ASN A 48 3.95 -21.81 -5.33
N ALA A 49 4.94 -21.13 -4.77
CA ALA A 49 6.14 -21.77 -4.27
C ALA A 49 5.84 -22.52 -2.96
N ILE A 50 4.90 -21.98 -2.20
CA ILE A 50 4.50 -22.60 -0.93
C ILE A 50 3.69 -23.90 -1.16
N GLN A 51 2.70 -23.83 -2.05
CA GLN A 51 1.99 -25.02 -2.50
C GLN A 51 2.98 -26.06 -3.04
N MET A 52 3.93 -25.61 -3.83
CA MET A 52 4.91 -26.52 -4.45
C MET A 52 5.73 -27.25 -3.39
N ALA A 53 6.22 -26.51 -2.39
CA ALA A 53 6.97 -27.11 -1.27
C ALA A 53 6.10 -28.13 -0.53
N LEU A 54 4.85 -27.76 -0.27
CA LEU A 54 3.92 -28.64 0.43
C LEU A 54 3.70 -29.93 -0.36
N SER A 55 3.64 -29.81 -1.69
CA SER A 55 3.35 -30.97 -2.53
C SER A 55 4.56 -31.91 -2.61
N VAL A 56 5.75 -31.34 -2.59
CA VAL A 56 6.97 -32.14 -2.49
C VAL A 56 6.93 -33.01 -1.24
N CYS A 57 6.47 -32.44 -0.12
CA CYS A 57 6.33 -33.19 1.11
C CYS A 57 5.22 -34.23 1.01
N GLU A 58 4.04 -33.80 0.55
CA GLU A 58 2.83 -34.64 0.64
C GLU A 58 2.81 -35.73 -0.42
N ASP A 59 3.34 -35.42 -1.60
CA ASP A 59 3.16 -36.31 -2.76
C ASP A 59 4.43 -37.13 -3.06
N LEU A 60 5.59 -36.59 -2.72
CA LEU A 60 6.87 -37.20 -3.13
C LEU A 60 7.61 -37.80 -1.94
N ILE A 61 7.92 -36.97 -0.96
CA ILE A 61 8.70 -37.42 0.18
C ILE A 61 7.88 -38.41 1.06
N SER A 62 6.56 -38.29 1.00
CA SER A 62 5.68 -39.28 1.62
C SER A 62 5.87 -40.67 1.00
N SER A 63 6.38 -40.70 -0.22
CA SER A 63 6.61 -41.97 -0.92
C SER A 63 8.06 -42.43 -0.77
N GLN A 64 8.85 -41.69 0.01
CA GLN A 64 10.24 -42.04 0.27
C GLN A 64 11.04 -42.07 -1.04
N VAL A 65 11.01 -40.96 -1.77
CA VAL A 65 11.79 -40.86 -3.00
C VAL A 65 13.28 -40.69 -2.70
N TYR A 66 14.12 -41.37 -3.48
CA TYR A 66 15.57 -41.33 -3.32
C TYR A 66 16.15 -40.14 -4.09
N ALA A 67 15.40 -39.68 -5.09
CA ALA A 67 15.79 -38.53 -5.87
C ALA A 67 14.54 -37.89 -6.47
N ILE A 68 14.66 -36.64 -6.90
CA ILE A 68 13.56 -35.95 -7.56
C ILE A 68 14.03 -35.24 -8.82
N LEU A 69 13.47 -35.63 -9.97
CA LEU A 69 13.63 -34.87 -11.22
C LEU A 69 12.75 -33.65 -11.21
N VAL A 70 13.29 -32.52 -11.70
CA VAL A 70 12.52 -31.29 -11.81
C VAL A 70 12.75 -30.62 -13.13
N SER A 71 11.66 -30.35 -13.83
CA SER A 71 11.71 -29.56 -15.04
C SER A 71 11.49 -28.09 -14.72
N HIS A 72 12.03 -27.23 -15.55
CA HIS A 72 11.63 -25.83 -15.57
C HIS A 72 10.36 -25.67 -16.38
N PRO A 73 9.27 -25.29 -15.70
CA PRO A 73 8.03 -24.96 -16.43
C PRO A 73 8.22 -23.76 -17.39
N PRO A 74 7.58 -23.81 -18.56
CA PRO A 74 7.65 -22.68 -19.51
C PRO A 74 6.42 -21.77 -19.42
N ALA A 75 6.05 -21.37 -18.20
CA ALA A 75 5.05 -20.31 -18.00
C ALA A 75 5.73 -19.03 -17.53
N HIS A 79 7.73 -17.72 -13.79
CA HIS A 79 7.87 -17.28 -12.40
C HIS A 79 8.01 -18.48 -11.44
N LEU A 80 7.91 -19.69 -11.99
CA LEU A 80 7.91 -20.90 -11.16
C LEU A 80 9.19 -21.69 -11.35
N THR A 81 10.05 -21.67 -10.35
CA THR A 81 11.38 -22.23 -10.47
C THR A 81 11.47 -23.54 -9.72
N PRO A 82 12.55 -24.30 -9.97
CA PRO A 82 12.89 -25.49 -9.20
C PRO A 82 13.13 -25.22 -7.70
N THR A 83 13.19 -23.95 -7.32
CA THR A 83 13.87 -23.57 -6.10
C THR A 83 13.20 -24.18 -4.85
N PRO A 84 11.86 -24.12 -4.78
CA PRO A 84 11.12 -24.73 -3.66
C PRO A 84 11.38 -26.21 -3.53
N ILE A 85 11.64 -26.86 -4.66
CA ILE A 85 11.86 -28.29 -4.66
C ILE A 85 13.29 -28.62 -4.23
N SER A 86 14.24 -27.84 -4.70
CA SER A 86 15.60 -27.90 -4.19
C SER A 86 15.64 -27.67 -2.67
N TYR A 87 14.93 -26.65 -2.19
CA TYR A 87 14.95 -26.31 -0.78
C TYR A 87 14.41 -27.47 0.07
N THR A 88 13.25 -27.99 -0.31
CA THR A 88 12.53 -28.94 0.53
C THR A 88 13.22 -30.30 0.50
N ALA A 89 13.64 -30.72 -0.68
CA ALA A 89 14.41 -31.94 -0.82
C ALA A 89 15.77 -31.80 -0.14
N GLY A 90 16.40 -30.63 -0.31
CA GLY A 90 17.71 -30.37 0.25
C GLY A 90 17.71 -30.45 1.77
N PHE A 91 16.57 -30.09 2.38
CA PHE A 91 16.41 -30.16 3.82
C PHE A 91 16.74 -31.57 4.34
N TYR A 92 16.44 -32.57 3.51
CA TYR A 92 16.66 -33.98 3.86
C TYR A 92 17.90 -34.56 3.15
N ARG A 93 18.59 -33.73 2.37
CA ARG A 93 19.70 -34.18 1.50
C ARG A 93 19.22 -35.23 0.48
N ILE A 94 18.02 -35.05 -0.03
CA ILE A 94 17.57 -35.82 -1.17
C ILE A 94 17.94 -35.10 -2.46
N PRO A 95 18.70 -35.79 -3.33
CA PRO A 95 19.21 -35.16 -4.54
C PRO A 95 18.10 -34.74 -5.49
N VAL A 96 18.24 -33.54 -6.03
CA VAL A 96 17.36 -33.04 -7.06
C VAL A 96 18.11 -32.95 -8.38
N ILE A 97 17.50 -33.46 -9.45
CA ILE A 97 18.08 -33.36 -10.78
C ILE A 97 17.28 -32.39 -11.66
N GLY A 98 17.86 -31.24 -11.92
CA GLY A 98 17.26 -30.26 -12.83
C GLY A 98 17.41 -30.69 -14.29
N LEU A 99 16.33 -30.58 -15.04
CA LEU A 99 16.29 -31.09 -16.39
C LEU A 99 16.55 -30.00 -17.41
N THR A 100 16.12 -28.77 -17.12
CA THR A 100 16.09 -27.71 -18.14
C THR A 100 16.46 -26.31 -17.61
N THR A 101 16.66 -26.20 -16.32
CA THR A 101 17.01 -24.89 -15.70
C THR A 101 18.48 -24.52 -15.98
N ARG A 102 18.70 -23.30 -16.47
CA ARG A 102 20.02 -22.87 -16.98
C ARG A 102 20.68 -21.79 -16.07
N MET A 103 19.93 -21.27 -15.11
CA MET A 103 20.41 -20.13 -14.32
C MET A 103 21.59 -20.59 -13.43
N SER A 104 22.64 -19.77 -13.38
CA SER A 104 23.90 -20.19 -12.79
C SER A 104 23.80 -20.32 -11.27
N ILE A 105 22.77 -19.70 -10.69
CA ILE A 105 22.62 -19.67 -9.25
C ILE A 105 22.41 -21.08 -8.69
N TYR A 106 21.87 -21.98 -9.50
CA TYR A 106 21.66 -23.35 -9.07
C TYR A 106 23.00 -24.14 -8.96
N SER A 107 24.10 -23.49 -9.30
CA SER A 107 25.44 -24.10 -9.14
C SER A 107 26.02 -23.83 -7.76
N ASP A 108 25.35 -22.95 -7.02
CA ASP A 108 25.86 -22.49 -5.74
C ASP A 108 25.49 -23.48 -4.62
N LYS A 109 26.48 -24.22 -4.15
CA LYS A 109 26.26 -25.32 -3.20
C LYS A 109 25.66 -24.82 -1.85
N SER A 110 25.94 -23.57 -1.51
CA SER A 110 25.46 -22.99 -0.23
C SER A 110 23.94 -22.82 -0.24
N ILE A 111 23.38 -22.63 -1.43
CA ILE A 111 21.95 -22.43 -1.59
C ILE A 111 21.28 -23.72 -2.03
N HIS A 112 21.94 -24.45 -2.92
CA HIS A 112 21.38 -25.65 -3.48
C HIS A 112 22.30 -26.86 -3.25
N LEU A 113 22.18 -27.46 -2.08
CA LEU A 113 23.25 -28.28 -1.55
C LEU A 113 23.10 -29.74 -1.96
N SER A 114 22.07 -30.03 -2.74
CA SER A 114 21.96 -31.34 -3.38
C SER A 114 21.26 -31.25 -4.72
N PHE A 115 21.92 -30.62 -5.67
CA PHE A 115 21.32 -30.29 -6.93
C PHE A 115 22.29 -30.60 -8.05
N LEU A 116 21.87 -31.50 -8.95
CA LEU A 116 22.58 -31.73 -10.21
C LEU A 116 21.66 -31.33 -11.38
N ARG A 117 22.23 -31.16 -12.57
CA ARG A 117 21.41 -30.92 -13.76
C ARG A 117 22.02 -31.46 -15.01
N THR A 118 21.16 -31.89 -15.93
CA THR A 118 21.61 -32.49 -17.18
C THR A 118 21.74 -31.45 -18.30
N VAL A 119 21.44 -30.20 -17.98
CA VAL A 119 21.86 -29.07 -18.82
C VAL A 119 22.87 -28.19 -18.08
N PRO A 120 23.74 -27.51 -18.83
CA PRO A 120 24.71 -26.60 -18.23
C PRO A 120 24.12 -25.24 -17.93
N PRO A 121 24.66 -24.56 -16.93
CA PRO A 121 24.30 -23.17 -16.68
C PRO A 121 24.76 -22.25 -17.82
N TYR A 122 24.08 -21.11 -17.95
CA TYR A 122 24.41 -20.18 -19.01
C TYR A 122 25.87 -19.81 -19.01
N SER A 123 26.49 -19.84 -17.82
CA SER A 123 27.85 -19.33 -17.66
C SER A 123 28.85 -20.24 -18.36
N HIS A 124 28.47 -21.47 -18.61
CA HIS A 124 29.36 -22.44 -19.25
C HIS A 124 29.51 -22.17 -20.76
N GLN A 125 28.68 -21.29 -21.28
CA GLN A 125 28.82 -20.83 -22.65
C GLN A 125 30.21 -20.19 -22.87
N ALA A 126 30.84 -19.76 -21.77
CA ALA A 126 32.20 -19.25 -21.82
C ALA A 126 33.18 -20.30 -22.37
N LEU A 127 32.90 -21.57 -22.09
CA LEU A 127 33.73 -22.68 -22.57
C LEU A 127 33.75 -22.69 -24.09
N VAL A 128 32.61 -22.37 -24.70
CA VAL A 128 32.50 -22.36 -26.15
C VAL A 128 33.16 -21.11 -26.72
N TRP A 129 32.94 -19.97 -26.06
CA TRP A 129 33.59 -18.71 -26.48
C TRP A 129 35.11 -18.90 -26.53
N PHE A 130 35.65 -19.56 -25.50
CA PHE A 130 37.08 -19.73 -25.38
C PHE A 130 37.63 -20.52 -26.56
N GLU A 131 36.93 -21.59 -26.93
CA GLU A 131 37.37 -22.44 -28.03
C GLU A 131 37.27 -21.71 -29.36
N MET A 132 36.30 -20.81 -29.45
CA MET A 132 36.14 -19.97 -30.63
C MET A 132 37.26 -18.95 -30.72
N MET A 133 37.69 -18.46 -29.56
CA MET A 133 38.74 -17.46 -29.51
C MET A 133 40.08 -18.05 -29.97
N ARG A 134 40.32 -19.31 -29.63
CA ARG A 134 41.48 -20.04 -30.15
C ARG A 134 41.33 -20.31 -31.64
N LEU A 135 40.17 -20.81 -32.03
CA LEU A 135 39.95 -21.21 -33.41
C LEU A 135 40.11 -20.03 -34.35
N PHE A 136 39.43 -18.94 -34.05
CA PHE A 136 39.42 -17.78 -34.93
C PHE A 136 40.47 -16.76 -34.50
N ASN A 137 41.32 -17.17 -33.56
CA ASN A 137 42.45 -16.34 -33.12
C ASN A 137 42.00 -14.92 -32.78
N TRP A 138 40.98 -14.82 -31.95
CA TRP A 138 40.65 -13.57 -31.27
C TRP A 138 41.39 -13.47 -29.96
N ASN A 139 42.51 -12.77 -29.96
CA ASN A 139 43.44 -12.81 -28.85
C ASN A 139 43.21 -11.64 -27.92
N HIS A 140 42.38 -10.70 -28.34
CA HIS A 140 41.99 -9.56 -27.51
C HIS A 140 40.49 -9.33 -27.58
N VAL A 141 39.81 -9.46 -26.44
CA VAL A 141 38.36 -9.30 -26.40
C VAL A 141 37.95 -8.30 -25.33
N ILE A 142 36.81 -7.64 -25.55
CA ILE A 142 36.14 -6.91 -24.50
C ILE A 142 34.92 -7.70 -24.01
N LEU A 143 34.79 -7.83 -22.70
CA LEU A 143 33.68 -8.55 -22.11
C LEU A 143 32.71 -7.60 -21.46
N ILE A 144 31.46 -7.61 -21.95
CA ILE A 144 30.38 -6.83 -21.34
C ILE A 144 29.36 -7.75 -20.70
N VAL A 145 29.11 -7.55 -19.40
CA VAL A 145 28.18 -8.41 -18.67
C VAL A 145 27.28 -7.57 -17.78
N SER A 146 26.06 -8.08 -17.57
CA SER A 146 25.15 -7.47 -16.62
C SER A 146 25.64 -7.68 -15.18
N ASP A 147 25.55 -6.63 -14.39
CA ASP A 147 25.97 -6.68 -12.99
C ASP A 147 24.91 -7.36 -12.17
N ASP A 148 24.58 -8.58 -12.55
CA ASP A 148 23.82 -9.47 -11.71
C ASP A 148 24.55 -10.80 -11.60
N HIS A 149 23.92 -11.76 -10.94
CA HIS A 149 24.56 -13.03 -10.65
C HIS A 149 24.95 -13.76 -11.94
N GLU A 150 24.04 -13.81 -12.90
CA GLU A 150 24.29 -14.49 -14.17
C GLU A 150 25.46 -13.86 -14.91
N GLY A 151 25.44 -12.54 -15.00
CA GLY A 151 26.49 -11.81 -15.70
C GLY A 151 27.86 -12.05 -15.08
N ARG A 152 27.91 -11.96 -13.75
CA ARG A 152 29.17 -12.10 -13.05
C ARG A 152 29.68 -13.55 -13.13
N ALA A 153 28.75 -14.50 -13.22
CA ALA A 153 29.12 -15.91 -13.35
C ALA A 153 29.76 -16.21 -14.70
N ALA A 154 29.28 -15.55 -15.74
CA ALA A 154 29.89 -15.64 -17.06
C ALA A 154 31.30 -15.06 -17.04
N GLN A 155 31.44 -13.88 -16.45
CA GLN A 155 32.75 -13.26 -16.30
C GLN A 155 33.74 -14.20 -15.58
N LYS A 156 33.34 -14.67 -14.40
CA LYS A 156 34.23 -15.52 -13.58
C LYS A 156 34.68 -16.74 -14.37
N LYS A 157 33.77 -17.32 -15.14
CA LYS A 157 34.07 -18.54 -15.88
C LYS A 157 35.06 -18.26 -17.04
N LEU A 158 34.84 -17.18 -17.77
CA LEU A 158 35.72 -16.84 -18.90
C LEU A 158 37.10 -16.46 -18.39
N GLU A 159 37.13 -15.68 -17.31
CA GLU A 159 38.41 -15.21 -16.73
C GLU A 159 39.24 -16.40 -16.23
N THR A 160 38.58 -17.41 -15.70
CA THR A 160 39.25 -18.58 -15.24
C THR A 160 39.90 -19.34 -16.41
N LEU A 161 39.23 -19.34 -17.55
CA LEU A 161 39.74 -20.02 -18.73
C LEU A 161 40.87 -19.22 -19.34
N LEU A 162 40.79 -17.90 -19.22
CA LEU A 162 41.79 -17.03 -19.79
C LEU A 162 43.03 -16.97 -18.90
N GLU A 163 42.84 -17.23 -17.60
CA GLU A 163 43.92 -17.14 -16.61
C GLU A 163 44.45 -18.53 -16.24
N GLY A 164 43.80 -19.57 -16.77
CA GLY A 164 44.39 -20.90 -16.82
C GLY A 164 44.68 -21.36 -18.23
N GLY A 187 47.63 -17.19 -23.83
CA GLY A 187 46.69 -17.37 -24.94
C GLY A 187 46.00 -16.08 -25.31
N PRO A 188 44.66 -16.14 -25.49
CA PRO A 188 43.82 -14.95 -25.61
C PRO A 188 43.64 -14.23 -24.27
N LYS A 189 43.40 -12.92 -24.33
CA LYS A 189 43.23 -12.10 -23.12
C LYS A 189 41.97 -11.23 -23.24
N ALA A 190 41.33 -10.96 -22.09
CA ALA A 190 40.35 -9.89 -22.01
C ALA A 190 41.00 -8.54 -21.75
N ASP A 191 40.97 -7.66 -22.75
CA ASP A 191 41.57 -6.34 -22.63
C ASP A 191 40.81 -5.46 -21.65
N LYS A 192 39.56 -5.81 -21.38
CA LYS A 192 38.74 -5.08 -20.41
C LYS A 192 37.44 -5.83 -20.13
N VAL A 193 36.91 -5.62 -18.93
CA VAL A 193 35.57 -6.07 -18.58
C VAL A 193 34.71 -4.89 -18.14
N LEU A 194 33.55 -4.75 -18.77
CA LEU A 194 32.60 -3.71 -18.38
C LEU A 194 31.32 -4.33 -17.85
N GLN A 195 30.90 -3.88 -16.68
CA GLN A 195 29.62 -4.27 -16.12
C GLN A 195 28.64 -3.12 -16.18
N PHE A 196 27.35 -3.45 -16.30
CA PHE A 196 26.31 -2.42 -16.31
C PHE A 196 25.16 -2.86 -15.44
N GLU A 197 24.40 -1.90 -14.94
CA GLU A 197 23.26 -2.18 -14.09
C GLU A 197 22.10 -2.75 -14.90
N PRO A 198 21.63 -3.95 -14.53
CA PRO A 198 20.42 -4.53 -15.15
C PRO A 198 19.27 -3.53 -15.22
N GLY A 199 18.72 -3.37 -16.41
CA GLY A 199 17.54 -2.52 -16.60
C GLY A 199 17.89 -1.10 -17.01
N THR A 200 19.18 -0.86 -17.25
CA THR A 200 19.62 0.39 -17.83
C THR A 200 19.34 0.40 -19.33
N LYS A 201 18.72 1.50 -19.80
CA LYS A 201 18.12 1.53 -21.14
C LYS A 201 19.03 2.24 -22.11
N ASN A 202 19.67 3.32 -21.65
CA ASN A 202 20.72 3.97 -22.41
C ASN A 202 22.09 3.60 -21.87
N LEU A 203 22.89 2.95 -22.69
CA LEU A 203 24.17 2.39 -22.27
C LEU A 203 25.31 3.01 -23.04
N THR A 204 25.11 4.24 -23.50
CA THR A 204 26.07 4.92 -24.35
C THR A 204 27.39 5.12 -23.62
N ALA A 205 27.30 5.46 -22.34
CA ALA A 205 28.50 5.71 -21.54
C ALA A 205 29.36 4.45 -21.45
N LEU A 206 28.72 3.31 -21.19
CA LEU A 206 29.42 2.04 -21.11
C LEU A 206 30.11 1.70 -22.43
N LEU A 207 29.40 1.94 -23.53
CA LEU A 207 29.82 1.42 -24.83
C LEU A 207 30.85 2.35 -25.48
N LEU A 208 30.74 3.64 -25.18
CA LEU A 208 31.80 4.59 -25.54
C LEU A 208 33.13 4.20 -24.92
N GLU A 209 33.09 3.72 -23.68
CA GLU A 209 34.28 3.19 -23.01
C GLU A 209 34.89 2.03 -23.80
N ALA A 210 34.02 1.13 -24.28
CA ALA A 210 34.46 0.00 -25.09
C ALA A 210 34.95 0.46 -26.45
N LYS A 211 34.28 1.46 -27.02
CA LYS A 211 34.62 1.98 -28.34
C LYS A 211 36.04 2.57 -28.35
N GLU A 212 36.42 3.17 -27.22
CA GLU A 212 37.71 3.83 -27.11
C GLU A 212 38.86 2.82 -27.29
N LEU A 213 38.61 1.57 -26.91
CA LEU A 213 39.67 0.57 -26.84
C LEU A 213 39.99 0.03 -28.23
N GLU A 214 41.10 -0.70 -28.33
CA GLU A 214 41.62 -1.15 -29.62
C GLU A 214 40.94 -2.45 -30.05
N ALA A 215 40.78 -3.36 -29.10
CA ALA A 215 40.08 -4.61 -29.34
C ALA A 215 38.69 -4.34 -29.89
N ARG A 216 38.23 -5.23 -30.77
CA ARG A 216 36.97 -5.03 -31.48
C ARG A 216 36.16 -6.31 -31.50
N VAL A 217 36.64 -7.32 -30.76
CA VAL A 217 35.83 -8.47 -30.43
C VAL A 217 35.10 -8.26 -29.11
N ILE A 218 33.78 -8.23 -29.16
CA ILE A 218 32.97 -7.96 -27.98
C ILE A 218 32.13 -9.18 -27.59
N ILE A 219 32.19 -9.54 -26.31
CA ILE A 219 31.43 -10.65 -25.78
C ILE A 219 30.42 -10.15 -24.76
N LEU A 220 29.19 -10.63 -24.86
CA LEU A 220 28.09 -10.09 -24.07
C LEU A 220 27.39 -11.18 -23.28
N SER A 221 27.22 -10.95 -21.99
CA SER A 221 26.29 -11.72 -21.18
C SER A 221 25.21 -10.81 -20.61
N ALA A 222 23.96 -11.13 -20.88
CA ALA A 222 22.84 -10.25 -20.53
C ALA A 222 21.53 -10.97 -20.76
N SER A 223 20.53 -10.65 -19.96
CA SER A 223 19.17 -11.10 -20.20
C SER A 223 18.66 -10.56 -21.54
N GLU A 224 17.51 -11.08 -21.99
CA GLU A 224 16.88 -10.63 -23.24
C GLU A 224 16.83 -9.12 -23.32
N ASP A 225 16.21 -8.49 -22.32
CA ASP A 225 15.86 -7.07 -22.39
C ASP A 225 17.10 -6.22 -22.26
N ASP A 226 18.08 -6.71 -21.50
CA ASP A 226 19.32 -5.97 -21.33
C ASP A 226 20.17 -6.05 -22.60
N ALA A 227 20.15 -7.21 -23.26
CA ALA A 227 20.79 -7.38 -24.57
C ALA A 227 20.19 -6.43 -25.60
N THR A 228 18.87 -6.30 -25.57
CA THR A 228 18.19 -5.38 -26.46
C THR A 228 18.74 -3.97 -26.30
N ALA A 229 18.87 -3.53 -25.05
CA ALA A 229 19.37 -2.18 -24.77
C ALA A 229 20.80 -2.01 -25.26
N VAL A 230 21.64 -3.02 -25.04
CA VAL A 230 23.00 -3.01 -25.56
C VAL A 230 23.00 -2.84 -27.09
N TYR A 231 22.26 -3.71 -27.77
CA TYR A 231 22.25 -3.73 -29.22
C TYR A 231 21.86 -2.36 -29.80
N LYS A 232 20.81 -1.76 -29.22
CA LYS A 232 20.33 -0.47 -29.68
C LYS A 232 21.41 0.61 -29.54
N SER A 233 21.99 0.72 -28.34
CA SER A 233 23.02 1.72 -28.07
C SER A 233 24.23 1.50 -28.98
N ALA A 234 24.59 0.23 -29.17
CA ALA A 234 25.75 -0.11 -30.00
C ALA A 234 25.52 0.29 -31.45
N ALA A 235 24.28 0.16 -31.90
CA ALA A 235 23.93 0.54 -33.27
C ALA A 235 24.09 2.04 -33.47
N MET A 236 23.63 2.83 -32.49
CA MET A 236 23.67 4.28 -32.59
C MET A 236 25.10 4.82 -32.49
N LEU A 237 26.02 3.99 -31.99
CA LEU A 237 27.44 4.34 -31.91
C LEU A 237 28.23 3.68 -33.02
N ASP A 238 27.54 3.13 -34.00
CA ASP A 238 28.19 2.54 -35.16
C ASP A 238 29.19 1.46 -34.75
N MET A 239 28.80 0.61 -33.83
CA MET A 239 29.70 -0.40 -33.29
C MET A 239 29.28 -1.80 -33.74
N THR A 240 28.38 -1.87 -34.71
CA THR A 240 27.80 -3.14 -35.11
C THR A 240 28.11 -3.44 -36.56
N GLY A 241 29.01 -2.65 -37.14
CA GLY A 241 29.36 -2.79 -38.56
C GLY A 241 30.74 -3.40 -38.76
N ALA A 242 31.31 -3.18 -39.93
CA ALA A 242 32.54 -3.86 -40.32
C ALA A 242 33.66 -3.54 -39.34
N GLY A 243 34.47 -4.55 -39.02
CA GLY A 243 35.54 -4.39 -38.06
C GLY A 243 35.24 -5.08 -36.74
N TYR A 244 33.97 -5.02 -36.33
CA TYR A 244 33.58 -5.55 -35.02
C TYR A 244 33.15 -7.01 -35.12
N VAL A 245 33.46 -7.79 -34.08
CA VAL A 245 32.83 -9.09 -33.89
C VAL A 245 32.00 -9.10 -32.61
N TRP A 246 30.79 -9.64 -32.69
CA TRP A 246 29.92 -9.76 -31.51
C TRP A 246 29.67 -11.22 -31.21
N LEU A 247 29.98 -11.62 -29.98
CA LEU A 247 29.89 -13.01 -29.58
C LEU A 247 29.07 -13.13 -28.29
N VAL A 248 27.93 -13.83 -28.37
CA VAL A 248 26.98 -13.86 -27.27
C VAL A 248 26.50 -15.29 -27.02
N GLY A 249 25.66 -15.45 -26.01
CA GLY A 249 25.07 -16.75 -25.71
C GLY A 249 23.67 -16.90 -26.27
N GLU A 250 22.81 -17.57 -25.51
CA GLU A 250 21.50 -17.97 -26.02
C GLU A 250 20.43 -16.93 -25.68
N ARG A 251 20.47 -16.38 -24.47
CA ARG A 251 19.46 -15.38 -24.04
C ARG A 251 19.54 -14.14 -24.93
N GLU A 252 20.72 -13.90 -25.47
CA GLU A 252 21.00 -12.66 -26.14
C GLU A 252 20.67 -12.75 -27.63
N ILE A 253 20.21 -13.94 -28.07
CA ILE A 253 19.58 -14.08 -29.38
C ILE A 253 18.21 -14.74 -29.29
N SER A 254 17.51 -14.47 -28.19
CA SER A 254 16.15 -14.96 -27.99
C SER A 254 15.17 -13.79 -27.87
N GLY A 255 13.92 -14.03 -28.24
CA GLY A 255 12.85 -13.05 -28.04
C GLY A 255 13.21 -11.68 -28.57
N SER A 256 13.06 -10.66 -27.72
CA SER A 256 13.20 -9.29 -28.16
C SER A 256 14.67 -8.98 -28.49
N ALA A 257 15.58 -9.71 -27.85
CA ALA A 257 17.01 -9.53 -28.12
C ALA A 257 17.31 -9.82 -29.60
N LEU A 258 16.61 -10.81 -30.14
CA LEU A 258 16.75 -11.16 -31.56
C LEU A 258 16.23 -10.04 -32.45
N ARG A 259 15.28 -9.27 -31.93
CA ARG A 259 14.52 -8.31 -32.73
C ARG A 259 15.39 -7.11 -33.14
N TYR A 260 16.42 -6.83 -32.34
CA TYR A 260 17.28 -5.68 -32.61
C TYR A 260 18.75 -6.08 -32.73
N ALA A 261 19.01 -7.38 -32.74
CA ALA A 261 20.35 -7.89 -32.89
C ALA A 261 20.96 -7.45 -34.21
N PRO A 262 22.24 -7.05 -34.19
CA PRO A 262 22.96 -6.67 -35.40
C PRO A 262 23.31 -7.87 -36.28
N ASP A 263 23.20 -7.70 -37.59
CA ASP A 263 23.60 -8.74 -38.53
C ASP A 263 25.07 -9.12 -38.33
N GLY A 264 25.37 -10.39 -38.47
CA GLY A 264 26.74 -10.88 -38.34
C GLY A 264 27.06 -11.37 -36.94
N ILE A 265 26.16 -11.09 -35.99
CA ILE A 265 26.36 -11.57 -34.62
C ILE A 265 26.49 -13.08 -34.59
N ILE A 266 27.26 -13.58 -33.63
CA ILE A 266 27.31 -15.01 -33.38
C ILE A 266 26.83 -15.32 -31.97
N GLY A 267 25.95 -16.32 -31.86
CA GLY A 267 25.47 -16.77 -30.56
C GLY A 267 25.32 -18.28 -30.51
N LEU A 268 24.66 -18.76 -29.46
CA LEU A 268 24.64 -20.20 -29.16
C LEU A 268 23.23 -20.65 -28.87
N GLN A 269 22.92 -21.89 -29.22
CA GLN A 269 21.73 -22.56 -28.72
C GLN A 269 22.07 -23.95 -28.20
N LEU A 270 21.68 -24.23 -26.97
CA LEU A 270 21.92 -25.53 -26.37
C LEU A 270 21.05 -26.57 -27.03
N ILE A 271 21.68 -27.54 -27.69
CA ILE A 271 20.95 -28.55 -28.41
C ILE A 271 20.17 -29.44 -27.45
N ASN A 272 18.86 -29.53 -27.68
CA ASN A 272 17.95 -30.30 -26.80
C ASN A 272 17.72 -29.60 -25.47
N GLY A 273 18.11 -28.35 -25.39
CA GLY A 273 18.11 -27.62 -24.14
C GLY A 273 16.71 -27.41 -23.57
N LYS A 274 15.71 -27.40 -24.45
CA LYS A 274 14.32 -27.22 -24.02
C LYS A 274 13.48 -28.48 -24.26
N ASN A 275 14.13 -29.60 -24.53
CA ASN A 275 13.43 -30.84 -24.76
C ASN A 275 13.27 -31.60 -23.46
N GLU A 276 12.17 -31.35 -22.76
CA GLU A 276 11.93 -31.95 -21.47
C GLU A 276 11.92 -33.47 -21.58
N SER A 277 11.40 -33.98 -22.67
CA SER A 277 11.25 -35.41 -22.85
C SER A 277 12.61 -36.10 -22.94
N ALA A 278 13.51 -35.52 -23.72
CA ALA A 278 14.86 -36.05 -23.87
C ALA A 278 15.60 -36.08 -22.52
N HIS A 279 15.42 -35.03 -21.72
CA HIS A 279 16.12 -34.92 -20.46
C HIS A 279 15.53 -35.81 -19.39
N ILE A 280 14.22 -36.06 -19.49
CA ILE A 280 13.59 -37.06 -18.63
C ILE A 280 14.21 -38.43 -18.88
N SER A 281 14.43 -38.76 -20.15
CA SER A 281 15.00 -40.04 -20.52
C SER A 281 16.39 -40.21 -19.94
N ASP A 282 17.26 -39.25 -20.24
CA ASP A 282 18.64 -39.30 -19.79
C ASP A 282 18.74 -39.29 -18.26
N ALA A 283 17.95 -38.42 -17.62
CA ALA A 283 18.00 -38.29 -16.18
C ALA A 283 17.62 -39.60 -15.50
N VAL A 284 16.54 -40.22 -15.97
CA VAL A 284 16.10 -41.50 -15.42
C VAL A 284 17.17 -42.58 -15.61
N ALA A 285 17.80 -42.60 -16.78
CA ALA A 285 18.85 -43.58 -17.05
C ALA A 285 20.00 -43.40 -16.08
N VAL A 286 20.40 -42.16 -15.87
CA VAL A 286 21.48 -41.84 -14.96
C VAL A 286 21.11 -42.22 -13.52
N VAL A 287 19.89 -41.88 -13.12
CA VAL A 287 19.47 -42.10 -11.74
C VAL A 287 19.29 -43.60 -11.46
N ALA A 288 18.82 -44.33 -12.47
CA ALA A 288 18.63 -45.77 -12.32
C ALA A 288 19.97 -46.47 -12.14
N GLN A 289 20.91 -46.13 -13.02
CA GLN A 289 22.28 -46.62 -12.91
C GLN A 289 22.87 -46.33 -11.52
N ALA A 290 22.64 -45.12 -11.02
CA ALA A 290 23.22 -44.69 -9.74
C ALA A 290 22.61 -45.45 -8.58
N ILE A 291 21.31 -45.71 -8.67
CA ILE A 291 20.61 -46.40 -7.60
C ILE A 291 21.05 -47.85 -7.49
N HIS A 292 21.30 -48.48 -8.63
CA HIS A 292 21.78 -49.86 -8.64
C HIS A 292 23.23 -49.94 -8.14
N GLU A 293 24.01 -48.92 -8.47
CA GLU A 293 25.35 -48.80 -7.94
C GLU A 293 25.32 -48.57 -6.42
N LEU A 294 24.41 -47.69 -5.96
CA LEU A 294 24.29 -47.39 -4.55
C LEU A 294 24.07 -48.66 -3.73
N PHE A 295 23.23 -49.55 -4.23
CA PHE A 295 22.77 -50.69 -3.47
C PHE A 295 23.76 -51.86 -3.58
N GLU A 296 24.87 -51.62 -4.27
CA GLU A 296 26.05 -52.50 -4.15
C GLU A 296 26.74 -52.31 -2.82
N MET A 297 26.61 -51.11 -2.25
CA MET A 297 27.33 -50.75 -1.06
C MET A 297 26.54 -51.15 0.17
N GLU A 298 27.19 -51.09 1.32
CA GLU A 298 26.60 -51.59 2.56
C GLU A 298 25.97 -50.44 3.34
N ASN A 299 24.90 -50.75 4.09
CA ASN A 299 24.38 -49.83 5.08
C ASN A 299 23.63 -48.68 4.42
N ILE A 300 22.91 -49.00 3.34
CA ILE A 300 22.00 -48.05 2.72
C ILE A 300 20.72 -47.92 3.55
N THR A 301 20.37 -46.69 3.93
CA THR A 301 19.13 -46.45 4.66
C THR A 301 18.09 -45.84 3.75
N ASP A 302 16.84 -45.98 4.15
CA ASP A 302 15.74 -45.37 3.42
C ASP A 302 15.62 -43.89 3.76
N PRO A 303 15.27 -43.08 2.77
CA PRO A 303 14.87 -41.70 3.06
C PRO A 303 13.70 -41.63 4.05
N PRO A 304 13.51 -40.48 4.67
CA PRO A 304 12.36 -40.24 5.54
C PRO A 304 11.03 -40.40 4.80
N ARG A 305 10.04 -41.00 5.46
CA ARG A 305 8.69 -41.07 4.91
C ARG A 305 7.86 -39.87 5.37
N GLY A 306 7.64 -38.94 4.45
CA GLY A 306 6.92 -37.71 4.77
C GLY A 306 7.80 -36.70 5.49
N CYS A 307 7.29 -35.48 5.61
CA CYS A 307 8.03 -34.41 6.24
C CYS A 307 7.66 -34.29 7.70
N VAL A 308 6.41 -34.58 8.03
CA VAL A 308 5.87 -34.28 9.36
C VAL A 308 6.61 -35.07 10.43
N GLY A 309 7.19 -34.36 11.39
CA GLY A 309 7.87 -34.99 12.50
C GLY A 309 9.31 -35.37 12.18
N ASN A 310 9.74 -35.12 10.95
CA ASN A 310 11.06 -35.55 10.49
C ASN A 310 11.96 -34.34 10.24
N THR A 311 13.02 -34.21 11.04
CA THR A 311 13.94 -33.08 10.92
C THR A 311 15.41 -33.52 10.73
N ASN A 312 15.68 -34.81 10.86
CA ASN A 312 17.01 -35.32 10.58
C ASN A 312 17.20 -35.51 9.07
N ILE A 313 18.43 -35.32 8.60
CA ILE A 313 18.76 -35.60 7.20
C ILE A 313 18.70 -37.09 6.91
N TRP A 314 18.40 -37.43 5.67
CA TRP A 314 18.63 -38.78 5.15
C TRP A 314 20.12 -39.13 5.19
N LYS A 315 20.48 -40.05 6.09
CA LYS A 315 21.88 -40.35 6.38
C LYS A 315 22.64 -40.80 5.12
N THR A 316 21.92 -41.40 4.18
CA THR A 316 22.54 -41.96 2.98
C THR A 316 22.55 -40.93 1.84
N GLY A 317 21.91 -39.79 2.06
CA GLY A 317 21.76 -38.77 1.04
C GLY A 317 23.09 -38.29 0.47
N PRO A 318 24.05 -37.98 1.34
CA PRO A 318 25.34 -37.46 0.88
C PRO A 318 26.15 -38.49 0.06
N LEU A 319 26.00 -39.77 0.38
CA LEU A 319 26.64 -40.83 -0.38
C LEU A 319 25.99 -40.99 -1.76
N PHE A 320 24.66 -40.97 -1.79
CA PHE A 320 23.96 -41.08 -3.05
C PHE A 320 24.26 -39.87 -3.95
N LYS A 321 24.49 -38.72 -3.35
CA LYS A 321 24.90 -37.55 -4.11
C LYS A 321 26.24 -37.79 -4.77
N ARG A 322 27.19 -38.35 -4.02
CA ARG A 322 28.52 -38.63 -4.56
C ARG A 322 28.44 -39.62 -5.72
N VAL A 323 27.64 -40.65 -5.58
CA VAL A 323 27.48 -41.66 -6.61
C VAL A 323 26.88 -41.05 -7.90
N LEU A 324 25.91 -40.16 -7.74
CA LEU A 324 25.36 -39.42 -8.88
C LEU A 324 26.41 -38.51 -9.53
N MET A 325 27.07 -37.70 -8.71
CA MET A 325 28.09 -36.77 -9.19
C MET A 325 29.07 -37.47 -10.11
N SER A 326 29.44 -38.70 -9.76
CA SER A 326 30.50 -39.40 -10.46
C SER A 326 29.94 -40.41 -11.49
N SER A 327 28.65 -40.31 -11.78
CA SER A 327 28.01 -41.13 -12.81
C SER A 327 28.43 -40.70 -14.21
N LYS A 328 28.68 -41.68 -15.07
CA LYS A 328 28.88 -41.44 -16.50
C LYS A 328 27.85 -42.23 -17.32
N TYR A 329 27.20 -41.55 -18.26
CA TYR A 329 26.29 -42.19 -19.18
C TYR A 329 26.57 -41.75 -20.61
N PRO A 330 27.35 -42.57 -21.35
CA PRO A 330 27.96 -42.12 -22.61
C PRO A 330 26.94 -41.96 -23.73
N ASP A 331 25.87 -42.75 -23.66
CA ASP A 331 24.97 -42.92 -24.81
C ASP A 331 23.62 -42.26 -24.53
N GLY A 332 23.68 -41.02 -24.05
CA GLY A 332 22.46 -40.28 -23.73
C GLY A 332 21.82 -39.68 -24.98
N VAL A 333 20.50 -39.53 -24.95
CA VAL A 333 19.80 -38.80 -26.00
C VAL A 333 20.42 -37.43 -26.21
N THR A 334 20.87 -36.81 -25.13
CA THR A 334 21.43 -35.46 -25.20
C THR A 334 22.94 -35.50 -25.26
N GLY A 335 23.50 -36.67 -25.58
CA GLY A 335 24.95 -36.81 -25.72
C GLY A 335 25.60 -37.47 -24.50
N ARG A 336 26.85 -37.12 -24.26
CA ARG A 336 27.64 -37.75 -23.19
C ARG A 336 27.37 -37.07 -21.86
N ILE A 337 26.87 -37.84 -20.89
CA ILE A 337 26.43 -37.26 -19.63
C ILE A 337 27.44 -37.53 -18.53
N GLU A 338 28.15 -36.48 -18.13
CA GLU A 338 28.80 -36.43 -16.83
C GLU A 338 28.53 -35.11 -16.14
N PHE A 339 28.96 -35.00 -14.89
CA PHE A 339 28.76 -33.80 -14.12
C PHE A 339 30.09 -33.28 -13.62
N ASN A 340 30.21 -31.97 -13.47
CA ASN A 340 31.41 -31.40 -12.88
C ASN A 340 31.25 -31.23 -11.36
N GLU A 341 32.15 -30.48 -10.75
CA GLU A 341 32.28 -30.47 -9.31
C GLU A 341 31.15 -29.66 -8.65
N ASP A 342 30.39 -28.95 -9.48
CA ASP A 342 29.21 -28.24 -9.01
C ASP A 342 27.95 -29.00 -9.31
N GLY A 343 28.12 -30.19 -9.88
CA GLY A 343 26.97 -31.02 -10.29
C GLY A 343 26.34 -30.56 -11.61
N ASP A 344 27.08 -29.77 -12.37
CA ASP A 344 26.58 -29.24 -13.65
C ASP A 344 26.95 -30.17 -14.82
N ARG A 345 26.08 -30.22 -15.81
CA ARG A 345 26.30 -31.03 -17.01
C ARG A 345 27.62 -30.66 -17.70
N LYS A 346 28.43 -31.67 -18.00
CA LYS A 346 29.55 -31.50 -18.90
C LYS A 346 29.22 -32.10 -20.26
N PHE A 347 30.03 -31.75 -21.26
CA PHE A 347 29.93 -32.32 -22.60
C PHE A 347 28.59 -31.97 -23.23
N ALA A 348 28.09 -30.79 -22.92
CA ALA A 348 26.90 -30.27 -23.54
C ALA A 348 27.22 -29.82 -24.96
N GLN A 349 26.22 -29.87 -25.83
CA GLN A 349 26.41 -29.58 -27.23
C GLN A 349 25.61 -28.35 -27.62
N TYR A 350 26.24 -27.46 -28.40
CA TYR A 350 25.64 -26.20 -28.76
C TYR A 350 25.61 -26.04 -30.28
N SER A 351 24.54 -25.48 -30.79
CA SER A 351 24.55 -24.91 -32.12
C SER A 351 25.20 -23.56 -32.11
N ILE A 352 26.08 -23.34 -33.07
CA ILE A 352 26.68 -22.03 -33.25
C ILE A 352 25.94 -21.25 -34.34
N MET A 353 25.26 -20.17 -33.95
CA MET A 353 24.30 -19.50 -34.82
C MET A 353 24.84 -18.14 -35.24
N ASN A 354 24.51 -17.74 -36.46
CA ASN A 354 25.03 -16.52 -37.03
C ASN A 354 23.90 -15.81 -37.75
N LEU A 355 23.60 -14.59 -37.32
CA LEU A 355 22.49 -13.83 -37.88
C LEU A 355 22.88 -13.25 -39.24
N GLN A 356 22.35 -13.86 -40.32
CA GLN A 356 22.63 -13.41 -41.69
C GLN A 356 21.33 -13.01 -42.38
N ASN A 357 21.30 -11.80 -42.92
CA ASN A 357 20.06 -11.27 -43.50
C ASN A 357 18.88 -11.48 -42.55
N ARG A 358 19.16 -11.36 -41.25
CA ARG A 358 18.11 -11.31 -40.25
C ARG A 358 17.48 -12.69 -40.02
N LYS A 359 18.11 -13.72 -40.56
CA LYS A 359 17.80 -15.10 -40.17
C LYS A 359 18.95 -15.69 -39.34
N LEU A 360 18.59 -16.35 -38.24
CA LEU A 360 19.53 -17.17 -37.52
C LEU A 360 19.87 -18.41 -38.33
N VAL A 361 21.13 -18.52 -38.69
CA VAL A 361 21.61 -19.65 -39.47
C VAL A 361 22.67 -20.42 -38.68
N GLN A 362 22.56 -21.75 -38.66
CA GLN A 362 23.57 -22.58 -37.99
C GLN A 362 24.83 -22.70 -38.83
N VAL A 363 25.96 -22.27 -38.27
CA VAL A 363 27.23 -22.29 -39.00
C VAL A 363 28.20 -23.33 -38.41
N GLY A 364 27.78 -23.99 -37.35
CA GLY A 364 28.55 -25.10 -36.78
C GLY A 364 27.94 -25.62 -35.51
N ILE A 365 28.65 -26.56 -34.86
CA ILE A 365 28.29 -26.97 -33.52
C ILE A 365 29.51 -27.11 -32.63
N PHE A 366 29.30 -26.95 -31.33
CA PHE A 366 30.24 -27.42 -30.35
C PHE A 366 29.78 -28.74 -29.77
N ASN A 367 30.53 -29.80 -30.09
CA ASN A 367 30.02 -31.16 -29.96
C ASN A 367 30.26 -31.71 -28.56
N GLY A 368 30.66 -30.83 -27.65
CA GLY A 368 30.94 -31.22 -26.27
C GLY A 368 32.39 -31.03 -25.89
N SER A 369 33.27 -31.05 -26.89
CA SER A 369 34.70 -30.88 -26.65
C SER A 369 35.41 -30.24 -27.84
N TYR A 370 34.69 -30.07 -28.94
CA TYR A 370 35.32 -29.75 -30.23
C TYR A 370 34.38 -28.89 -31.10
N ILE A 371 34.95 -27.87 -31.74
CA ILE A 371 34.20 -27.06 -32.71
C ILE A 371 34.19 -27.71 -34.08
N ILE A 372 33.01 -27.84 -34.65
CA ILE A 372 32.84 -28.37 -35.99
C ILE A 372 32.11 -27.34 -36.85
N GLN A 373 32.83 -26.71 -37.77
CA GLN A 373 32.21 -25.78 -38.72
C GLN A 373 31.53 -26.56 -39.84
N ASN A 374 30.29 -26.19 -40.13
CA ASN A 374 29.59 -26.77 -41.27
C ASN A 374 29.80 -25.92 -42.50
N ASP A 375 29.15 -26.31 -43.60
CA ASP A 375 29.51 -25.83 -44.92
C ASP A 375 28.81 -24.52 -45.25
N ARG A 376 27.98 -24.04 -44.32
CA ARG A 376 27.46 -22.66 -44.38
C ARG A 376 28.53 -21.66 -43.93
N LYS A 377 28.73 -20.65 -44.75
CA LYS A 377 29.73 -19.64 -44.46
C LYS A 377 29.25 -18.66 -43.41
N ILE A 378 30.16 -18.26 -42.53
CA ILE A 378 29.89 -17.21 -41.58
C ILE A 378 29.90 -15.84 -42.27
N ILE A 379 28.92 -15.00 -41.93
CA ILE A 379 28.94 -13.61 -42.37
C ILE A 379 29.07 -12.70 -41.16
N TRP A 380 30.14 -11.91 -41.14
CA TRP A 380 30.46 -11.08 -40.00
C TRP A 380 29.73 -9.76 -40.09
N PRO A 381 29.67 -9.04 -38.98
CA PRO A 381 29.14 -7.68 -38.98
C PRO A 381 29.78 -6.81 -40.09
N GLY A 382 28.93 -6.19 -40.92
CA GLY A 382 29.35 -5.73 -42.26
C GLY A 382 29.27 -6.83 -43.29
N GLY A 383 30.37 -7.55 -43.47
CA GLY A 383 30.71 -8.12 -44.77
C GLY A 383 29.72 -9.16 -45.21
N PRO B 1 -8.06 2.49 19.98
CA PRO B 1 -7.18 2.15 18.85
C PRO B 1 -7.48 0.78 18.27
N PRO B 2 -7.33 0.64 16.94
CA PRO B 2 -7.59 -0.63 16.26
C PRO B 2 -6.56 -1.71 16.63
N SER B 3 -6.97 -2.97 16.54
CA SER B 3 -6.14 -4.08 16.97
C SER B 3 -5.49 -4.75 15.77
N ILE B 4 -4.22 -5.10 15.92
CA ILE B 4 -3.55 -5.93 14.94
C ILE B 4 -3.22 -7.30 15.53
N GLY B 5 -3.36 -8.33 14.71
CA GLY B 5 -3.06 -9.68 15.14
C GLY B 5 -1.58 -9.97 15.12
N ILE B 6 -1.07 -10.47 16.24
CA ILE B 6 0.27 -11.02 16.28
C ILE B 6 0.26 -12.43 16.84
N ALA B 7 0.69 -13.38 16.04
CA ALA B 7 0.92 -14.74 16.52
C ALA B 7 2.27 -14.86 17.19
N VAL B 8 2.27 -15.41 18.40
CA VAL B 8 3.49 -15.86 19.04
C VAL B 8 3.55 -17.37 19.03
N ILE B 9 4.44 -17.92 18.22
CA ILE B 9 4.56 -19.35 18.06
C ILE B 9 5.71 -19.89 18.90
N LEU B 10 5.40 -20.86 19.77
CA LEU B 10 6.38 -21.41 20.69
C LEU B 10 6.54 -22.90 20.45
N VAL B 11 7.76 -23.31 20.13
CA VAL B 11 8.07 -24.71 20.00
C VAL B 11 8.79 -25.21 21.22
N GLY B 12 8.28 -26.28 21.81
CA GLY B 12 8.96 -26.94 22.91
C GLY B 12 8.70 -26.24 24.22
N THR B 13 8.96 -26.93 25.32
CA THR B 13 8.41 -26.55 26.62
C THR B 13 8.81 -25.11 26.95
N SER B 14 7.83 -24.32 27.37
CA SER B 14 8.09 -22.97 27.84
C SER B 14 6.98 -22.50 28.77
N ASP B 15 7.33 -21.62 29.71
CA ASP B 15 6.34 -21.02 30.60
C ASP B 15 5.49 -20.00 29.86
N GLU B 16 4.38 -20.44 29.31
CA GLU B 16 3.40 -19.55 28.72
C GLU B 16 2.96 -18.49 29.74
N VAL B 17 2.81 -18.90 31.00
CA VAL B 17 2.34 -18.01 32.05
C VAL B 17 3.34 -16.88 32.27
N ALA B 18 4.61 -17.23 32.40
CA ALA B 18 5.68 -16.25 32.59
C ALA B 18 5.81 -15.34 31.36
N ILE B 19 5.48 -15.89 30.20
CA ILE B 19 5.55 -15.13 28.95
C ILE B 19 4.42 -14.10 28.88
N LYS B 20 3.20 -14.55 29.12
CA LYS B 20 2.04 -13.67 29.14
C LYS B 20 2.19 -12.56 30.19
N ASP B 21 3.11 -12.76 31.14
CA ASP B 21 3.29 -11.83 32.25
C ASP B 21 4.11 -10.62 31.82
N ALA B 22 5.22 -10.88 31.14
CA ALA B 22 6.14 -9.83 30.73
C ALA B 22 5.46 -8.87 29.77
N HIS B 23 4.37 -9.33 29.17
CA HIS B 23 3.64 -8.53 28.18
C HIS B 23 2.49 -7.76 28.85
N GLU B 24 2.54 -7.65 30.17
CA GLU B 24 1.55 -6.87 30.92
C GLU B 24 1.82 -5.38 30.80
N LYS B 25 3.00 -5.02 30.30
CA LYS B 25 3.20 -3.77 29.58
C LYS B 25 2.34 -3.73 28.31
N ASP B 26 1.24 -4.49 28.32
CA ASP B 26 0.18 -4.34 27.32
C ASP B 26 -0.59 -3.04 27.54
N ASP B 27 -0.78 -2.68 28.80
CA ASP B 27 -1.13 -1.31 29.17
C ASP B 27 -0.01 -0.34 28.80
N PHE B 28 0.99 -0.84 28.09
CA PHE B 28 2.17 -0.05 27.76
C PHE B 28 2.34 0.08 26.25
N HIS B 29 1.27 -0.20 25.51
CA HIS B 29 1.11 0.34 24.16
C HIS B 29 0.16 1.54 24.18
N HIS B 30 0.73 2.74 24.15
CA HIS B 30 -0.04 3.96 23.92
C HIS B 30 0.13 4.45 22.49
N LEU B 31 0.17 3.51 21.54
CA LEU B 31 0.46 3.82 20.15
C LEU B 31 -0.85 3.99 19.35
N SER B 32 -0.73 4.17 18.04
CA SER B 32 -1.90 4.32 17.16
C SER B 32 -2.63 2.99 17.01
N VAL B 33 -1.99 1.92 17.46
CA VAL B 33 -2.52 0.59 17.27
C VAL B 33 -2.08 -0.30 18.44
N VAL B 34 -2.94 -1.26 18.80
CA VAL B 34 -2.63 -2.17 19.92
C VAL B 34 -2.62 -3.62 19.47
N PRO B 35 -1.71 -4.42 20.03
CA PRO B 35 -1.54 -5.81 19.69
C PRO B 35 -2.66 -6.67 20.23
N ARG B 36 -3.18 -7.54 19.40
CA ARG B 36 -3.94 -8.69 19.87
C ARG B 36 -3.10 -9.96 19.75
N VAL B 37 -2.59 -10.43 20.88
CA VAL B 37 -1.56 -11.46 20.89
C VAL B 37 -2.21 -12.83 21.06
N GLU B 38 -1.70 -13.80 20.31
CA GLU B 38 -2.19 -15.18 20.41
C GLU B 38 -1.03 -16.16 20.56
N LEU B 39 -0.86 -16.71 21.75
CA LEU B 39 0.11 -17.79 21.99
C LEU B 39 -0.31 -19.04 21.25
N VAL B 40 0.62 -19.61 20.52
CA VAL B 40 0.38 -20.83 19.78
C VAL B 40 1.51 -21.81 20.02
N ALA B 41 1.16 -23.03 20.40
CA ALA B 41 2.15 -24.07 20.65
C ALA B 41 2.35 -24.92 19.40
N MET B 42 3.61 -25.21 19.08
CA MET B 42 3.93 -26.13 17.99
C MET B 42 4.82 -27.26 18.49
N ASN B 43 4.62 -28.45 17.92
CA ASN B 43 5.34 -29.63 18.37
C ASN B 43 6.48 -29.97 17.42
N GLU B 44 6.32 -29.65 16.14
CA GLU B 44 7.20 -30.16 15.09
C GLU B 44 7.84 -29.02 14.33
N THR B 45 9.02 -29.28 13.75
CA THR B 45 9.79 -28.23 13.10
C THR B 45 10.31 -28.66 11.73
N ASP B 46 9.63 -29.61 11.12
CA ASP B 46 9.82 -29.89 9.69
C ASP B 46 9.14 -28.81 8.83
N PRO B 47 9.51 -28.76 7.54
CA PRO B 47 9.03 -27.69 6.65
C PRO B 47 7.50 -27.69 6.52
N LYS B 48 6.90 -28.86 6.42
CA LYS B 48 5.45 -28.95 6.26
C LYS B 48 4.71 -28.44 7.51
N SER B 49 5.11 -28.94 8.68
CA SER B 49 4.48 -28.54 9.93
C SER B 49 4.56 -27.02 10.10
N ILE B 50 5.71 -26.45 9.80
CA ILE B 50 5.92 -25.01 10.00
C ILE B 50 5.09 -24.18 9.00
N ILE B 51 5.13 -24.57 7.73
CA ILE B 51 4.36 -23.88 6.71
C ILE B 51 2.86 -23.96 6.98
N THR B 52 2.37 -25.16 7.25
CA THR B 52 0.92 -25.36 7.42
C THR B 52 0.39 -24.65 8.69
N ARG B 53 1.18 -24.68 9.75
CA ARG B 53 0.80 -24.02 10.99
C ARG B 53 0.59 -22.54 10.76
N ILE B 54 1.57 -21.92 10.11
CA ILE B 54 1.58 -20.48 9.96
C ILE B 54 0.52 -20.05 8.94
N CYS B 55 0.33 -20.88 7.92
CA CYS B 55 -0.68 -20.60 6.89
C CYS B 55 -2.10 -20.79 7.44
N ASP B 56 -2.28 -21.79 8.29
CA ASP B 56 -3.55 -21.97 8.99
C ASP B 56 -3.86 -20.79 9.91
N LEU B 57 -2.84 -20.32 10.63
CA LEU B 57 -3.01 -19.12 11.46
C LEU B 57 -3.44 -17.95 10.62
N MET B 58 -2.82 -17.79 9.46
CA MET B 58 -3.02 -16.61 8.64
C MET B 58 -4.41 -16.63 8.03
N SER B 59 -4.97 -17.82 7.87
CA SER B 59 -6.28 -17.97 7.24
C SER B 59 -7.40 -17.87 8.28
N ASP B 60 -7.11 -18.32 9.50
CA ASP B 60 -8.11 -18.30 10.58
C ASP B 60 -8.23 -16.89 11.17
N ARG B 61 -7.18 -16.10 11.03
CA ARG B 61 -7.08 -14.81 11.72
C ARG B 61 -6.27 -13.84 10.89
N LYS B 62 -6.42 -12.55 11.18
CA LYS B 62 -5.71 -11.52 10.44
C LYS B 62 -4.40 -11.19 11.15
N ILE B 63 -3.31 -11.79 10.67
CA ILE B 63 -2.01 -11.68 11.33
C ILE B 63 -1.13 -10.63 10.66
N GLN B 64 -0.77 -9.61 11.42
CA GLN B 64 0.12 -8.57 10.93
C GLN B 64 1.57 -9.01 10.99
N GLY B 65 1.86 -9.96 11.87
CA GLY B 65 3.24 -10.34 12.16
C GLY B 65 3.34 -11.59 13.01
N VAL B 66 4.47 -12.27 12.91
CA VAL B 66 4.70 -13.51 13.66
C VAL B 66 5.95 -13.37 14.53
N VAL B 67 5.81 -13.72 15.81
CA VAL B 67 6.96 -13.90 16.68
C VAL B 67 7.19 -15.39 16.96
N PHE B 68 8.39 -15.86 16.66
CA PHE B 68 8.67 -17.29 16.63
C PHE B 68 9.83 -17.63 17.55
N ALA B 69 9.62 -18.60 18.43
CA ALA B 69 10.71 -19.12 19.26
C ALA B 69 10.67 -20.64 19.29
N ASP B 70 11.84 -21.27 19.26
CA ASP B 70 11.92 -22.72 19.45
C ASP B 70 13.03 -23.10 20.39
N ASP B 71 13.02 -24.36 20.81
CA ASP B 71 14.00 -24.88 21.75
C ASP B 71 14.89 -25.91 21.09
N THR B 72 15.18 -25.72 19.81
CA THR B 72 15.99 -26.69 19.06
C THR B 72 17.32 -26.08 18.65
N ASP B 73 18.18 -26.90 18.06
CA ASP B 73 19.41 -26.42 17.43
C ASP B 73 19.32 -26.45 15.89
N GLN B 74 18.11 -26.34 15.37
CA GLN B 74 17.87 -26.58 13.94
C GLN B 74 17.87 -25.27 13.17
N GLU B 75 19.02 -24.96 12.57
CA GLU B 75 19.22 -23.68 11.91
C GLU B 75 18.38 -23.58 10.63
N ALA B 76 17.96 -24.72 10.11
CA ALA B 76 17.07 -24.77 8.93
C ALA B 76 15.75 -24.07 9.20
N ILE B 77 15.35 -24.00 10.47
CA ILE B 77 14.10 -23.33 10.84
C ILE B 77 14.09 -21.86 10.36
N ALA B 78 15.23 -21.20 10.54
CA ALA B 78 15.38 -19.82 10.07
C ALA B 78 15.20 -19.72 8.56
N GLN B 79 15.76 -20.68 7.83
CA GLN B 79 15.66 -20.72 6.38
C GLN B 79 14.20 -20.90 5.94
N ILE B 80 13.49 -21.77 6.64
CA ILE B 80 12.08 -22.00 6.35
C ILE B 80 11.28 -20.74 6.60
N LEU B 81 11.63 -20.02 7.67
CA LEU B 81 10.90 -18.80 8.08
C LEU B 81 11.14 -17.64 7.11
N ASP B 82 12.38 -17.52 6.63
CA ASP B 82 12.69 -16.49 5.64
C ASP B 82 11.88 -16.72 4.39
N PHE B 83 11.83 -17.98 3.96
CA PHE B 83 11.06 -18.37 2.79
C PHE B 83 9.58 -17.99 2.94
N ILE B 84 8.98 -18.37 4.07
CA ILE B 84 7.57 -18.05 4.33
C ILE B 84 7.37 -16.54 4.40
N SER B 85 8.30 -15.85 5.05
CA SER B 85 8.22 -14.41 5.20
C SER B 85 8.19 -13.72 3.82
N ALA B 86 9.09 -14.15 2.94
CA ALA B 86 9.23 -13.53 1.63
C ALA B 86 8.05 -13.86 0.73
N GLN B 87 7.59 -15.10 0.79
CA GLN B 87 6.49 -15.54 -0.05
C GLN B 87 5.17 -14.84 0.31
N THR B 88 4.94 -14.63 1.60
CA THR B 88 3.66 -14.11 2.08
C THR B 88 3.75 -12.63 2.40
N LEU B 89 4.98 -12.10 2.34
CA LEU B 89 5.26 -10.76 2.80
C LEU B 89 4.66 -10.49 4.18
N THR B 90 5.06 -11.31 5.13
CA THR B 90 4.65 -11.16 6.52
C THR B 90 5.89 -11.03 7.39
N PRO B 91 5.93 -10.01 8.24
CA PRO B 91 6.95 -9.89 9.27
C PRO B 91 7.04 -11.13 10.14
N ILE B 92 8.22 -11.74 10.18
CA ILE B 92 8.51 -12.82 11.12
C ILE B 92 9.79 -12.53 11.90
N LEU B 93 9.71 -12.56 13.24
CA LEU B 93 10.87 -12.42 14.10
C LEU B 93 11.28 -13.77 14.69
N GLY B 94 12.50 -14.20 14.38
CA GLY B 94 13.05 -15.39 15.00
C GLY B 94 13.90 -15.06 16.21
N ILE B 95 13.35 -15.29 17.40
CA ILE B 95 13.83 -14.63 18.60
C ILE B 95 14.61 -15.58 19.51
N HIS B 96 14.55 -16.88 19.21
CA HIS B 96 15.16 -17.89 20.07
C HIS B 96 15.28 -19.22 19.34
N GLY B 97 16.40 -19.89 19.53
CA GLY B 97 16.58 -21.24 19.03
C GLY B 97 17.09 -21.27 17.60
N GLY B 98 16.76 -22.35 16.89
CA GLY B 98 17.13 -22.47 15.49
C GLY B 98 16.65 -21.27 14.67
N SER B 99 15.53 -20.69 15.07
CA SER B 99 14.94 -19.59 14.35
C SER B 99 15.83 -18.33 14.40
N SER B 100 16.71 -18.26 15.38
CA SER B 100 17.57 -17.08 15.57
C SER B 100 18.99 -17.33 15.05
N MET B 101 19.25 -18.54 14.56
CA MET B 101 20.58 -18.90 14.07
C MET B 101 20.85 -18.27 12.71
N ILE B 102 22.04 -17.72 12.53
CA ILE B 102 22.30 -16.75 11.47
C ILE B 102 21.85 -17.28 10.13
N MET B 103 21.00 -16.53 9.45
CA MET B 103 20.59 -16.85 8.08
C MET B 103 21.12 -15.81 7.12
N ALA B 104 22.20 -16.16 6.42
CA ALA B 104 22.85 -15.23 5.53
C ALA B 104 22.10 -15.19 4.18
N ASP B 105 22.18 -14.05 3.52
CA ASP B 105 21.44 -13.87 2.27
C ASP B 105 19.95 -14.25 2.45
N LYS B 106 19.26 -13.49 3.28
CA LYS B 106 17.83 -13.47 3.28
C LYS B 106 17.29 -12.95 1.94
N ASP B 107 16.12 -13.44 1.56
CA ASP B 107 15.51 -13.09 0.29
C ASP B 107 15.35 -11.58 0.18
N GLU B 108 15.45 -11.07 -1.05
CA GLU B 108 15.17 -9.65 -1.33
C GLU B 108 13.85 -9.19 -0.69
N SER B 109 12.83 -10.04 -0.77
CA SER B 109 11.48 -9.65 -0.34
C SER B 109 11.22 -10.03 1.13
N SER B 110 12.25 -10.51 1.81
CA SER B 110 12.09 -11.08 3.15
C SER B 110 11.69 -10.00 4.13
N MET B 111 10.84 -10.35 5.07
CA MET B 111 10.58 -9.51 6.23
C MET B 111 10.93 -10.30 7.49
N PHE B 112 12.00 -11.08 7.39
CA PHE B 112 12.41 -11.97 8.46
C PHE B 112 13.60 -11.36 9.22
N PHE B 113 13.43 -11.20 10.53
CA PHE B 113 14.44 -10.56 11.36
C PHE B 113 14.78 -11.45 12.56
N GLN B 114 16.06 -11.51 12.91
CA GLN B 114 16.53 -12.45 13.91
C GLN B 114 17.19 -11.69 15.07
N PHE B 115 16.84 -12.08 16.28
CA PHE B 115 17.65 -11.74 17.44
C PHE B 115 19.00 -12.43 17.36
N GLY B 116 20.03 -11.74 17.79
CA GLY B 116 21.36 -12.31 17.82
C GLY B 116 22.25 -11.69 16.78
N PRO B 117 23.55 -12.02 16.82
CA PRO B 117 24.56 -11.22 16.13
C PRO B 117 24.69 -11.61 14.68
N SER B 118 24.98 -10.63 13.84
CA SER B 118 25.39 -10.90 12.47
C SER B 118 26.65 -11.74 12.44
N ILE B 119 26.97 -12.28 11.27
CA ILE B 119 28.19 -13.04 11.06
C ILE B 119 29.40 -12.14 11.27
N GLU B 120 29.34 -10.94 10.74
CA GLU B 120 30.51 -10.08 10.69
C GLU B 120 30.88 -9.60 12.10
N GLN B 121 29.86 -9.40 12.94
CA GLN B 121 30.06 -8.97 14.30
C GLN B 121 30.75 -10.09 15.11
N GLN B 122 30.36 -11.33 14.87
CA GLN B 122 30.96 -12.45 15.56
C GLN B 122 32.41 -12.67 15.11
N ALA B 123 32.65 -12.49 13.81
CA ALA B 123 34.01 -12.53 13.29
C ALA B 123 34.90 -11.56 14.06
N SER B 124 34.39 -10.36 14.31
CA SER B 124 35.19 -9.31 14.88
C SER B 124 35.36 -9.51 16.39
N VAL B 125 34.34 -10.08 17.03
CA VAL B 125 34.46 -10.45 18.44
C VAL B 125 35.53 -11.51 18.61
N MET B 126 35.65 -12.41 17.63
CA MET B 126 36.64 -13.47 17.69
C MET B 126 38.06 -12.89 17.64
N LEU B 127 38.28 -11.95 16.73
CA LEU B 127 39.59 -11.36 16.55
C LEU B 127 39.97 -10.53 17.77
N ASN B 128 38.98 -9.92 18.40
CA ASN B 128 39.19 -9.16 19.63
C ASN B 128 39.62 -10.08 20.78
N ILE B 129 38.96 -11.23 20.91
CA ILE B 129 39.41 -12.26 21.86
C ILE B 129 40.85 -12.63 21.59
N MET B 130 41.15 -12.96 20.34
CA MET B 130 42.49 -13.40 19.96
C MET B 130 43.53 -12.31 20.25
N GLU B 131 43.12 -11.06 20.05
CA GLU B 131 44.01 -9.93 20.27
C GLU B 131 44.29 -9.74 21.76
N GLU B 132 43.27 -9.94 22.58
CA GLU B 132 43.40 -9.81 24.01
C GLU B 132 44.51 -10.74 24.53
N TYR B 133 44.59 -11.94 23.97
CA TYR B 133 45.52 -12.96 24.46
C TYR B 133 46.72 -13.10 23.53
N ASP B 134 46.90 -12.12 22.64
CA ASP B 134 47.98 -12.14 21.65
C ASP B 134 48.10 -13.51 20.98
N TRP B 135 46.97 -14.04 20.52
CA TRP B 135 46.98 -15.19 19.62
C TRP B 135 46.86 -14.73 18.18
N TYR B 136 47.99 -14.48 17.54
CA TYR B 136 48.00 -13.75 16.28
C TYR B 136 48.09 -14.71 15.09
N ILE B 137 48.25 -16.00 15.39
CA ILE B 137 48.53 -16.99 14.38
C ILE B 137 47.45 -18.06 14.38
N PHE B 138 46.73 -18.19 13.27
CA PHE B 138 45.48 -18.93 13.26
C PHE B 138 45.10 -19.41 11.87
N SER B 139 44.21 -20.39 11.82
CA SER B 139 43.66 -20.88 10.57
C SER B 139 42.13 -20.91 10.63
N ILE B 140 41.49 -20.95 9.47
CA ILE B 140 40.02 -20.96 9.39
C ILE B 140 39.52 -22.26 8.74
N VAL B 141 38.52 -22.86 9.36
CA VAL B 141 37.77 -23.97 8.74
C VAL B 141 36.29 -23.58 8.64
N THR B 142 35.73 -23.74 7.45
CA THR B 142 34.29 -23.62 7.26
C THR B 142 33.75 -24.75 6.43
N THR B 143 32.46 -24.95 6.51
CA THR B 143 31.73 -25.69 5.48
C THR B 143 31.17 -24.72 4.43
N TYR B 144 30.23 -25.21 3.62
CA TYR B 144 29.55 -24.37 2.64
C TYR B 144 28.29 -23.74 3.21
N PHE B 145 28.07 -23.91 4.51
CA PHE B 145 26.93 -23.27 5.18
C PHE B 145 26.92 -21.77 4.90
N PRO B 146 25.74 -21.24 4.49
CA PRO B 146 25.67 -19.87 3.98
C PRO B 146 26.20 -18.86 4.99
N GLY B 147 27.02 -17.93 4.51
CA GLY B 147 27.68 -16.98 5.40
C GLY B 147 29.18 -17.19 5.47
N TYR B 148 29.64 -18.36 5.04
CA TYR B 148 31.03 -18.74 5.23
C TYR B 148 31.95 -17.80 4.46
N GLN B 149 31.45 -17.26 3.34
CA GLN B 149 32.19 -16.27 2.57
C GLN B 149 32.27 -14.94 3.31
N ASP B 150 31.15 -14.52 3.88
CA ASP B 150 31.10 -13.28 4.66
C ASP B 150 32.03 -13.38 5.89
N PHE B 151 32.09 -14.57 6.47
CA PHE B 151 32.94 -14.82 7.63
C PHE B 151 34.41 -14.70 7.25
N VAL B 152 34.84 -15.48 6.25
CA VAL B 152 36.21 -15.44 5.79
C VAL B 152 36.59 -14.04 5.28
N ASN B 153 35.69 -13.41 4.53
CA ASN B 153 35.97 -12.07 3.99
C ASN B 153 36.18 -11.06 5.12
N LYS B 154 35.35 -11.13 6.14
CA LYS B 154 35.38 -10.15 7.22
C LYS B 154 36.67 -10.27 8.02
N ILE B 155 37.03 -11.49 8.38
CA ILE B 155 38.34 -11.77 8.98
C ILE B 155 39.44 -11.15 8.12
N ARG B 156 39.43 -11.48 6.83
CA ARG B 156 40.53 -11.12 5.94
C ARG B 156 40.62 -9.61 5.79
N SER B 157 39.46 -8.98 5.67
CA SER B 157 39.39 -7.53 5.60
C SER B 157 39.98 -6.90 6.87
N THR B 158 39.62 -7.43 8.02
CA THR B 158 40.03 -6.86 9.29
C THR B 158 41.56 -6.89 9.43
N ILE B 159 42.16 -8.03 9.15
CA ILE B 159 43.55 -8.25 9.49
C ILE B 159 44.48 -7.59 8.48
N GLU B 160 44.03 -7.48 7.24
CA GLU B 160 44.83 -6.82 6.20
C GLU B 160 44.81 -5.29 6.37
N ASN B 161 43.88 -4.79 7.18
CA ASN B 161 43.75 -3.34 7.39
C ASN B 161 44.25 -2.92 8.78
N SER B 162 45.03 -3.77 9.42
CA SER B 162 45.56 -3.48 10.75
C SER B 162 47.07 -3.76 10.80
N PHE B 163 47.75 -3.11 11.73
CA PHE B 163 49.21 -3.17 11.79
C PHE B 163 49.65 -4.24 12.79
N VAL B 164 48.68 -4.89 13.42
CA VAL B 164 48.95 -6.09 14.22
C VAL B 164 49.44 -7.24 13.34
N GLY B 165 50.40 -8.00 13.86
CA GLY B 165 51.06 -9.05 13.07
C GLY B 165 50.22 -10.30 12.96
N TRP B 166 49.00 -10.15 12.44
CA TRP B 166 48.14 -11.30 12.13
C TRP B 166 48.81 -12.21 11.10
N GLU B 167 48.71 -13.52 11.32
CA GLU B 167 49.11 -14.50 10.31
C GLU B 167 48.02 -15.54 10.12
N LEU B 168 47.25 -15.37 9.05
CA LEU B 168 46.28 -16.36 8.63
C LEU B 168 46.96 -17.45 7.79
N GLU B 169 47.15 -18.62 8.37
CA GLU B 169 48.04 -19.63 7.78
C GLU B 169 47.32 -20.46 6.71
N GLU B 170 46.06 -20.79 6.97
CA GLU B 170 45.35 -21.77 6.16
C GLU B 170 43.84 -21.58 6.29
N VAL B 171 43.17 -21.62 5.15
CA VAL B 171 41.70 -21.61 5.12
C VAL B 171 41.19 -22.88 4.46
N LEU B 172 40.48 -23.70 5.24
CA LEU B 172 39.93 -24.95 4.73
C LEU B 172 38.45 -24.79 4.42
N LEU B 173 38.02 -25.40 3.32
CA LEU B 173 36.61 -25.41 2.93
C LEU B 173 36.14 -26.86 2.82
N LEU B 174 35.34 -27.30 3.79
CA LEU B 174 34.93 -28.70 3.88
C LEU B 174 33.57 -28.89 3.21
N ASP B 175 33.48 -29.88 2.34
CA ASP B 175 32.22 -30.20 1.67
C ASP B 175 31.53 -31.37 2.37
N MET B 176 30.57 -31.05 3.19
CA MET B 176 29.83 -32.08 3.91
C MET B 176 28.45 -32.32 3.31
N SER B 177 28.32 -32.02 2.02
CA SER B 177 27.16 -32.46 1.25
C SER B 177 27.43 -33.81 0.59
N LEU B 178 28.69 -34.23 0.63
CA LEU B 178 29.07 -35.59 0.19
C LEU B 178 29.48 -36.42 1.39
N ASP B 179 29.45 -37.74 1.22
CA ASP B 179 29.89 -38.65 2.28
C ASP B 179 31.40 -38.58 2.42
N ASP B 180 31.90 -39.07 3.54
CA ASP B 180 33.31 -38.97 3.87
C ASP B 180 33.93 -40.35 3.97
N GLY B 181 33.70 -41.18 2.95
CA GLY B 181 34.19 -42.55 2.94
C GLY B 181 35.61 -42.65 2.42
N ASP B 182 36.06 -41.59 1.74
CA ASP B 182 37.43 -41.54 1.22
C ASP B 182 38.35 -40.76 2.17
N SER B 183 37.83 -40.42 3.34
CA SER B 183 38.63 -39.74 4.36
C SER B 183 39.17 -38.40 3.82
N LYS B 184 38.38 -37.74 2.99
CA LYS B 184 38.78 -36.46 2.40
C LYS B 184 38.94 -35.39 3.49
N ILE B 185 38.02 -35.37 4.43
CA ILE B 185 37.97 -34.30 5.42
C ILE B 185 39.08 -34.49 6.45
N GLN B 186 39.37 -35.74 6.79
CA GLN B 186 40.56 -36.09 7.56
C GLN B 186 41.82 -35.53 6.89
N ASN B 187 41.91 -35.71 5.58
CA ASN B 187 43.11 -35.32 4.85
C ASN B 187 43.25 -33.80 4.79
N GLN B 188 42.14 -33.10 4.75
CA GLN B 188 42.16 -31.65 4.75
C GLN B 188 42.57 -31.13 6.13
N LEU B 189 42.01 -31.71 7.18
CA LEU B 189 42.25 -31.24 8.53
C LEU B 189 43.70 -31.51 8.96
N LYS B 190 44.31 -32.53 8.36
CA LYS B 190 45.69 -32.89 8.67
C LYS B 190 46.65 -31.78 8.25
N LYS B 191 46.14 -30.80 7.50
CA LYS B 191 46.95 -29.70 7.01
C LYS B 191 47.15 -28.65 8.10
N LEU B 192 46.30 -28.69 9.13
CA LEU B 192 46.21 -27.59 10.08
C LEU B 192 47.40 -27.60 11.03
N GLN B 193 48.04 -26.44 11.18
CA GLN B 193 49.20 -26.29 12.05
C GLN B 193 48.87 -25.36 13.21
N SER B 194 48.06 -24.34 12.94
CA SER B 194 47.96 -23.17 13.80
C SER B 194 47.47 -23.57 15.19
N PRO B 195 47.85 -22.80 16.22
CA PRO B 195 47.38 -23.08 17.57
C PRO B 195 46.00 -22.51 17.84
N ILE B 196 45.54 -21.64 16.93
CA ILE B 196 44.14 -21.19 16.95
C ILE B 196 43.44 -21.58 15.66
N ILE B 197 42.25 -22.17 15.79
CA ILE B 197 41.43 -22.48 14.65
C ILE B 197 40.04 -21.89 14.81
N LEU B 198 39.65 -21.04 13.87
CA LEU B 198 38.28 -20.55 13.81
C LEU B 198 37.44 -21.45 12.93
N LEU B 199 36.29 -21.86 13.43
CA LEU B 199 35.42 -22.78 12.74
C LEU B 199 34.05 -22.18 12.54
N TYR B 200 33.66 -22.04 11.27
CA TYR B 200 32.30 -21.61 10.92
C TYR B 200 31.55 -22.75 10.26
N CYS B 201 30.49 -23.20 10.91
CA CYS B 201 29.65 -24.27 10.38
C CYS B 201 28.44 -24.41 11.30
N THR B 202 27.60 -25.40 11.04
CA THR B 202 26.45 -25.69 11.92
C THR B 202 26.84 -26.59 13.10
N LYS B 203 25.98 -26.66 14.09
CA LYS B 203 26.26 -27.44 15.28
C LYS B 203 26.40 -28.92 14.92
N GLU B 204 25.58 -29.39 14.00
CA GLU B 204 25.65 -30.78 13.55
C GLU B 204 26.94 -31.05 12.78
N GLU B 205 27.31 -30.11 11.93
CA GLU B 205 28.54 -30.23 11.14
C GLU B 205 29.77 -30.23 12.07
N ALA B 206 29.74 -29.38 13.09
CA ALA B 206 30.87 -29.27 14.02
C ALA B 206 31.04 -30.57 14.81
N THR B 207 29.95 -31.29 14.99
CA THR B 207 29.97 -32.54 15.74
C THR B 207 30.78 -33.60 15.00
N TYR B 208 30.59 -33.70 13.67
CA TYR B 208 31.39 -34.61 12.85
C TYR B 208 32.82 -34.11 12.71
N ILE B 209 32.97 -32.81 12.48
CA ILE B 209 34.28 -32.24 12.21
C ILE B 209 35.21 -32.43 13.42
N PHE B 210 34.66 -32.25 14.61
CA PHE B 210 35.44 -32.42 15.84
C PHE B 210 35.81 -33.88 16.06
N GLU B 211 34.90 -34.78 15.72
CA GLU B 211 35.18 -36.21 15.79
C GLU B 211 36.40 -36.55 14.95
N VAL B 212 36.41 -36.07 13.71
CA VAL B 212 37.55 -36.29 12.82
C VAL B 212 38.80 -35.62 13.38
N ALA B 213 38.66 -34.38 13.81
CA ALA B 213 39.80 -33.59 14.28
C ALA B 213 40.47 -34.25 15.50
N ASN B 214 39.65 -34.87 16.35
CA ASN B 214 40.16 -35.59 17.50
C ASN B 214 41.06 -36.76 17.03
N SER B 215 40.59 -37.48 16.02
CA SER B 215 41.27 -38.68 15.55
C SER B 215 42.68 -38.37 15.04
N VAL B 216 42.87 -37.13 14.56
CA VAL B 216 44.18 -36.72 14.05
C VAL B 216 44.83 -35.67 14.95
N GLY B 217 44.32 -35.55 16.17
CA GLY B 217 45.12 -35.03 17.28
C GLY B 217 45.10 -33.51 17.34
N LEU B 218 43.94 -32.92 17.07
CA LEU B 218 43.86 -31.49 16.77
C LEU B 218 43.03 -30.73 17.81
N THR B 219 42.57 -31.45 18.84
CA THR B 219 41.59 -30.90 19.77
C THR B 219 42.15 -30.75 21.16
N GLY B 220 43.35 -31.30 21.39
CA GLY B 220 43.93 -31.36 22.72
C GLY B 220 44.52 -30.03 23.16
N TYR B 221 45.47 -30.09 24.08
CA TYR B 221 46.28 -28.92 24.43
C TYR B 221 47.14 -28.52 23.24
N GLY B 222 47.32 -27.22 23.05
CA GLY B 222 48.07 -26.71 21.91
C GLY B 222 47.16 -26.23 20.78
N TYR B 223 45.92 -26.72 20.76
CA TYR B 223 44.93 -26.24 19.81
C TYR B 223 43.74 -25.64 20.52
N THR B 224 43.41 -24.40 20.19
CA THR B 224 42.20 -23.77 20.67
C THR B 224 41.25 -23.49 19.51
N TRP B 225 40.04 -24.02 19.61
CA TRP B 225 39.02 -23.82 18.61
C TRP B 225 38.03 -22.76 19.08
N ILE B 226 37.67 -21.86 18.18
CA ILE B 226 36.72 -20.82 18.49
C ILE B 226 35.57 -20.83 17.47
N VAL B 227 34.34 -20.84 17.97
CA VAL B 227 33.17 -21.03 17.12
C VAL B 227 32.12 -19.95 17.39
N PRO B 228 31.20 -19.75 16.43
CA PRO B 228 30.14 -18.77 16.61
C PRO B 228 28.92 -19.33 17.33
N SER B 229 27.95 -18.48 17.61
CA SER B 229 26.83 -18.80 18.49
C SER B 229 26.14 -20.11 18.07
N LEU B 230 25.95 -20.29 16.78
CA LEU B 230 25.07 -21.34 16.31
C LEU B 230 25.71 -22.73 16.50
N VAL B 231 27.03 -22.76 16.71
CA VAL B 231 27.72 -24.02 16.98
C VAL B 231 27.51 -24.49 18.43
N ALA B 232 27.65 -23.56 19.39
CA ALA B 232 27.24 -23.84 20.77
C ALA B 232 25.73 -24.10 20.83
N GLY B 233 24.96 -23.31 20.09
CA GLY B 233 23.51 -23.43 20.07
C GLY B 233 22.93 -23.41 21.46
N ASP B 234 21.99 -24.33 21.72
CA ASP B 234 21.46 -24.55 23.04
C ASP B 234 22.53 -25.14 23.96
N THR B 235 22.94 -24.37 24.95
CA THR B 235 24.17 -24.67 25.70
C THR B 235 23.92 -25.76 26.73
N ASP B 236 22.66 -26.16 26.89
CA ASP B 236 22.32 -27.31 27.74
C ASP B 236 22.43 -28.62 26.97
N THR B 237 22.70 -28.52 25.68
CA THR B 237 22.93 -29.69 24.86
C THR B 237 24.34 -29.67 24.29
N VAL B 238 25.20 -30.50 24.84
CA VAL B 238 26.62 -30.50 24.51
C VAL B 238 27.02 -31.86 23.94
N PRO B 239 27.24 -31.91 22.63
CA PRO B 239 27.69 -33.17 21.99
C PRO B 239 28.98 -33.67 22.60
N SER B 240 29.11 -34.98 22.72
CA SER B 240 30.28 -35.58 23.36
C SER B 240 31.53 -35.30 22.54
N GLU B 241 31.33 -34.97 21.27
CA GLU B 241 32.45 -34.77 20.35
C GLU B 241 33.12 -33.42 20.57
N PHE B 242 32.35 -32.44 21.06
CA PHE B 242 32.91 -31.13 21.39
C PHE B 242 34.05 -31.29 22.38
N PRO B 243 35.22 -30.71 22.07
CA PRO B 243 36.36 -30.76 22.96
C PRO B 243 36.26 -29.76 24.11
N THR B 244 36.64 -30.19 25.31
CA THR B 244 36.78 -29.27 26.42
C THR B 244 37.81 -28.22 26.08
N GLY B 245 37.48 -26.96 26.36
CA GLY B 245 38.35 -25.84 26.01
C GLY B 245 37.86 -25.12 24.77
N LEU B 246 36.81 -25.65 24.15
CA LEU B 246 36.13 -24.93 23.07
C LEU B 246 35.63 -23.57 23.56
N ILE B 247 35.94 -22.53 22.80
CA ILE B 247 35.40 -21.19 23.07
C ILE B 247 34.32 -20.83 22.05
N SER B 248 33.26 -20.17 22.52
CA SER B 248 32.18 -19.75 21.65
C SER B 248 31.66 -18.36 22.02
N VAL B 249 31.33 -17.57 21.01
CA VAL B 249 30.43 -16.43 21.18
C VAL B 249 28.99 -16.91 21.25
N SER B 250 28.21 -16.33 22.14
CA SER B 250 26.89 -16.87 22.44
C SER B 250 25.84 -15.77 22.65
N TYR B 251 24.64 -16.04 22.16
CA TYR B 251 23.47 -15.26 22.51
C TYR B 251 22.31 -16.19 22.91
N ASP B 252 22.64 -17.39 23.38
CA ASP B 252 21.62 -18.31 23.93
C ASP B 252 21.17 -17.86 25.31
N GLU B 253 20.18 -16.98 25.35
CA GLU B 253 19.35 -16.79 26.56
C GLU B 253 20.20 -16.84 27.83
N TRP B 254 21.10 -15.88 27.98
CA TRP B 254 21.86 -15.76 29.21
C TRP B 254 21.26 -14.70 30.13
N ASP B 255 21.20 -13.45 29.66
CA ASP B 255 20.63 -12.35 30.44
C ASP B 255 19.33 -11.84 29.82
N TYR B 256 19.04 -12.31 28.61
CA TYR B 256 17.91 -11.81 27.81
C TYR B 256 16.88 -12.93 27.62
N GLY B 257 15.97 -13.06 28.58
CA GLY B 257 15.15 -14.26 28.70
C GLY B 257 14.00 -14.27 27.71
N LEU B 258 13.38 -15.44 27.53
CA LEU B 258 12.41 -15.64 26.49
C LEU B 258 11.20 -14.71 26.67
N PRO B 259 10.70 -14.59 27.92
CA PRO B 259 9.61 -13.67 28.20
C PRO B 259 9.91 -12.25 27.70
N ALA B 260 11.10 -11.75 28.02
CA ALA B 260 11.48 -10.39 27.62
C ALA B 260 11.61 -10.30 26.10
N ARG B 261 12.08 -11.38 25.49
CA ARG B 261 12.25 -11.43 24.05
C ARG B 261 10.88 -11.39 23.33
N VAL B 262 9.94 -12.19 23.81
CA VAL B 262 8.60 -12.22 23.24
C VAL B 262 7.96 -10.85 23.35
N ARG B 263 8.20 -10.19 24.48
CA ARG B 263 7.62 -8.87 24.72
C ARG B 263 8.21 -7.83 23.76
N ASP B 264 9.52 -7.92 23.52
CA ASP B 264 10.20 -7.01 22.61
C ASP B 264 9.78 -7.28 21.16
N GLY B 265 9.60 -8.55 20.83
CA GLY B 265 9.05 -8.93 19.55
C GLY B 265 7.70 -8.30 19.30
N ILE B 266 6.80 -8.45 20.25
CA ILE B 266 5.46 -7.89 20.13
C ILE B 266 5.52 -6.38 20.00
N ALA B 267 6.45 -5.76 20.73
CA ALA B 267 6.60 -4.31 20.71
C ALA B 267 7.10 -3.84 19.35
N ILE B 268 8.09 -4.55 18.80
CA ILE B 268 8.68 -4.17 17.52
C ILE B 268 7.64 -4.16 16.41
N ILE B 269 6.85 -5.22 16.33
CA ILE B 269 5.85 -5.36 15.28
C ILE B 269 4.75 -4.32 15.46
N THR B 270 4.38 -4.08 16.71
CA THR B 270 3.29 -3.18 17.02
C THR B 270 3.70 -1.73 16.78
N THR B 271 4.89 -1.36 17.23
CA THR B 271 5.41 -0.01 17.03
C THR B 271 5.55 0.29 15.54
N ALA B 272 6.10 -0.67 14.80
CA ALA B 272 6.30 -0.51 13.37
C ALA B 272 4.97 -0.24 12.65
N ALA B 273 3.94 -0.99 13.03
CA ALA B 273 2.61 -0.83 12.45
C ALA B 273 2.02 0.54 12.77
N SER B 274 2.20 0.97 14.02
CA SER B 274 1.70 2.27 14.45
C SER B 274 2.40 3.39 13.70
N ASP B 275 3.71 3.26 13.52
CA ASP B 275 4.51 4.29 12.86
C ASP B 275 4.08 4.43 11.40
N MET B 276 3.86 3.31 10.73
CA MET B 276 3.44 3.33 9.34
C MET B 276 2.04 3.91 9.21
N LEU B 277 1.15 3.51 10.10
CA LEU B 277 -0.23 4.00 10.08
C LEU B 277 -0.26 5.50 10.28
N SER B 278 0.66 6.00 11.10
CA SER B 278 0.69 7.43 11.44
C SER B 278 1.12 8.25 10.24
N GLU B 279 1.92 7.64 9.37
CA GLU B 279 2.58 8.39 8.31
C GLU B 279 1.84 8.23 6.98
N HIS B 280 1.20 7.09 6.79
CA HIS B 280 0.64 6.74 5.48
C HIS B 280 -0.86 6.48 5.55
N SER B 281 -1.41 6.45 6.78
CA SER B 281 -2.84 6.28 6.98
C SER B 281 -3.31 4.91 6.46
N PHE B 282 -2.37 3.99 6.31
CA PHE B 282 -2.72 2.58 6.19
C PHE B 282 -1.61 1.69 6.71
N ILE B 283 -1.95 0.46 7.02
CA ILE B 283 -0.97 -0.61 7.09
C ILE B 283 -1.36 -1.73 6.13
N PRO B 284 -0.38 -2.57 5.76
CA PRO B 284 -0.65 -3.68 4.85
C PRO B 284 -1.71 -4.63 5.39
N GLU B 285 -2.66 -5.02 4.55
CA GLU B 285 -3.64 -6.01 4.95
C GLU B 285 -2.99 -7.37 5.11
N PRO B 286 -3.25 -8.02 6.25
CA PRO B 286 -2.81 -9.39 6.46
C PRO B 286 -3.30 -10.31 5.36
N LYS B 287 -2.37 -11.09 4.80
CA LYS B 287 -2.71 -12.12 3.84
C LYS B 287 -3.72 -13.11 4.43
N SER B 288 -4.80 -13.35 3.70
CA SER B 288 -5.81 -14.32 4.12
C SER B 288 -5.43 -15.74 3.67
N SER B 289 -4.41 -15.83 2.82
CA SER B 289 -4.05 -17.11 2.21
C SER B 289 -2.56 -17.13 1.84
N CYS B 290 -1.90 -18.24 2.18
CA CYS B 290 -0.62 -18.59 1.58
C CYS B 290 -0.79 -18.96 0.13
N TYR B 291 -1.92 -19.55 -0.18
CA TYR B 291 -2.05 -20.41 -1.34
C TYR B 291 -2.51 -19.60 -2.56
N ASN B 292 -2.55 -18.27 -2.41
CA ASN B 292 -3.03 -17.38 -3.46
C ASN B 292 -1.99 -16.29 -3.76
N THR B 293 -0.77 -16.48 -3.28
CA THR B 293 0.21 -15.40 -3.20
C THR B 293 0.62 -14.92 -4.59
N HIS B 294 0.43 -15.79 -5.59
CA HIS B 294 0.82 -15.47 -6.96
C HIS B 294 -0.08 -14.38 -7.54
N GLU B 295 -1.38 -14.47 -7.30
CA GLU B 295 -2.32 -13.41 -7.68
C GLU B 295 -1.95 -12.10 -6.98
N LYS B 296 -1.74 -12.17 -5.67
CA LYS B 296 -2.01 -11.05 -4.78
C LYS B 296 -0.78 -10.16 -4.64
N ARG B 297 0.21 -10.36 -5.52
CA ARG B 297 1.58 -9.96 -5.22
C ARG B 297 1.85 -8.51 -5.64
N ILE B 298 1.18 -8.06 -6.70
CA ILE B 298 1.23 -6.65 -7.08
C ILE B 298 0.47 -5.79 -6.09
N TYR B 299 -0.21 -6.44 -5.15
CA TYR B 299 -0.97 -5.72 -4.14
C TYR B 299 -0.24 -5.71 -2.80
N GLN B 300 0.94 -6.29 -2.77
CA GLN B 300 1.69 -6.45 -1.53
C GLN B 300 3.10 -5.93 -1.68
N SER B 301 3.74 -5.61 -0.57
CA SER B 301 5.15 -5.27 -0.57
C SER B 301 5.72 -5.40 0.83
N ASN B 302 7.01 -5.13 0.95
CA ASN B 302 7.69 -5.22 2.22
C ASN B 302 7.86 -3.83 2.83
N MET B 303 6.88 -2.96 2.60
CA MET B 303 6.96 -1.57 3.03
C MET B 303 7.24 -1.48 4.53
N LEU B 304 6.63 -2.37 5.29
CA LEU B 304 6.66 -2.29 6.74
C LEU B 304 8.09 -2.45 7.28
N ASN B 305 9.00 -2.94 6.44
CA ASN B 305 10.39 -3.21 6.85
C ASN B 305 11.07 -1.92 7.34
N ARG B 306 10.87 -0.82 6.60
CA ARG B 306 11.50 0.45 6.95
C ARG B 306 11.27 0.78 8.41
N TYR B 307 10.11 0.38 8.92
CA TYR B 307 9.71 0.71 10.27
C TYR B 307 10.10 -0.39 11.24
N LEU B 308 10.16 -1.62 10.74
CA LEU B 308 10.44 -2.76 11.58
C LEU B 308 11.87 -2.71 12.12
N ILE B 309 12.75 -2.01 11.39
CA ILE B 309 14.18 -2.07 11.68
C ILE B 309 14.61 -0.92 12.59
N ASN B 310 13.66 -0.06 12.94
CA ASN B 310 13.99 1.23 13.53
C ASN B 310 13.11 1.52 14.76
N VAL B 311 12.82 0.48 15.53
CA VAL B 311 11.97 0.63 16.70
C VAL B 311 12.81 0.84 17.95
N THR B 312 12.43 1.82 18.75
CA THR B 312 12.88 1.90 20.15
C THR B 312 11.70 1.72 21.10
N PHE B 313 11.92 0.98 22.18
CA PHE B 313 10.85 0.64 23.11
C PHE B 313 11.35 0.72 24.56
N GLU B 314 10.54 1.36 25.42
CA GLU B 314 10.97 1.65 26.80
C GLU B 314 12.37 2.23 26.82
N GLY B 315 12.66 3.11 25.86
CA GLY B 315 13.97 3.75 25.77
C GLY B 315 15.10 2.75 25.57
N ARG B 316 14.82 1.71 24.80
CA ARG B 316 15.87 0.79 24.36
C ARG B 316 15.86 0.63 22.84
N ASP B 317 17.03 0.75 22.23
CA ASP B 317 17.15 0.67 20.77
C ASP B 317 17.09 -0.79 20.32
N LEU B 318 16.00 -1.15 19.64
CA LEU B 318 15.80 -2.52 19.20
C LEU B 318 16.05 -2.64 17.70
N SER B 319 16.94 -1.80 17.18
CA SER B 319 17.14 -1.68 15.75
C SER B 319 17.61 -3.00 15.17
N PHE B 320 17.17 -3.30 13.96
CA PHE B 320 17.78 -4.34 13.15
C PHE B 320 18.64 -3.72 12.06
N SER B 321 19.66 -4.44 11.62
CA SER B 321 20.30 -4.17 10.34
C SER B 321 19.35 -4.47 9.16
N GLU B 322 19.73 -4.00 7.99
CA GLU B 322 18.99 -4.31 6.76
C GLU B 322 19.24 -5.76 6.34
N ASP B 323 20.27 -6.37 6.92
CA ASP B 323 20.58 -7.79 6.67
C ASP B 323 19.77 -8.69 7.58
N GLY B 324 19.12 -8.10 8.58
CA GLY B 324 18.08 -8.76 9.34
C GLY B 324 18.56 -9.30 10.67
N TYR B 325 19.57 -8.64 11.24
CA TYR B 325 20.13 -9.04 12.53
C TYR B 325 19.93 -7.93 13.55
N GLN B 326 19.98 -8.30 14.83
CA GLN B 326 20.03 -7.30 15.90
C GLN B 326 21.27 -6.40 15.75
N MET B 327 21.09 -5.10 15.98
CA MET B 327 22.18 -4.13 15.81
C MET B 327 23.20 -4.24 16.95
N HIS B 328 22.72 -4.13 18.18
CA HIS B 328 23.62 -4.03 19.34
C HIS B 328 23.27 -5.07 20.40
N PRO B 329 23.44 -6.35 20.07
CA PRO B 329 23.30 -7.40 21.07
C PRO B 329 24.45 -7.41 22.06
N LYS B 330 24.12 -7.62 23.34
CA LYS B 330 25.13 -7.94 24.34
C LYS B 330 25.51 -9.41 24.28
N LEU B 331 26.73 -9.68 23.84
CA LEU B 331 27.18 -11.03 23.58
C LEU B 331 27.91 -11.62 24.78
N VAL B 332 27.81 -12.93 24.95
CA VAL B 332 28.46 -13.61 26.06
C VAL B 332 29.49 -14.60 25.54
N ILE B 333 30.72 -14.48 26.01
CA ILE B 333 31.78 -15.41 25.62
C ILE B 333 31.80 -16.59 26.58
N ILE B 334 31.76 -17.80 26.04
CA ILE B 334 31.59 -18.98 26.85
C ILE B 334 32.63 -20.01 26.53
N LEU B 335 32.96 -20.82 27.53
CA LEU B 335 34.00 -21.82 27.39
C LEU B 335 33.49 -23.17 27.91
N LEU B 336 33.81 -24.22 27.18
CA LEU B 336 33.35 -25.55 27.55
C LEU B 336 34.37 -26.20 28.50
N ASN B 337 34.01 -26.29 29.78
CA ASN B 337 34.97 -26.61 30.83
C ASN B 337 35.07 -28.12 31.04
N LYS B 338 35.82 -28.52 32.07
CA LYS B 338 36.24 -29.91 32.22
C LYS B 338 35.06 -30.81 32.56
N GLU B 339 33.99 -30.21 33.08
CA GLU B 339 32.78 -30.95 33.41
C GLU B 339 31.83 -30.99 32.22
N ARG B 340 32.35 -30.64 31.04
CA ARG B 340 31.52 -30.49 29.85
C ARG B 340 30.32 -29.59 30.11
N LYS B 341 30.56 -28.50 30.83
CA LYS B 341 29.56 -27.45 31.00
C LYS B 341 30.07 -26.15 30.41
N TRP B 342 29.19 -25.44 29.71
CA TRP B 342 29.53 -24.12 29.18
C TRP B 342 29.55 -23.09 30.31
N GLU B 343 30.60 -22.28 30.31
CA GLU B 343 30.87 -21.38 31.40
C GLU B 343 31.14 -19.96 30.85
N ARG B 344 30.42 -18.98 31.40
CA ARG B 344 30.68 -17.56 31.10
C ARG B 344 32.13 -17.18 31.42
N VAL B 345 32.81 -16.56 30.45
CA VAL B 345 34.19 -16.16 30.64
C VAL B 345 34.48 -14.79 30.01
N GLY B 346 33.42 -14.09 29.61
CA GLY B 346 33.57 -12.71 29.15
C GLY B 346 32.28 -12.14 28.57
N LYS B 347 32.29 -10.82 28.34
CA LYS B 347 31.15 -10.15 27.75
C LYS B 347 31.62 -9.27 26.60
N TRP B 348 30.76 -9.10 25.60
CA TRP B 348 30.97 -8.10 24.56
C TRP B 348 29.85 -7.06 24.60
N LYS B 349 30.21 -5.84 24.99
CA LYS B 349 29.23 -4.83 25.37
C LYS B 349 29.80 -3.43 25.18
N ASP B 350 29.00 -2.54 24.61
CA ASP B 350 29.48 -1.24 24.13
C ASP B 350 30.69 -1.43 23.20
N LYS B 351 30.51 -2.30 22.19
CA LYS B 351 31.58 -2.61 21.26
C LYS B 351 32.93 -2.77 21.97
N SER B 352 32.90 -3.35 23.17
CA SER B 352 34.10 -3.55 23.98
C SER B 352 34.12 -4.94 24.58
N LEU B 353 35.31 -5.55 24.63
CA LEU B 353 35.47 -6.89 25.20
C LEU B 353 35.95 -6.80 26.64
N GLN B 354 35.23 -7.46 27.54
CA GLN B 354 35.66 -7.59 28.93
C GLN B 354 35.74 -9.06 29.32
N MET B 355 36.96 -9.57 29.47
CA MET B 355 37.16 -10.99 29.67
C MET B 355 37.40 -11.27 31.14
N LYS B 356 36.97 -12.44 31.58
CA LYS B 356 37.09 -12.82 32.98
C LYS B 356 38.55 -13.09 33.33
N TYR B 357 39.21 -13.88 32.50
CA TYR B 357 40.55 -14.34 32.78
C TYR B 357 41.55 -13.49 32.05
N TYR B 358 42.63 -13.15 32.73
CA TYR B 358 43.76 -12.57 32.11
C TYR B 358 44.67 -13.64 31.52
N VAL B 359 44.80 -14.74 32.24
CA VAL B 359 45.43 -15.94 31.72
C VAL B 359 44.43 -17.09 31.79
N TRP B 360 44.39 -17.92 30.76
CA TRP B 360 43.46 -19.06 30.75
C TRP B 360 43.94 -20.13 31.71
N PRO B 361 43.07 -20.53 32.64
CA PRO B 361 43.27 -21.74 33.42
C PRO B 361 43.07 -22.99 32.57
N ARG B 362 43.58 -24.12 33.06
CA ARG B 362 43.70 -25.33 32.25
C ARG B 362 42.35 -26.03 32.12
N MET B 363 42.09 -26.61 30.94
CA MET B 363 40.75 -27.03 30.56
C MET B 363 40.81 -28.31 29.74
N ASP C 1 -61.62 8.56 3.05
CA ASP C 1 -60.20 8.13 2.92
C ASP C 1 -59.30 9.33 2.65
N PRO C 2 -58.46 9.68 3.64
CA PRO C 2 -57.55 10.80 3.49
C PRO C 2 -56.35 10.47 2.61
N LYS C 3 -55.69 11.50 2.09
CA LYS C 3 -54.36 11.35 1.52
C LYS C 3 -53.36 10.94 2.59
N ILE C 4 -52.62 9.85 2.31
CA ILE C 4 -51.57 9.41 3.21
C ILE C 4 -50.24 10.09 2.88
N VAL C 5 -49.64 10.73 3.88
CA VAL C 5 -48.40 11.47 3.68
C VAL C 5 -47.30 10.91 4.60
N ASN C 6 -46.28 10.32 3.99
CA ASN C 6 -45.27 9.58 4.74
C ASN C 6 -44.25 10.54 5.31
N ILE C 7 -43.78 10.24 6.52
CA ILE C 7 -42.61 10.89 7.06
C ILE C 7 -41.54 9.86 7.36
N GLY C 8 -40.30 10.17 6.99
CA GLY C 8 -39.19 9.23 7.14
C GLY C 8 -38.35 9.54 8.38
N ALA C 9 -37.63 8.53 8.87
CA ALA C 9 -36.67 8.73 9.93
C ALA C 9 -35.54 7.72 9.82
N VAL C 10 -34.34 8.19 10.10
CA VAL C 10 -33.20 7.30 10.31
C VAL C 10 -32.68 7.47 11.72
N LEU C 11 -32.81 6.42 12.53
CA LEU C 11 -32.72 6.56 13.97
C LEU C 11 -31.81 5.49 14.55
N SER C 12 -31.51 5.61 15.84
CA SER C 12 -30.37 4.89 16.42
C SER C 12 -30.74 3.43 16.71
N THR C 13 -31.93 3.23 17.27
CA THR C 13 -32.35 1.90 17.72
C THR C 13 -33.80 1.64 17.33
N LYS C 14 -34.21 0.38 17.46
CA LYS C 14 -35.59 0.00 17.21
C LYS C 14 -36.52 0.70 18.18
N LYS C 15 -36.05 0.90 19.41
CA LYS C 15 -36.84 1.59 20.43
C LYS C 15 -37.18 3.01 19.98
N HIS C 16 -36.25 3.65 19.28
CA HIS C 16 -36.43 5.01 18.85
C HIS C 16 -37.37 5.08 17.64
N GLU C 17 -37.34 4.05 16.80
CA GLU C 17 -38.32 3.90 15.74
C GLU C 17 -39.73 3.84 16.32
N GLN C 18 -39.87 3.12 17.44
CA GLN C 18 -41.17 2.96 18.08
C GLN C 18 -41.65 4.30 18.64
N ILE C 19 -40.71 5.08 19.18
CA ILE C 19 -41.02 6.41 19.69
C ILE C 19 -41.38 7.38 18.55
N PHE C 20 -40.75 7.18 17.40
CA PHE C 20 -41.09 7.93 16.19
C PHE C 20 -42.53 7.60 15.73
N ARG C 21 -42.87 6.32 15.75
CA ARG C 21 -44.20 5.86 15.32
C ARG C 21 -45.28 6.45 16.22
N GLU C 22 -45.06 6.39 17.53
CA GLU C 22 -46.01 6.90 18.49
C GLU C 22 -46.13 8.42 18.37
N ALA C 23 -45.01 9.09 18.09
CA ALA C 23 -45.01 10.54 17.91
C ALA C 23 -45.88 10.93 16.72
N VAL C 24 -45.80 10.15 15.65
CA VAL C 24 -46.59 10.41 14.46
C VAL C 24 -48.10 10.24 14.73
N ASN C 25 -48.46 9.22 15.52
CA ASN C 25 -49.87 9.02 15.90
C ASN C 25 -50.34 10.14 16.80
N GLN C 26 -49.49 10.55 17.72
CA GLN C 26 -49.76 11.74 18.52
C GLN C 26 -50.16 12.92 17.64
N ALA C 27 -49.47 13.08 16.51
CA ALA C 27 -49.70 14.22 15.61
C ALA C 27 -51.01 14.04 14.85
N ASN C 28 -51.34 12.80 14.51
CA ASN C 28 -52.61 12.50 13.86
C ASN C 28 -53.78 12.74 14.82
N LYS C 29 -53.57 12.42 16.10
CA LYS C 29 -54.56 12.74 17.13
C LYS C 29 -54.73 14.25 17.28
N ARG C 30 -53.62 14.97 17.19
CA ARG C 30 -53.63 16.41 17.43
C ARG C 30 -54.35 17.15 16.30
N HIS C 31 -54.06 16.78 15.07
CA HIS C 31 -54.47 17.57 13.90
C HIS C 31 -55.74 16.98 13.27
N PHE C 32 -56.35 17.74 12.37
CA PHE C 32 -57.57 17.28 11.68
C PHE C 32 -57.21 16.37 10.50
N THR C 33 -57.67 15.12 10.57
CA THR C 33 -57.00 14.02 9.90
C THR C 33 -57.79 13.59 8.66
N ARG C 34 -58.87 14.31 8.38
CA ARG C 34 -59.83 13.88 7.35
C ARG C 34 -59.25 14.05 5.95
N LYS C 35 -58.44 15.10 5.76
CA LYS C 35 -57.89 15.42 4.45
C LYS C 35 -56.56 14.72 4.24
N ILE C 36 -55.62 14.93 5.16
CA ILE C 36 -54.32 14.27 5.10
C ILE C 36 -54.00 13.57 6.40
N GLN C 37 -53.28 12.46 6.30
CA GLN C 37 -52.92 11.67 7.47
C GLN C 37 -51.48 11.19 7.36
N LEU C 38 -50.73 11.35 8.45
CA LEU C 38 -49.30 11.10 8.42
C LEU C 38 -49.01 9.63 8.69
N GLN C 39 -47.99 9.11 8.02
CA GLN C 39 -47.57 7.73 8.22
C GLN C 39 -46.06 7.65 8.41
N ALA C 40 -45.66 6.93 9.45
CA ALA C 40 -44.26 6.79 9.80
C ALA C 40 -43.60 5.73 8.92
N THR C 41 -42.46 6.09 8.34
CA THR C 41 -41.55 5.11 7.76
C THR C 41 -40.13 5.37 8.26
N SER C 42 -39.47 4.33 8.75
CA SER C 42 -38.22 4.49 9.47
C SER C 42 -37.27 3.35 9.20
N VAL C 43 -35.98 3.64 9.26
CA VAL C 43 -34.96 2.61 9.47
C VAL C 43 -33.99 3.04 10.57
N THR C 44 -33.07 2.15 10.92
CA THR C 44 -31.93 2.51 11.74
C THR C 44 -30.69 2.69 10.87
N HIS C 45 -29.64 3.28 11.45
CA HIS C 45 -28.44 3.61 10.70
C HIS C 45 -27.81 2.37 10.12
N ARG C 46 -27.41 2.45 8.84
CA ARG C 46 -26.62 1.41 8.22
C ARG C 46 -25.15 1.56 8.59
N PRO C 47 -24.37 0.51 8.41
CA PRO C 47 -23.05 0.43 9.04
C PRO C 47 -21.99 1.24 8.28
N ASN C 48 -22.33 1.68 7.07
CA ASN C 48 -21.46 2.59 6.33
C ASN C 48 -22.25 3.46 5.36
N ALA C 49 -21.58 4.46 4.80
CA ALA C 49 -22.25 5.64 4.28
C ALA C 49 -22.95 5.30 2.96
N ILE C 50 -22.34 4.41 2.19
CA ILE C 50 -22.90 4.01 0.90
C ILE C 50 -24.15 3.15 1.10
N GLN C 51 -24.07 2.17 1.99
CA GLN C 51 -25.25 1.42 2.40
C GLN C 51 -26.34 2.37 2.86
N MET C 52 -25.96 3.36 3.65
CA MET C 52 -26.93 4.28 4.22
C MET C 52 -27.65 5.05 3.11
N ALA C 53 -26.87 5.51 2.12
CA ALA C 53 -27.43 6.25 0.99
C ALA C 53 -28.43 5.39 0.25
N LEU C 54 -28.05 4.13 0.00
CA LEU C 54 -28.91 3.19 -0.70
C LEU C 54 -30.21 2.95 0.08
N SER C 55 -30.10 2.84 1.39
CA SER C 55 -31.26 2.56 2.23
C SER C 55 -32.23 3.73 2.22
N VAL C 56 -31.70 4.96 2.22
CA VAL C 56 -32.53 6.16 2.08
C VAL C 56 -33.37 6.08 0.80
N CYS C 57 -32.76 5.61 -0.27
CA CYS C 57 -33.48 5.42 -1.54
C CYS C 57 -34.49 4.26 -1.42
N GLU C 58 -34.02 3.11 -0.94
CA GLU C 58 -34.78 1.87 -1.06
C GLU C 58 -35.91 1.81 -0.04
N ASP C 59 -35.70 2.42 1.13
CA ASP C 59 -36.59 2.24 2.28
C ASP C 59 -37.47 3.47 2.52
N LEU C 60 -36.94 4.65 2.19
CA LEU C 60 -37.58 5.89 2.58
C LEU C 60 -38.22 6.61 1.38
N ILE C 61 -37.40 6.94 0.39
CA ILE C 61 -37.86 7.72 -0.74
C ILE C 61 -38.79 6.86 -1.62
N SER C 62 -38.65 5.55 -1.53
CA SER C 62 -39.56 4.62 -2.19
C SER C 62 -40.97 4.72 -1.62
N SER C 63 -41.10 5.33 -0.44
CA SER C 63 -42.42 5.56 0.19
C SER C 63 -42.89 7.01 0.01
N GLN C 64 -42.17 7.77 -0.82
CA GLN C 64 -42.50 9.17 -1.03
C GLN C 64 -42.60 9.93 0.30
N VAL C 65 -41.50 9.93 1.06
CA VAL C 65 -41.42 10.72 2.28
C VAL C 65 -41.30 12.22 1.94
N TYR C 66 -41.97 13.04 2.73
CA TYR C 66 -41.97 14.49 2.53
C TYR C 66 -40.81 15.11 3.30
N ALA C 67 -40.26 14.35 4.24
CA ALA C 67 -39.20 14.81 5.08
C ALA C 67 -38.58 13.63 5.82
N ILE C 68 -37.35 13.79 6.28
CA ILE C 68 -36.64 12.72 6.95
C ILE C 68 -35.97 13.24 8.23
N LEU C 69 -36.38 12.72 9.36
CA LEU C 69 -35.66 12.92 10.61
C LEU C 69 -34.43 12.03 10.63
N VAL C 70 -33.32 12.57 11.13
CA VAL C 70 -32.10 11.80 11.21
C VAL C 70 -31.38 12.07 12.52
N SER C 71 -31.18 11.00 13.30
CA SER C 71 -30.41 11.08 14.53
C SER C 71 -28.91 10.94 14.23
N HIS C 72 -28.10 11.53 15.09
CA HIS C 72 -26.68 11.20 15.16
C HIS C 72 -26.48 9.94 15.99
N PRO C 73 -26.01 8.86 15.35
CA PRO C 73 -25.72 7.62 16.08
C PRO C 73 -24.57 7.80 17.07
N PRO C 74 -24.59 7.03 18.18
CA PRO C 74 -23.42 6.98 19.05
C PRO C 74 -22.59 5.72 18.83
N ALA C 75 -21.38 5.89 18.31
CA ALA C 75 -20.64 4.79 17.69
C ALA C 75 -19.28 4.63 18.34
N HIS C 79 -18.09 8.60 13.72
CA HIS C 79 -18.04 7.52 12.75
C HIS C 79 -19.07 7.72 11.62
N LEU C 80 -20.34 7.48 11.93
CA LEU C 80 -21.41 7.60 10.95
C LEU C 80 -22.21 8.87 11.17
N THR C 81 -22.34 9.67 10.13
CA THR C 81 -22.96 10.98 10.25
C THR C 81 -24.25 11.04 9.45
N PRO C 82 -25.02 12.12 9.62
CA PRO C 82 -26.25 12.32 8.85
C PRO C 82 -25.96 12.65 7.39
N THR C 83 -24.69 12.76 7.02
CA THR C 83 -24.31 13.41 5.78
C THR C 83 -24.88 12.67 4.55
N PRO C 84 -24.78 11.32 4.54
CA PRO C 84 -25.29 10.52 3.42
C PRO C 84 -26.80 10.67 3.24
N ILE C 85 -27.49 11.01 4.34
CA ILE C 85 -28.93 11.19 4.29
C ILE C 85 -29.29 12.60 3.81
N SER C 86 -28.54 13.59 4.28
CA SER C 86 -28.65 14.95 3.77
C SER C 86 -28.36 15.01 2.27
N TYR C 87 -27.35 14.27 1.84
CA TYR C 87 -26.97 14.26 0.42
C TYR C 87 -28.08 13.65 -0.44
N THR C 88 -28.54 12.46 -0.07
CA THR C 88 -29.45 11.70 -0.91
C THR C 88 -30.80 12.39 -0.97
N ALA C 89 -31.27 12.84 0.19
CA ALA C 89 -32.52 13.60 0.27
C ALA C 89 -32.37 14.96 -0.43
N GLY C 90 -31.23 15.62 -0.22
CA GLY C 90 -31.00 16.95 -0.78
C GLY C 90 -31.00 16.93 -2.30
N PHE C 91 -30.60 15.79 -2.86
CA PHE C 91 -30.68 15.58 -4.30
C PHE C 91 -32.09 15.90 -4.85
N TYR C 92 -33.11 15.54 -4.07
CA TYR C 92 -34.50 15.74 -4.49
C TYR C 92 -35.12 16.96 -3.81
N ARG C 93 -34.31 17.66 -3.01
CA ARG C 93 -34.81 18.79 -2.20
C ARG C 93 -35.89 18.32 -1.23
N ILE C 94 -35.74 17.10 -0.73
CA ILE C 94 -36.49 16.64 0.45
C ILE C 94 -35.80 17.08 1.74
N PRO C 95 -36.53 17.80 2.60
CA PRO C 95 -35.94 18.35 3.81
C PRO C 95 -35.45 17.26 4.78
N VAL C 96 -34.31 17.49 5.39
CA VAL C 96 -33.82 16.62 6.45
C VAL C 96 -33.78 17.39 7.78
N ILE C 97 -34.30 16.75 8.84
CA ILE C 97 -34.29 17.34 10.17
C ILE C 97 -33.30 16.60 11.07
N GLY C 98 -32.15 17.22 11.31
CA GLY C 98 -31.17 16.68 12.25
C GLY C 98 -31.64 16.82 13.69
N LEU C 99 -31.49 15.75 14.45
CA LEU C 99 -32.06 15.68 15.79
C LEU C 99 -31.01 16.01 16.88
N THR C 100 -29.75 15.62 16.63
CA THR C 100 -28.73 15.67 17.69
C THR C 100 -27.34 16.07 17.18
N THR C 101 -27.22 16.33 15.88
CA THR C 101 -25.93 16.70 15.29
C THR C 101 -25.61 18.17 15.56
N ARG C 102 -24.41 18.44 16.07
CA ARG C 102 -24.07 19.77 16.61
C ARG C 102 -23.02 20.50 15.74
N MET C 103 -22.35 19.76 14.86
CA MET C 103 -21.22 20.32 14.09
C MET C 103 -21.68 21.45 13.17
N SER C 104 -20.93 22.54 13.15
CA SER C 104 -21.36 23.76 12.50
C SER C 104 -21.43 23.61 10.98
N ILE C 105 -20.70 22.63 10.45
CA ILE C 105 -20.61 22.44 9.01
C ILE C 105 -22.00 22.17 8.39
N TYR C 106 -22.93 21.71 9.22
CA TYR C 106 -24.30 21.39 8.74
C TYR C 106 -25.13 22.67 8.61
N SER C 107 -24.52 23.81 8.89
CA SER C 107 -25.18 25.09 8.69
C SER C 107 -24.82 25.69 7.33
N ASP C 108 -23.99 24.98 6.59
CA ASP C 108 -23.49 25.48 5.32
C ASP C 108 -24.41 25.05 4.17
N LYS C 109 -25.16 26.01 3.65
CA LYS C 109 -26.23 25.73 2.71
C LYS C 109 -25.68 25.11 1.41
N SER C 110 -24.41 25.39 1.13
CA SER C 110 -23.77 24.92 -0.10
C SER C 110 -23.57 23.42 -0.08
N ILE C 111 -23.45 22.87 1.14
CA ILE C 111 -23.17 21.46 1.31
C ILE C 111 -24.44 20.73 1.70
N HIS C 112 -25.21 21.34 2.59
CA HIS C 112 -26.43 20.73 3.07
C HIS C 112 -27.60 21.65 2.82
N LEU C 113 -28.23 21.50 1.66
CA LEU C 113 -29.01 22.56 1.08
C LEU C 113 -30.50 22.37 1.36
N SER C 114 -30.83 21.34 2.14
CA SER C 114 -32.14 21.25 2.77
C SER C 114 -32.08 20.56 4.12
N PHE C 115 -31.46 21.24 5.09
CA PHE C 115 -31.16 20.65 6.38
C PHE C 115 -31.53 21.63 7.49
N LEU C 116 -32.50 21.22 8.32
CA LEU C 116 -32.75 21.89 9.59
C LEU C 116 -32.35 20.98 10.76
N ARG C 117 -32.24 21.54 11.95
CA ARG C 117 -32.01 20.74 13.14
C ARG C 117 -32.62 21.37 14.39
N THR C 118 -33.03 20.53 15.33
CA THR C 118 -33.72 20.98 16.52
C THR C 118 -32.74 21.16 17.68
N VAL C 119 -31.47 20.87 17.42
CA VAL C 119 -30.37 21.37 18.26
C VAL C 119 -29.54 22.42 17.51
N PRO C 120 -28.92 23.34 18.26
CA PRO C 120 -28.02 24.34 17.68
C PRO C 120 -26.63 23.77 17.41
N PRO C 121 -25.95 24.30 16.40
CA PRO C 121 -24.52 24.07 16.22
C PRO C 121 -23.70 24.58 17.41
N TYR C 122 -22.55 23.96 17.64
CA TYR C 122 -21.67 24.34 18.76
C TYR C 122 -21.34 25.83 18.74
N SER C 123 -21.30 26.40 17.55
CA SER C 123 -20.86 27.79 17.39
C SER C 123 -21.83 28.75 18.05
N HIS C 124 -23.06 28.28 18.26
CA HIS C 124 -24.09 29.10 18.88
C HIS C 124 -23.85 29.25 20.37
N GLN C 125 -22.93 28.44 20.90
CA GLN C 125 -22.51 28.57 22.30
C GLN C 125 -21.97 29.97 22.59
N ALA C 126 -21.57 30.68 21.54
CA ALA C 126 -21.04 32.05 21.68
C ALA C 126 -22.13 33.00 22.18
N LEU C 127 -23.39 32.71 21.84
CA LEU C 127 -24.52 33.49 22.35
C LEU C 127 -24.55 33.48 23.88
N VAL C 128 -24.16 32.35 24.45
CA VAL C 128 -24.16 32.20 25.91
C VAL C 128 -22.94 32.86 26.52
N TRP C 129 -21.78 32.69 25.88
CA TRP C 129 -20.57 33.39 26.29
C TRP C 129 -20.81 34.89 26.35
N PHE C 130 -21.41 35.43 25.29
CA PHE C 130 -21.65 36.86 25.19
C PHE C 130 -22.47 37.36 26.38
N GLU C 131 -23.56 36.65 26.69
CA GLU C 131 -24.49 37.07 27.75
C GLU C 131 -23.81 36.98 29.12
N MET C 132 -22.94 35.99 29.29
CA MET C 132 -22.12 35.89 30.47
C MET C 132 -21.16 37.07 30.57
N MET C 133 -20.69 37.55 29.42
CA MET C 133 -19.68 38.59 29.38
C MET C 133 -20.25 39.90 29.89
N ARG C 134 -21.46 40.24 29.42
CA ARG C 134 -22.28 41.24 30.09
C ARG C 134 -22.40 40.92 31.57
N LEU C 135 -23.05 39.81 31.89
CA LEU C 135 -23.41 39.49 33.26
C LEU C 135 -22.24 39.79 34.20
N PHE C 136 -21.10 39.17 33.92
CA PHE C 136 -19.96 39.22 34.83
C PHE C 136 -18.98 40.32 34.41
N ASN C 137 -19.42 41.19 33.49
CA ASN C 137 -18.63 42.35 33.10
C ASN C 137 -17.21 41.94 32.73
N TRP C 138 -17.08 40.91 31.91
CA TRP C 138 -15.81 40.60 31.26
C TRP C 138 -15.66 41.36 29.95
N ASN C 139 -15.05 42.53 30.03
CA ASN C 139 -15.03 43.46 28.90
C ASN C 139 -13.82 43.21 28.02
N HIS C 140 -12.90 42.38 28.51
CA HIS C 140 -11.72 42.02 27.74
C HIS C 140 -11.48 40.50 27.83
N VAL C 141 -11.55 39.83 26.70
CA VAL C 141 -11.34 38.39 26.65
C VAL C 141 -10.31 38.02 25.60
N ILE C 142 -9.58 36.95 25.87
CA ILE C 142 -8.80 36.27 24.84
C ILE C 142 -9.56 35.07 24.30
N LEU C 143 -9.77 35.03 22.99
CA LEU C 143 -10.40 33.89 22.34
C LEU C 143 -9.34 33.01 21.70
N ILE C 144 -9.24 31.78 22.20
CA ILE C 144 -8.45 30.74 21.54
C ILE C 144 -9.37 29.75 20.83
N VAL C 145 -9.11 29.54 19.54
CA VAL C 145 -9.88 28.58 18.76
C VAL C 145 -8.95 27.66 17.97
N SER C 146 -9.38 26.42 17.79
CA SER C 146 -8.75 25.53 16.81
C SER C 146 -8.93 26.06 15.40
N ASP C 147 -7.88 25.94 14.60
CA ASP C 147 -7.91 26.38 13.22
C ASP C 147 -8.58 25.33 12.35
N ASP C 148 -9.84 25.03 12.66
CA ASP C 148 -10.68 24.24 11.78
C ASP C 148 -12.05 24.88 11.66
N HIS C 149 -12.94 24.22 10.93
CA HIS C 149 -14.24 24.80 10.63
C HIS C 149 -15.00 25.17 11.90
N GLU C 150 -14.99 24.26 12.88
CA GLU C 150 -15.75 24.47 14.12
C GLU C 150 -15.17 25.65 14.92
N GLY C 151 -13.86 25.68 15.05
CA GLY C 151 -13.20 26.75 15.77
C GLY C 151 -13.47 28.09 15.13
N ARG C 152 -13.35 28.14 13.81
CA ARG C 152 -13.53 29.38 13.08
C ARG C 152 -15.00 29.80 13.08
N ALA C 153 -15.91 28.84 13.17
CA ALA C 153 -17.34 29.15 13.29
C ALA C 153 -17.66 29.80 14.65
N ALA C 154 -17.02 29.31 15.71
CA ALA C 154 -17.18 29.92 17.05
C ALA C 154 -16.65 31.36 17.03
N GLN C 155 -15.47 31.55 16.45
CA GLN C 155 -14.89 32.87 16.33
C GLN C 155 -15.83 33.83 15.57
N LYS C 156 -16.29 33.41 14.40
CA LYS C 156 -17.16 34.25 13.57
C LYS C 156 -18.40 34.66 14.35
N LYS C 157 -18.96 33.70 15.09
CA LYS C 157 -20.19 33.95 15.83
C LYS C 157 -19.97 34.97 16.95
N LEU C 158 -18.92 34.77 17.74
CA LEU C 158 -18.59 35.69 18.81
C LEU C 158 -18.31 37.08 18.25
N GLU C 159 -17.48 37.14 17.20
CA GLU C 159 -17.03 38.42 16.65
C GLU C 159 -18.20 39.21 16.13
N THR C 160 -19.18 38.52 15.55
CA THR C 160 -20.39 39.16 15.06
C THR C 160 -21.19 39.74 16.23
N LEU C 161 -21.23 39.02 17.33
CA LEU C 161 -21.94 39.48 18.52
C LEU C 161 -21.24 40.67 19.16
N LEU C 162 -19.91 40.66 19.13
CA LEU C 162 -19.14 41.77 19.69
C LEU C 162 -19.15 42.97 18.74
N GLU C 163 -19.27 42.70 17.45
CA GLU C 163 -19.42 43.77 16.45
C GLU C 163 -20.89 44.02 16.15
N GLY C 187 -18.89 47.67 23.61
CA GLY C 187 -19.25 46.84 24.76
C GLY C 187 -18.05 46.07 25.29
N PRO C 188 -18.22 44.75 25.45
CA PRO C 188 -17.09 43.83 25.60
C PRO C 188 -16.33 43.65 24.29
N LYS C 189 -15.06 43.26 24.39
CA LYS C 189 -14.20 43.12 23.22
C LYS C 189 -13.32 41.89 23.36
N ALA C 190 -12.97 41.28 22.23
CA ALA C 190 -11.84 40.35 22.18
C ALA C 190 -10.54 41.11 21.98
N ASP C 191 -9.71 41.16 23.03
CA ASP C 191 -8.40 41.79 22.94
C ASP C 191 -7.53 41.07 21.93
N LYS C 192 -7.78 39.78 21.75
CA LYS C 192 -6.96 38.96 20.87
C LYS C 192 -7.69 37.69 20.48
N VAL C 193 -7.43 37.23 19.26
CA VAL C 193 -7.81 35.91 18.85
C VAL C 193 -6.59 35.09 18.48
N LEU C 194 -6.44 33.93 19.10
CA LEU C 194 -5.36 33.02 18.78
C LEU C 194 -5.90 31.74 18.16
N GLN C 195 -5.34 31.36 17.02
CA GLN C 195 -5.69 30.12 16.35
C GLN C 195 -4.51 29.16 16.39
N PHE C 196 -4.78 27.89 16.65
CA PHE C 196 -3.74 26.87 16.61
C PHE C 196 -4.12 25.74 15.66
N GLU C 197 -3.13 25.04 15.14
CA GLU C 197 -3.35 23.92 14.25
C GLU C 197 -3.88 22.72 15.04
N PRO C 198 -5.02 22.16 14.60
CA PRO C 198 -5.56 20.95 15.23
C PRO C 198 -4.53 19.82 15.27
N GLY C 199 -4.43 19.16 16.42
CA GLY C 199 -3.55 18.01 16.56
C GLY C 199 -2.19 18.40 17.10
N THR C 200 -2.05 19.66 17.48
CA THR C 200 -0.78 20.16 17.99
C THR C 200 -0.69 19.93 19.49
N LYS C 201 0.30 19.13 19.90
CA LYS C 201 0.40 18.67 21.29
C LYS C 201 1.15 19.70 22.14
N ASN C 202 2.23 20.24 21.59
CA ASN C 202 2.96 21.33 22.24
C ASN C 202 2.45 22.68 21.76
N LEU C 203 1.77 23.39 22.67
CA LEU C 203 1.15 24.67 22.32
C LEU C 203 1.67 25.76 23.23
N THR C 204 2.86 25.54 23.75
CA THR C 204 3.47 26.47 24.68
C THR C 204 3.67 27.84 24.01
N ALA C 205 4.03 27.81 22.73
CA ALA C 205 4.18 29.03 21.95
C ALA C 205 2.89 29.87 22.00
N LEU C 206 1.78 29.27 21.59
CA LEU C 206 0.50 29.97 21.53
C LEU C 206 0.11 30.52 22.91
N LEU C 207 0.37 29.75 23.95
CA LEU C 207 -0.14 30.06 25.28
C LEU C 207 0.75 31.07 25.99
N LEU C 208 2.06 30.96 25.78
CA LEU C 208 2.99 32.04 26.12
C LEU C 208 2.46 33.40 25.62
N GLU C 209 2.02 33.43 24.36
CA GLU C 209 1.47 34.66 23.78
C GLU C 209 0.25 35.13 24.55
N ALA C 210 -0.63 34.19 24.88
CA ALA C 210 -1.86 34.52 25.61
C ALA C 210 -1.51 34.96 27.02
N LYS C 211 -0.53 34.32 27.63
CA LYS C 211 -0.06 34.70 28.95
C LYS C 211 0.39 36.15 28.97
N GLU C 212 1.15 36.55 27.96
CA GLU C 212 1.79 37.87 27.95
C GLU C 212 0.75 38.98 28.07
N LEU C 213 -0.47 38.70 27.59
CA LEU C 213 -1.46 39.74 27.38
C LEU C 213 -2.13 40.14 28.68
N GLU C 214 -2.75 41.31 28.69
CA GLU C 214 -3.36 41.85 29.90
C GLU C 214 -4.55 41.00 30.32
N ALA C 215 -5.49 40.78 29.40
CA ALA C 215 -6.77 40.13 29.72
C ALA C 215 -6.53 38.78 30.40
N ARG C 216 -7.47 38.38 31.25
CA ARG C 216 -7.31 37.17 32.04
C ARG C 216 -8.52 36.23 31.86
N VAL C 217 -9.42 36.60 30.96
CA VAL C 217 -10.58 35.76 30.64
C VAL C 217 -10.38 35.03 29.31
N ILE C 218 -10.23 33.72 29.37
CA ILE C 218 -9.85 32.94 28.21
C ILE C 218 -11.01 32.06 27.75
N ILE C 219 -11.43 32.25 26.50
CA ILE C 219 -12.48 31.43 25.90
C ILE C 219 -11.87 30.45 24.91
N LEU C 220 -12.34 29.21 24.95
CA LEU C 220 -11.78 28.14 24.13
C LEU C 220 -12.85 27.47 23.29
N SER C 221 -12.63 27.42 21.99
CA SER C 221 -13.30 26.44 21.13
C SER C 221 -12.30 25.44 20.58
N ALA C 222 -12.53 24.17 20.88
CA ALA C 222 -11.60 23.13 20.53
C ALA C 222 -12.26 21.78 20.71
N SER C 223 -11.84 20.82 19.89
CA SER C 223 -12.28 19.45 20.06
C SER C 223 -11.76 18.90 21.38
N GLU C 224 -12.23 17.71 21.72
CA GLU C 224 -11.91 17.08 22.97
C GLU C 224 -10.38 16.95 23.16
N ASP C 225 -9.71 16.39 22.16
CA ASP C 225 -8.27 16.09 22.26
C ASP C 225 -7.43 17.36 22.18
N ASP C 226 -7.91 18.34 21.41
CA ASP C 226 -7.21 19.61 21.29
C ASP C 226 -7.33 20.44 22.57
N ALA C 227 -8.50 20.38 23.20
CA ALA C 227 -8.73 21.09 24.45
C ALA C 227 -7.87 20.51 25.56
N THR C 228 -7.65 19.19 25.51
CA THR C 228 -6.76 18.53 26.45
C THR C 228 -5.34 19.09 26.33
N ALA C 229 -4.88 19.26 25.09
CA ALA C 229 -3.54 19.80 24.84
C ALA C 229 -3.39 21.22 25.39
N VAL C 230 -4.40 22.04 25.15
CA VAL C 230 -4.41 23.39 25.69
C VAL C 230 -4.31 23.36 27.21
N TYR C 231 -5.14 22.52 27.82
CA TYR C 231 -5.26 22.48 29.27
C TYR C 231 -3.92 22.09 29.90
N LYS C 232 -3.24 21.14 29.27
CA LYS C 232 -1.97 20.64 29.79
C LYS C 232 -0.89 21.73 29.72
N SER C 233 -0.78 22.36 28.55
CA SER C 233 0.19 23.43 28.36
C SER C 233 -0.11 24.59 29.29
N ALA C 234 -1.38 24.88 29.48
CA ALA C 234 -1.79 26.00 30.30
C ALA C 234 -1.43 25.74 31.76
N ALA C 235 -1.51 24.48 32.17
CA ALA C 235 -1.11 24.09 33.52
C ALA C 235 0.39 24.33 33.72
N MET C 236 1.18 23.90 32.75
CA MET C 236 2.65 24.00 32.85
C MET C 236 3.08 25.45 32.99
N LEU C 237 2.26 26.37 32.50
CA LEU C 237 2.58 27.79 32.50
C LEU C 237 1.80 28.53 33.58
N ASP C 238 1.23 27.77 34.51
CA ASP C 238 0.57 28.36 35.69
C ASP C 238 -0.54 29.30 35.27
N MET C 239 -1.33 28.88 34.28
CA MET C 239 -2.34 29.74 33.70
C MET C 239 -3.75 29.24 34.06
N THR C 240 -3.82 28.37 35.05
CA THR C 240 -5.06 27.70 35.39
C THR C 240 -5.43 27.94 36.84
N GLY C 241 -4.69 28.84 37.49
CA GLY C 241 -4.97 29.21 38.88
C GLY C 241 -5.58 30.59 39.00
N ALA C 242 -5.31 31.25 40.12
CA ALA C 242 -6.09 32.42 40.52
C ALA C 242 -5.81 33.59 39.58
N GLY C 243 -6.83 34.42 39.37
CA GLY C 243 -6.72 35.54 38.43
C GLY C 243 -7.34 35.23 37.07
N TYR C 244 -7.25 33.97 36.66
CA TYR C 244 -7.73 33.54 35.35
C TYR C 244 -9.22 33.19 35.42
N VAL C 245 -9.92 33.36 34.31
CA VAL C 245 -11.18 32.68 34.09
C VAL C 245 -11.13 31.86 32.81
N TRP C 246 -11.58 30.61 32.90
CA TRP C 246 -11.67 29.77 31.73
C TRP C 246 -13.11 29.51 31.36
N LEU C 247 -13.46 29.82 30.13
CA LEU C 247 -14.83 29.82 29.69
C LEU C 247 -14.94 29.13 28.34
N VAL C 248 -15.66 28.01 28.33
CA VAL C 248 -15.61 27.08 27.21
C VAL C 248 -17.01 26.57 26.88
N GLY C 249 -17.10 25.66 25.92
CA GLY C 249 -18.37 25.03 25.57
C GLY C 249 -18.46 23.60 26.10
N GLU C 250 -19.02 22.71 25.29
CA GLU C 250 -19.44 21.40 25.76
C GLU C 250 -18.38 20.32 25.44
N ARG C 251 -17.79 20.41 24.25
CA ARG C 251 -16.73 19.48 23.88
C ARG C 251 -15.52 19.63 24.81
N GLU C 252 -15.31 20.85 25.28
CA GLU C 252 -14.08 21.19 25.97
C GLU C 252 -14.17 20.78 27.45
N ILE C 253 -15.32 20.27 27.85
CA ILE C 253 -15.46 19.60 29.15
C ILE C 253 -16.03 18.21 28.99
N SER C 254 -15.65 17.53 27.91
CA SER C 254 -16.09 16.17 27.66
C SER C 254 -14.89 15.23 27.56
N GLY C 255 -15.12 13.95 27.82
CA GLY C 255 -14.09 12.93 27.69
C GLY C 255 -12.80 13.34 28.36
N SER C 256 -11.70 13.21 27.63
CA SER C 256 -10.37 13.37 28.23
C SER C 256 -10.11 14.82 28.61
N ALA C 257 -10.91 15.74 28.06
CA ALA C 257 -10.75 17.16 28.32
C ALA C 257 -11.12 17.48 29.75
N LEU C 258 -12.12 16.78 30.28
CA LEU C 258 -12.52 16.90 31.69
C LEU C 258 -11.35 16.54 32.59
N ARG C 259 -10.69 15.43 32.27
CA ARG C 259 -9.59 14.95 33.08
C ARG C 259 -8.62 16.08 33.39
N TYR C 260 -8.29 16.89 32.39
CA TYR C 260 -7.18 17.83 32.49
C TYR C 260 -7.68 19.27 32.56
N ALA C 261 -8.99 19.45 32.45
CA ALA C 261 -9.60 20.77 32.65
C ALA C 261 -9.09 21.39 33.94
N PRO C 262 -8.78 22.69 33.91
CA PRO C 262 -8.50 23.43 35.13
C PRO C 262 -9.68 23.46 36.07
N ASP C 263 -9.42 23.38 37.36
CA ASP C 263 -10.43 23.54 38.36
C ASP C 263 -11.04 24.93 38.27
N GLY C 264 -12.35 25.00 38.45
CA GLY C 264 -13.06 26.27 38.44
C GLY C 264 -13.41 26.73 37.04
N ILE C 265 -13.12 25.89 36.05
CA ILE C 265 -13.54 26.16 34.67
C ILE C 265 -15.06 26.28 34.57
N ILE C 266 -15.52 27.06 33.60
CA ILE C 266 -16.93 27.14 33.30
C ILE C 266 -17.18 26.71 31.87
N GLY C 267 -18.06 25.73 31.70
CA GLY C 267 -18.48 25.29 30.37
C GLY C 267 -19.99 25.09 30.27
N LEU C 268 -20.42 24.48 29.18
CA LEU C 268 -21.82 24.47 28.83
C LEU C 268 -22.29 23.05 28.55
N GLN C 269 -23.58 22.82 28.72
CA GLN C 269 -24.20 21.59 28.28
C GLN C 269 -25.56 21.87 27.70
N LEU C 270 -25.77 21.46 26.45
CA LEU C 270 -27.07 21.57 25.81
C LEU C 270 -28.07 20.66 26.51
N ILE C 271 -29.05 21.27 27.18
CA ILE C 271 -30.07 20.52 27.90
C ILE C 271 -30.92 19.71 26.92
N ASN C 272 -30.96 18.40 27.14
CA ASN C 272 -31.71 17.48 26.27
C ASN C 272 -30.97 17.27 24.95
N GLY C 273 -29.71 17.66 24.91
CA GLY C 273 -28.94 17.69 23.67
C GLY C 273 -28.71 16.30 23.10
N LYS C 274 -28.63 15.30 23.97
CA LYS C 274 -28.37 13.93 23.54
C LYS C 274 -29.61 13.05 23.71
N ASN C 275 -30.72 13.68 24.07
CA ASN C 275 -31.96 12.95 24.27
C ASN C 275 -32.69 12.78 22.94
N GLU C 276 -32.40 11.68 22.25
CA GLU C 276 -32.96 11.43 20.93
C GLU C 276 -34.49 11.33 20.99
N SER C 277 -35.01 10.80 22.11
CA SER C 277 -36.46 10.65 22.27
C SER C 277 -37.14 12.00 22.30
N ALA C 278 -36.61 12.92 23.09
CA ALA C 278 -37.19 14.24 23.23
C ALA C 278 -37.27 14.92 21.87
N HIS C 279 -36.23 14.76 21.06
CA HIS C 279 -36.08 15.52 19.84
C HIS C 279 -36.91 14.88 18.70
N ILE C 280 -37.00 13.55 18.70
CA ILE C 280 -37.98 12.86 17.83
C ILE C 280 -39.38 13.45 18.03
N SER C 281 -39.77 13.60 19.28
CA SER C 281 -41.10 14.09 19.61
C SER C 281 -41.30 15.53 19.09
N ASP C 282 -40.33 16.39 19.37
CA ASP C 282 -40.41 17.80 18.97
C ASP C 282 -40.37 17.95 17.43
N ALA C 283 -39.47 17.23 16.78
CA ALA C 283 -39.31 17.33 15.33
C ALA C 283 -40.58 16.87 14.60
N VAL C 284 -41.16 15.76 15.03
CA VAL C 284 -42.39 15.25 14.43
C VAL C 284 -43.50 16.27 14.56
N ALA C 285 -43.65 16.85 15.75
CA ALA C 285 -44.66 17.86 15.96
C ALA C 285 -44.47 19.04 15.01
N VAL C 286 -43.22 19.47 14.85
CA VAL C 286 -42.91 20.61 13.99
C VAL C 286 -43.15 20.25 12.52
N VAL C 287 -42.71 19.06 12.12
CA VAL C 287 -42.90 18.60 10.75
C VAL C 287 -44.38 18.38 10.43
N ALA C 288 -45.11 17.82 11.39
CA ALA C 288 -46.54 17.57 11.22
C ALA C 288 -47.28 18.89 11.04
N GLN C 289 -46.97 19.87 11.89
CA GLN C 289 -47.54 21.20 11.78
C GLN C 289 -47.25 21.81 10.41
N ALA C 290 -46.02 21.66 9.95
CA ALA C 290 -45.60 22.24 8.68
C ALA C 290 -46.34 21.61 7.51
N ILE C 291 -46.58 20.31 7.60
CA ILE C 291 -47.20 19.57 6.51
C ILE C 291 -48.66 19.98 6.35
N HIS C 292 -49.35 20.19 7.47
CA HIS C 292 -50.74 20.60 7.43
C HIS C 292 -50.85 22.03 6.93
N GLU C 293 -49.88 22.86 7.29
CA GLU C 293 -49.79 24.23 6.76
C GLU C 293 -49.51 24.21 5.25
N LEU C 294 -48.61 23.32 4.83
CA LEU C 294 -48.28 23.17 3.42
C LEU C 294 -49.54 22.92 2.59
N PHE C 295 -50.42 22.07 3.09
CA PHE C 295 -51.46 21.45 2.25
C PHE C 295 -52.68 22.36 2.12
N GLU C 296 -52.67 23.49 2.82
CA GLU C 296 -53.64 24.53 2.57
C GLU C 296 -53.02 25.66 1.77
N MET C 297 -51.96 25.35 1.04
CA MET C 297 -51.61 26.08 -0.16
C MET C 297 -51.94 25.25 -1.39
N GLU C 298 -51.79 25.86 -2.56
CA GLU C 298 -52.28 25.27 -3.80
C GLU C 298 -51.12 24.66 -4.59
N ASN C 299 -51.43 23.61 -5.35
CA ASN C 299 -50.46 23.03 -6.27
C ASN C 299 -49.33 22.32 -5.51
N ILE C 300 -49.69 21.57 -4.49
CA ILE C 300 -48.76 20.68 -3.80
C ILE C 300 -48.56 19.40 -4.60
N THR C 301 -47.32 19.11 -4.97
CA THR C 301 -47.00 17.89 -5.69
C THR C 301 -46.38 16.87 -4.74
N ASP C 302 -46.40 15.61 -5.14
CA ASP C 302 -45.83 14.56 -4.33
C ASP C 302 -44.33 14.43 -4.60
N PRO C 303 -43.56 14.13 -3.55
CA PRO C 303 -42.17 13.72 -3.74
C PRO C 303 -42.06 12.56 -4.70
N PRO C 304 -40.89 12.39 -5.32
CA PRO C 304 -40.67 11.26 -6.19
C PRO C 304 -40.81 9.94 -5.45
N ARG C 305 -41.27 8.92 -6.16
CA ARG C 305 -41.43 7.61 -5.59
C ARG C 305 -40.25 6.72 -5.96
N GLY C 306 -39.31 6.57 -5.03
CA GLY C 306 -38.06 5.87 -5.31
C GLY C 306 -37.04 6.76 -6.00
N CYS C 307 -35.81 6.27 -6.07
CA CYS C 307 -34.72 7.03 -6.67
C CYS C 307 -34.55 6.68 -8.15
N VAL C 308 -34.75 5.41 -8.48
CA VAL C 308 -34.36 4.89 -9.77
C VAL C 308 -35.17 5.55 -10.88
N GLY C 309 -34.47 6.19 -11.81
CA GLY C 309 -35.12 6.81 -12.96
C GLY C 309 -35.58 8.24 -12.68
N ASN C 310 -35.33 8.71 -11.47
CA ASN C 310 -35.78 10.05 -11.06
C ASN C 310 -34.59 10.95 -10.75
N THR C 311 -34.47 12.04 -11.52
CA THR C 311 -33.31 12.93 -11.39
C THR C 311 -33.72 14.39 -11.32
N ASN C 312 -35.01 14.65 -11.53
CA ASN C 312 -35.57 15.99 -11.25
C ASN C 312 -35.83 16.15 -9.75
N ILE C 313 -35.76 17.40 -9.29
CA ILE C 313 -36.05 17.70 -7.89
C ILE C 313 -37.54 17.59 -7.61
N TRP C 314 -37.88 17.39 -6.35
CA TRP C 314 -39.26 17.53 -5.89
C TRP C 314 -39.68 19.00 -5.97
N LYS C 315 -40.63 19.29 -6.85
CA LYS C 315 -40.92 20.68 -7.25
C LYS C 315 -41.44 21.49 -6.06
N THR C 316 -42.00 20.80 -5.08
CA THR C 316 -42.57 21.45 -3.90
C THR C 316 -41.55 21.50 -2.74
N GLY C 317 -40.42 20.84 -2.93
CA GLY C 317 -39.40 20.75 -1.88
C GLY C 317 -39.03 22.11 -1.29
N PRO C 318 -38.67 23.06 -2.17
CA PRO C 318 -38.18 24.36 -1.70
C PRO C 318 -39.27 25.15 -0.97
N LEU C 319 -40.51 24.98 -1.39
CA LEU C 319 -41.65 25.59 -0.70
C LEU C 319 -41.78 25.01 0.69
N PHE C 320 -41.69 23.69 0.80
CA PHE C 320 -41.87 23.01 2.07
C PHE C 320 -40.72 23.34 3.01
N LYS C 321 -39.52 23.52 2.45
CA LYS C 321 -38.40 24.00 3.24
C LYS C 321 -38.70 25.34 3.86
N ARG C 322 -39.31 26.23 3.09
CA ARG C 322 -39.61 27.58 3.58
C ARG C 322 -40.64 27.54 4.70
N VAL C 323 -41.69 26.76 4.51
CA VAL C 323 -42.71 26.58 5.54
C VAL C 323 -42.08 26.05 6.83
N LEU C 324 -41.26 25.01 6.72
CA LEU C 324 -40.54 24.47 7.87
C LEU C 324 -39.69 25.54 8.54
N MET C 325 -38.95 26.29 7.75
CA MET C 325 -37.99 27.26 8.27
C MET C 325 -38.69 28.26 9.19
N SER C 326 -39.95 28.55 8.89
CA SER C 326 -40.67 29.62 9.59
C SER C 326 -41.72 29.04 10.55
N SER C 327 -41.66 27.73 10.78
CA SER C 327 -42.55 27.08 11.73
C SER C 327 -42.14 27.37 13.18
N LYS C 328 -43.11 27.78 14.00
CA LYS C 328 -42.89 27.93 15.43
C LYS C 328 -43.69 26.90 16.22
N TYR C 329 -43.03 26.21 17.14
CA TYR C 329 -43.71 25.28 18.05
C TYR C 329 -43.35 25.56 19.50
N PRO C 330 -44.21 26.30 20.21
CA PRO C 330 -43.83 26.96 21.47
C PRO C 330 -43.66 25.97 22.63
N ASP C 331 -44.47 24.91 22.64
CA ASP C 331 -44.55 24.02 23.80
C ASP C 331 -43.88 22.66 23.51
N GLY C 332 -42.66 22.71 22.99
CA GLY C 332 -41.88 21.50 22.74
C GLY C 332 -41.29 20.94 24.03
N VAL C 333 -41.03 19.63 24.03
CA VAL C 333 -40.34 18.99 25.14
C VAL C 333 -39.04 19.73 25.44
N THR C 334 -38.31 20.07 24.39
CA THR C 334 -37.00 20.68 24.55
C THR C 334 -37.10 22.19 24.50
N GLY C 335 -38.33 22.70 24.60
CA GLY C 335 -38.56 24.12 24.80
C GLY C 335 -39.20 24.78 23.58
N ARG C 336 -38.91 26.06 23.40
CA ARG C 336 -39.48 26.82 22.30
C ARG C 336 -38.72 26.54 21.02
N ILE C 337 -39.44 26.12 19.99
CA ILE C 337 -38.81 25.69 18.76
C ILE C 337 -39.07 26.67 17.63
N GLU C 338 -38.05 27.43 17.28
CA GLU C 338 -37.98 28.09 15.97
C GLU C 338 -36.62 27.81 15.29
N PHE C 339 -36.49 28.26 14.05
CA PHE C 339 -35.24 28.10 13.31
C PHE C 339 -34.77 29.44 12.79
N ASN C 340 -33.45 29.63 12.73
CA ASN C 340 -32.88 30.82 12.15
C ASN C 340 -32.64 30.63 10.64
N GLU C 341 -31.91 31.56 10.05
CA GLU C 341 -31.84 31.66 8.59
C GLU C 341 -30.97 30.54 8.01
N ASP C 342 -30.25 29.84 8.87
CA ASP C 342 -29.46 28.67 8.46
C ASP C 342 -30.19 27.37 8.79
N GLY C 343 -31.44 27.48 9.23
CA GLY C 343 -32.22 26.31 9.59
C GLY C 343 -31.78 25.70 10.92
N ASP C 344 -31.07 26.48 11.71
CA ASP C 344 -30.56 25.99 13.00
C ASP C 344 -31.53 26.36 14.14
N ARG C 345 -31.58 25.52 15.16
CA ARG C 345 -32.50 25.72 16.28
C ARG C 345 -32.21 27.02 17.01
N LYS C 346 -33.25 27.80 17.27
CA LYS C 346 -33.14 28.96 18.16
C LYS C 346 -33.73 28.64 19.55
N PHE C 347 -33.46 29.52 20.52
CA PHE C 347 -33.99 29.39 21.87
C PHE C 347 -33.66 28.03 22.45
N ALA C 348 -32.46 27.54 22.15
CA ALA C 348 -31.92 26.38 22.86
C ALA C 348 -31.58 26.74 24.30
N GLN C 349 -31.59 25.74 25.18
CA GLN C 349 -31.31 25.94 26.60
C GLN C 349 -30.05 25.19 27.01
N TYR C 350 -29.24 25.84 27.85
CA TYR C 350 -27.95 25.28 28.26
C TYR C 350 -27.84 25.26 29.76
N SER C 351 -27.26 24.20 30.30
CA SER C 351 -26.70 24.22 31.65
C SER C 351 -25.35 24.95 31.66
N ILE C 352 -25.20 25.89 32.58
CA ILE C 352 -23.92 26.48 32.86
C ILE C 352 -23.21 25.72 33.96
N MET C 353 -22.06 25.12 33.61
CA MET C 353 -21.43 24.11 34.46
C MET C 353 -20.11 24.64 34.98
N ASN C 354 -19.78 24.27 36.21
CA ASN C 354 -18.59 24.77 36.88
C ASN C 354 -17.90 23.64 37.62
N LEU C 355 -16.61 23.47 37.38
CA LEU C 355 -15.87 22.33 37.91
C LEU C 355 -15.51 22.57 39.39
N GLN C 356 -16.33 22.02 40.30
CA GLN C 356 -16.10 22.15 41.74
C GLN C 356 -15.82 20.78 42.36
N ASN C 357 -14.81 20.71 43.21
CA ASN C 357 -14.52 19.51 43.97
C ASN C 357 -14.68 18.28 43.09
N ARG C 358 -14.07 18.31 41.91
CA ARG C 358 -13.95 17.13 41.08
C ARG C 358 -15.31 16.65 40.63
N LYS C 359 -16.27 17.56 40.63
CA LYS C 359 -17.55 17.31 39.99
C LYS C 359 -17.93 18.49 39.09
N LEU C 360 -18.56 18.19 37.97
CA LEU C 360 -19.24 19.21 37.20
C LEU C 360 -20.57 19.57 37.84
N VAL C 361 -20.73 20.84 38.20
CA VAL C 361 -21.87 21.29 38.96
C VAL C 361 -22.59 22.42 38.23
N GLN C 362 -23.90 22.28 38.11
CA GLN C 362 -24.70 23.30 37.44
C GLN C 362 -24.88 24.51 38.34
N VAL C 363 -24.44 25.67 37.86
CA VAL C 363 -24.51 26.89 38.63
C VAL C 363 -25.47 27.88 37.98
N GLY C 364 -26.17 27.42 36.95
CA GLY C 364 -27.15 28.25 36.27
C GLY C 364 -27.65 27.62 34.99
N ILE C 365 -28.55 28.31 34.30
CA ILE C 365 -29.00 27.90 32.99
C ILE C 365 -29.26 29.12 32.11
N PHE C 366 -28.83 29.05 30.87
CA PHE C 366 -29.31 29.94 29.83
C PHE C 366 -30.64 29.43 29.27
N ASN C 367 -31.71 30.20 29.47
CA ASN C 367 -33.07 29.68 29.32
C ASN C 367 -33.54 29.84 27.87
N GLY C 368 -32.67 30.37 27.02
CA GLY C 368 -32.99 30.54 25.61
C GLY C 368 -32.84 31.98 25.17
N SER C 369 -32.94 32.91 26.13
CA SER C 369 -32.75 34.33 25.84
C SER C 369 -32.05 35.04 27.01
N TYR C 370 -32.06 34.40 28.18
CA TYR C 370 -31.59 35.05 29.41
C TYR C 370 -30.87 34.05 30.32
N ILE C 371 -29.84 34.51 31.00
CA ILE C 371 -29.18 33.72 32.03
C ILE C 371 -29.99 33.73 33.32
N ILE C 372 -30.04 32.58 33.98
CA ILE C 372 -30.69 32.48 35.28
C ILE C 372 -29.78 31.76 36.27
N GLN C 373 -29.21 32.52 37.20
CA GLN C 373 -28.28 31.95 38.17
C GLN C 373 -29.04 31.20 39.26
N ASN C 374 -28.63 29.96 39.51
CA ASN C 374 -29.15 29.20 40.64
C ASN C 374 -28.28 29.44 41.88
N ASP C 375 -28.69 28.83 42.99
CA ASP C 375 -28.21 29.25 44.31
C ASP C 375 -26.76 28.83 44.51
N ARG C 376 -26.30 27.86 43.71
CA ARG C 376 -24.95 27.34 43.85
C ARG C 376 -23.91 28.43 43.60
N LYS C 377 -22.98 28.57 44.55
CA LYS C 377 -21.87 29.51 44.38
C LYS C 377 -20.86 28.98 43.38
N ILE C 378 -20.55 29.81 42.38
CA ILE C 378 -19.45 29.52 41.47
C ILE C 378 -18.11 29.55 42.19
N ILE C 379 -17.25 28.59 41.89
CA ILE C 379 -15.88 28.62 42.37
C ILE C 379 -14.92 28.83 41.20
N TRP C 380 -14.18 29.93 41.24
CA TRP C 380 -13.29 30.29 40.13
C TRP C 380 -11.95 29.60 40.28
N PRO C 381 -11.15 29.59 39.21
CA PRO C 381 -9.82 28.98 39.25
C PRO C 381 -8.93 29.62 40.32
N GLY C 382 -8.34 28.79 41.17
CA GLY C 382 -7.91 29.22 42.49
C GLY C 382 -8.94 28.89 43.56
N GLY C 383 -9.82 29.85 43.85
CA GLY C 383 -10.76 29.71 44.95
C GLY C 383 -11.12 31.04 45.56
N PRO D 1 3.20 -8.14 -18.87
CA PRO D 1 2.84 -7.37 -17.68
C PRO D 1 1.44 -7.73 -17.16
N PRO D 2 1.23 -7.60 -15.84
CA PRO D 2 -0.07 -7.85 -15.23
C PRO D 2 -1.13 -6.84 -15.67
N SER D 3 -2.39 -7.27 -15.65
CA SER D 3 -3.50 -6.44 -16.10
C SER D 3 -4.21 -5.79 -14.91
N ILE D 4 -4.63 -4.55 -15.07
CA ILE D 4 -5.53 -3.91 -14.11
C ILE D 4 -6.88 -3.63 -14.75
N GLY D 5 -7.94 -3.90 -14.02
CA GLY D 5 -9.28 -3.59 -14.48
C GLY D 5 -9.56 -2.11 -14.52
N ILE D 6 -10.07 -1.62 -15.64
CA ILE D 6 -10.61 -0.26 -15.72
C ILE D 6 -12.01 -0.27 -16.33
N ALA D 7 -12.99 0.13 -15.55
CA ALA D 7 -14.36 0.28 -16.04
C ALA D 7 -14.53 1.63 -16.73
N VAL D 8 -14.92 1.58 -18.00
CA VAL D 8 -15.40 2.77 -18.69
C VAL D 8 -16.91 2.78 -18.72
N ILE D 9 -17.52 3.70 -17.97
CA ILE D 9 -18.96 3.74 -17.83
C ILE D 9 -19.54 4.84 -18.73
N LEU D 10 -20.47 4.45 -19.60
CA LEU D 10 -21.00 5.37 -20.61
C LEU D 10 -22.51 5.54 -20.43
N VAL D 11 -22.91 6.75 -20.08
CA VAL D 11 -24.33 7.10 -20.02
C VAL D 11 -24.75 7.80 -21.28
N GLY D 12 -25.86 7.34 -21.88
CA GLY D 12 -26.45 8.00 -23.01
C GLY D 12 -25.83 7.54 -24.32
N THR D 13 -26.38 8.03 -25.43
CA THR D 13 -25.92 7.62 -26.75
C THR D 13 -24.42 7.88 -26.90
N SER D 14 -23.72 6.93 -27.49
CA SER D 14 -22.28 7.03 -27.66
C SER D 14 -21.77 5.91 -28.54
N ASP D 15 -20.77 6.20 -29.35
CA ASP D 15 -20.22 5.21 -30.27
C ASP D 15 -19.15 4.36 -29.58
N GLU D 16 -19.55 3.20 -29.07
CA GLU D 16 -18.63 2.27 -28.44
C GLU D 16 -17.48 1.92 -29.38
N VAL D 17 -17.81 1.73 -30.66
CA VAL D 17 -16.81 1.32 -31.65
C VAL D 17 -15.77 2.42 -31.83
N ALA D 18 -16.23 3.66 -31.99
CA ALA D 18 -15.32 4.80 -32.17
C ALA D 18 -14.45 4.99 -30.93
N ILE D 19 -14.99 4.65 -29.77
CA ILE D 19 -14.26 4.79 -28.51
C ILE D 19 -13.20 3.71 -28.40
N LYS D 20 -13.62 2.46 -28.52
CA LYS D 20 -12.69 1.32 -28.51
C LYS D 20 -11.60 1.51 -29.57
N ASP D 21 -11.94 2.21 -30.65
CA ASP D 21 -11.01 2.43 -31.76
C ASP D 21 -9.85 3.30 -31.32
N ALA D 22 -10.15 4.39 -30.62
CA ALA D 22 -9.12 5.34 -30.21
C ALA D 22 -8.21 4.72 -29.16
N HIS D 23 -8.71 3.70 -28.47
CA HIS D 23 -7.95 3.02 -27.43
C HIS D 23 -7.26 1.78 -27.99
N HIS D 29 1.11 0.85 -24.57
CA HIS D 29 1.16 0.80 -23.11
C HIS D 29 2.27 -0.12 -22.64
N HIS D 30 3.47 0.06 -23.19
CA HIS D 30 4.65 -0.70 -22.77
C HIS D 30 5.11 -0.26 -21.38
N LEU D 31 4.19 -0.27 -20.41
CA LEU D 31 4.49 0.10 -19.03
C LEU D 31 4.65 -1.15 -18.15
N SER D 32 4.68 -0.94 -16.83
CA SER D 32 4.76 -2.06 -15.88
C SER D 32 3.42 -2.76 -15.77
N VAL D 33 2.38 -2.14 -16.30
CA VAL D 33 1.03 -2.65 -16.20
C VAL D 33 0.27 -2.35 -17.49
N VAL D 34 -0.66 -3.22 -17.85
CA VAL D 34 -1.56 -2.96 -18.98
C VAL D 34 -3.01 -2.98 -18.54
N PRO D 35 -3.82 -2.11 -19.14
CA PRO D 35 -5.24 -2.01 -18.85
C PRO D 35 -6.02 -3.18 -19.44
N ARG D 36 -6.91 -3.76 -18.64
CA ARG D 36 -8.01 -4.56 -19.17
C ARG D 36 -9.31 -3.76 -19.11
N VAL D 37 -9.74 -3.26 -20.27
CA VAL D 37 -10.80 -2.25 -20.31
C VAL D 37 -12.17 -2.91 -20.48
N GLU D 38 -13.12 -2.50 -19.66
CA GLU D 38 -14.49 -2.98 -19.76
C GLU D 38 -15.45 -1.80 -19.98
N LEU D 39 -16.01 -1.69 -21.19
CA LEU D 39 -17.08 -0.74 -21.47
C LEU D 39 -18.39 -1.21 -20.85
N VAL D 40 -18.99 -0.37 -20.02
CA VAL D 40 -20.34 -0.60 -19.53
C VAL D 40 -21.24 0.56 -19.92
N ALA D 41 -22.47 0.24 -20.30
CA ALA D 41 -23.47 1.25 -20.62
C ALA D 41 -24.48 1.39 -19.49
N MET D 42 -24.75 2.63 -19.09
CA MET D 42 -25.76 2.90 -18.07
C MET D 42 -26.87 3.79 -18.65
N ASN D 43 -28.08 3.62 -18.15
CA ASN D 43 -29.24 4.34 -18.67
C ASN D 43 -29.66 5.46 -17.72
N GLU D 44 -29.46 5.24 -16.42
CA GLU D 44 -30.00 6.15 -15.40
C GLU D 44 -28.88 6.80 -14.60
N THR D 45 -29.16 7.98 -14.06
CA THR D 45 -28.13 8.80 -13.43
C THR D 45 -28.64 9.37 -12.10
N ASP D 46 -29.63 8.71 -11.52
CA ASP D 46 -29.98 8.92 -10.11
C ASP D 46 -28.95 8.24 -9.19
N PRO D 47 -28.95 8.61 -7.90
CA PRO D 47 -27.88 8.20 -6.98
C PRO D 47 -27.83 6.69 -6.79
N LYS D 48 -28.99 6.06 -6.63
CA LYS D 48 -29.05 4.62 -6.43
C LYS D 48 -28.50 3.87 -7.65
N SER D 49 -28.93 4.30 -8.83
CA SER D 49 -28.50 3.66 -10.07
C SER D 49 -26.98 3.75 -10.23
N ILE D 50 -26.44 4.93 -9.96
CA ILE D 50 -25.01 5.16 -10.14
C ILE D 50 -24.21 4.39 -9.10
N ILE D 51 -24.68 4.42 -7.85
CA ILE D 51 -24.00 3.73 -6.76
C ILE D 51 -24.01 2.21 -6.99
N THR D 52 -25.19 1.66 -7.26
CA THR D 52 -25.36 0.21 -7.38
C THR D 52 -24.59 -0.32 -8.59
N ARG D 53 -24.53 0.49 -9.65
CA ARG D 53 -23.88 0.07 -10.88
C ARG D 53 -22.38 -0.05 -10.67
N ILE D 54 -21.78 0.96 -10.03
CA ILE D 54 -20.34 0.95 -9.76
C ILE D 54 -19.99 -0.10 -8.70
N CYS D 55 -20.90 -0.30 -7.75
CA CYS D 55 -20.67 -1.24 -6.65
C CYS D 55 -20.76 -2.68 -7.14
N ASP D 56 -21.67 -2.93 -8.08
CA ASP D 56 -21.78 -4.24 -8.71
C ASP D 56 -20.54 -4.54 -9.56
N LEU D 57 -20.09 -3.53 -10.31
CA LEU D 57 -18.85 -3.66 -11.07
C LEU D 57 -17.70 -4.07 -10.16
N MET D 58 -17.64 -3.46 -8.99
CA MET D 58 -16.48 -3.58 -8.12
C MET D 58 -16.46 -4.95 -7.45
N SER D 59 -17.62 -5.58 -7.37
CA SER D 59 -17.74 -6.88 -6.75
C SER D 59 -17.73 -7.99 -7.79
N ASP D 60 -17.48 -7.63 -9.05
CA ASP D 60 -17.53 -8.58 -10.15
C ASP D 60 -16.20 -8.67 -10.90
N ARG D 61 -15.52 -7.53 -11.02
CA ARG D 61 -14.09 -7.53 -11.36
C ARG D 61 -13.30 -6.82 -10.28
N LYS D 62 -11.97 -6.98 -10.31
CA LYS D 62 -11.07 -6.06 -9.65
C LYS D 62 -10.93 -4.78 -10.47
N ILE D 63 -11.62 -3.73 -10.04
CA ILE D 63 -11.55 -2.44 -10.71
C ILE D 63 -10.54 -1.54 -10.02
N GLN D 64 -9.46 -1.22 -10.72
CA GLN D 64 -8.45 -0.30 -10.22
C GLN D 64 -8.92 1.15 -10.35
N GLY D 65 -9.84 1.40 -11.28
CA GLY D 65 -10.25 2.77 -11.58
C GLY D 65 -11.47 2.82 -12.49
N VAL D 66 -12.19 3.93 -12.42
CA VAL D 66 -13.37 4.13 -13.25
C VAL D 66 -13.19 5.34 -14.15
N VAL D 67 -13.53 5.19 -15.42
CA VAL D 67 -13.66 6.33 -16.33
C VAL D 67 -15.13 6.53 -16.71
N PHE D 68 -15.65 7.73 -16.42
CA PHE D 68 -17.10 7.96 -16.45
C PHE D 68 -17.42 9.10 -17.40
N ALA D 69 -18.36 8.87 -18.31
CA ALA D 69 -18.83 9.91 -19.21
C ALA D 69 -20.36 9.84 -19.37
N ASP D 70 -21.00 11.00 -19.36
CA ASP D 70 -22.44 11.05 -19.55
C ASP D 70 -22.81 12.19 -20.51
N ASP D 71 -24.04 12.15 -21.01
CA ASP D 71 -24.50 13.10 -22.02
C ASP D 71 -25.55 14.03 -21.43
N THR D 72 -25.48 14.24 -20.12
CA THR D 72 -26.50 15.01 -19.41
C THR D 72 -25.95 16.35 -18.97
N ASP D 73 -26.81 17.16 -18.37
CA ASP D 73 -26.41 18.45 -17.80
C ASP D 73 -26.44 18.39 -16.27
N GLN D 74 -26.32 17.18 -15.72
CA GLN D 74 -26.64 16.94 -14.30
C GLN D 74 -25.37 17.00 -13.45
N GLU D 75 -25.08 18.18 -12.91
CA GLU D 75 -23.84 18.42 -12.20
C GLU D 75 -23.77 17.59 -10.91
N ALA D 76 -24.92 17.07 -10.50
CA ALA D 76 -25.00 16.26 -9.28
C ALA D 76 -24.30 14.91 -9.47
N ILE D 77 -24.18 14.48 -10.72
CA ILE D 77 -23.44 13.27 -11.04
C ILE D 77 -22.02 13.34 -10.49
N ALA D 78 -21.39 14.50 -10.64
CA ALA D 78 -20.03 14.71 -10.16
C ALA D 78 -19.96 14.55 -8.64
N GLN D 79 -20.95 15.10 -7.95
CA GLN D 79 -21.03 15.02 -6.50
C GLN D 79 -21.14 13.56 -6.05
N ILE D 80 -21.98 12.80 -6.75
CA ILE D 80 -22.21 11.42 -6.41
C ILE D 80 -20.95 10.61 -6.63
N LEU D 81 -20.21 10.96 -7.67
CA LEU D 81 -18.98 10.24 -8.01
C LEU D 81 -17.89 10.53 -7.00
N ASP D 82 -17.82 11.79 -6.53
CA ASP D 82 -16.86 12.16 -5.50
C ASP D 82 -17.12 11.37 -4.23
N PHE D 83 -18.39 11.31 -3.83
CA PHE D 83 -18.80 10.58 -2.64
C PHE D 83 -18.41 9.10 -2.75
N ILE D 84 -18.70 8.50 -3.90
CA ILE D 84 -18.39 7.09 -4.12
C ILE D 84 -16.87 6.88 -4.12
N SER D 85 -16.14 7.79 -4.79
CA SER D 85 -14.68 7.68 -4.89
C SER D 85 -14.05 7.74 -3.50
N ALA D 86 -14.53 8.65 -2.66
CA ALA D 86 -13.96 8.85 -1.34
C ALA D 86 -14.29 7.66 -0.43
N GLN D 87 -15.50 7.14 -0.57
CA GLN D 87 -15.97 6.06 0.31
C GLN D 87 -15.27 4.75 -0.02
N THR D 88 -15.00 4.52 -1.30
CA THR D 88 -14.42 3.24 -1.74
C THR D 88 -12.93 3.36 -1.95
N LEU D 89 -12.41 4.57 -1.77
CA LEU D 89 -11.04 4.87 -2.18
C LEU D 89 -10.71 4.22 -3.52
N THR D 90 -11.45 4.65 -4.55
CA THR D 90 -11.20 4.22 -5.92
C THR D 90 -11.10 5.44 -6.85
N PRO D 91 -10.07 5.47 -7.69
CA PRO D 91 -9.94 6.54 -8.68
C PRO D 91 -11.13 6.59 -9.64
N ILE D 92 -11.77 7.75 -9.71
CA ILE D 92 -12.81 7.99 -10.70
C ILE D 92 -12.51 9.26 -11.49
N LEU D 93 -12.53 9.15 -12.81
CA LEU D 93 -12.38 10.31 -13.68
C LEU D 93 -13.72 10.68 -14.32
N GLY D 94 -14.16 11.91 -14.09
CA GLY D 94 -15.31 12.46 -14.80
C GLY D 94 -14.90 13.27 -16.00
N ILE D 95 -15.07 12.69 -17.19
CA ILE D 95 -14.38 13.17 -18.38
C ILE D 95 -15.33 13.93 -19.33
N HIS D 96 -16.64 13.78 -19.11
CA HIS D 96 -17.63 14.38 -20.01
C HIS D 96 -19.00 14.50 -19.35
N GLY D 97 -19.69 15.60 -19.63
CA GLY D 97 -21.08 15.77 -19.22
C GLY D 97 -21.20 16.26 -17.80
N GLY D 98 -22.27 15.83 -17.12
CA GLY D 98 -22.49 16.20 -15.72
C GLY D 98 -21.32 15.82 -14.82
N SER D 99 -20.66 14.71 -15.14
CA SER D 99 -19.59 14.20 -14.30
C SER D 99 -18.38 15.15 -14.32
N SER D 100 -18.31 16.01 -15.33
CA SER D 100 -17.15 16.88 -15.54
C SER D 100 -17.42 18.31 -15.07
N MET D 101 -18.63 18.56 -14.60
CA MET D 101 -19.02 19.89 -14.15
C MET D 101 -18.47 20.18 -12.75
N ILE D 102 -17.90 21.37 -12.57
CA ILE D 102 -16.95 21.59 -11.50
C ILE D 102 -17.55 21.17 -10.17
N MET D 103 -16.85 20.30 -9.47
CA MET D 103 -17.20 19.93 -8.13
C MET D 103 -16.20 20.54 -7.15
N ALA D 104 -16.57 21.66 -6.56
CA ALA D 104 -15.72 22.33 -5.59
C ALA D 104 -15.76 21.60 -4.25
N ASP D 105 -14.71 21.75 -3.47
CA ASP D 105 -14.61 21.06 -2.17
C ASP D 105 -14.89 19.57 -2.32
N LYS D 106 -14.06 18.88 -3.09
CA LYS D 106 -14.02 17.44 -3.08
C LYS D 106 -13.55 16.93 -1.73
N ASP D 107 -14.05 15.78 -1.34
CA ASP D 107 -13.75 15.20 -0.03
C ASP D 107 -12.23 15.07 0.16
N GLU D 108 -11.78 15.16 1.41
CA GLU D 108 -10.35 14.99 1.73
C GLU D 108 -9.80 13.67 1.16
N SER D 109 -10.64 12.64 1.15
CA SER D 109 -10.19 11.29 0.78
C SER D 109 -10.52 10.97 -0.67
N SER D 110 -11.05 11.96 -1.38
CA SER D 110 -11.52 11.75 -2.73
C SER D 110 -10.36 11.36 -3.64
N MET D 111 -10.63 10.47 -4.58
CA MET D 111 -9.74 10.29 -5.71
C MET D 111 -10.52 10.54 -7.01
N PHE D 112 -11.32 11.62 -7.00
CA PHE D 112 -12.17 11.97 -8.11
C PHE D 112 -11.58 13.16 -8.87
N PHE D 113 -11.30 12.97 -10.15
CA PHE D 113 -10.67 13.99 -10.98
C PHE D 113 -11.50 14.27 -12.20
N GLN D 114 -11.56 15.53 -12.61
CA GLN D 114 -12.46 15.96 -13.68
C GLN D 114 -11.69 16.61 -14.82
N PHE D 115 -12.11 16.31 -16.05
CA PHE D 115 -11.69 17.10 -17.20
C PHE D 115 -12.42 18.45 -17.17
N GLY D 116 -11.71 19.49 -17.56
CA GLY D 116 -12.28 20.82 -17.61
C GLY D 116 -11.68 21.73 -16.57
N PRO D 117 -12.02 23.02 -16.64
CA PRO D 117 -11.28 24.07 -15.94
C PRO D 117 -11.76 24.23 -14.50
N SER D 118 -10.84 24.58 -13.61
CA SER D 118 -11.19 24.99 -12.28
C SER D 118 -12.11 26.21 -12.33
N ILE D 119 -12.63 26.59 -11.16
CA ILE D 119 -13.42 27.79 -11.01
C ILE D 119 -12.55 29.02 -11.20
N GLU D 120 -11.37 29.00 -10.59
CA GLU D 120 -10.49 30.17 -10.57
C GLU D 120 -9.97 30.46 -11.97
N GLN D 121 -9.75 29.42 -12.75
CA GLN D 121 -9.28 29.56 -14.13
C GLN D 121 -10.35 30.22 -15.01
N GLN D 122 -11.58 29.74 -14.88
CA GLN D 122 -12.69 30.33 -15.62
C GLN D 122 -12.91 31.79 -15.23
N ALA D 123 -12.81 32.08 -13.94
CA ALA D 123 -12.94 33.46 -13.46
C ALA D 123 -11.93 34.35 -14.15
N SER D 124 -10.70 33.88 -14.27
CA SER D 124 -9.64 34.68 -14.83
C SER D 124 -9.80 34.82 -16.35
N VAL D 125 -10.36 33.80 -16.98
CA VAL D 125 -10.64 33.86 -18.41
C VAL D 125 -11.73 34.89 -18.70
N MET D 126 -12.72 34.98 -17.82
CA MET D 126 -13.76 35.99 -17.95
C MET D 126 -13.18 37.39 -17.88
N LEU D 127 -12.27 37.61 -16.94
CA LEU D 127 -11.70 38.93 -16.70
C LEU D 127 -10.82 39.34 -17.87
N ASN D 128 -10.14 38.36 -18.47
CA ASN D 128 -9.35 38.60 -19.67
C ASN D 128 -10.25 39.02 -20.85
N ILE D 129 -11.38 38.33 -21.01
CA ILE D 129 -12.37 38.71 -22.01
C ILE D 129 -12.80 40.16 -21.80
N MET D 130 -13.19 40.47 -20.56
CA MET D 130 -13.64 41.79 -20.23
C MET D 130 -12.55 42.83 -20.53
N GLU D 131 -11.30 42.46 -20.27
CA GLU D 131 -10.17 43.39 -20.47
C GLU D 131 -9.97 43.67 -21.95
N GLU D 132 -10.19 42.64 -22.77
CA GLU D 132 -10.04 42.76 -24.21
C GLU D 132 -10.90 43.89 -24.77
N TYR D 133 -12.14 43.99 -24.27
CA TYR D 133 -13.12 44.94 -24.81
C TYR D 133 -13.37 46.10 -23.83
N ASP D 134 -12.49 46.23 -22.84
CA ASP D 134 -12.61 47.29 -21.83
C ASP D 134 -13.99 47.28 -21.16
N TRP D 135 -14.42 46.10 -20.73
CA TRP D 135 -15.62 45.98 -19.91
C TRP D 135 -15.27 45.97 -18.44
N TYR D 136 -15.07 47.15 -17.87
CA TYR D 136 -14.39 47.27 -16.59
C TYR D 136 -15.41 47.40 -15.45
N ILE D 137 -16.67 47.61 -15.81
CA ILE D 137 -17.70 47.91 -14.84
C ILE D 137 -18.78 46.83 -14.85
N PHE D 138 -18.88 46.10 -13.75
CA PHE D 138 -19.59 44.82 -13.76
C PHE D 138 -20.15 44.47 -12.39
N SER D 139 -21.12 43.57 -12.38
CA SER D 139 -21.62 42.97 -11.16
C SER D 139 -21.45 41.45 -11.20
N ILE D 140 -21.57 40.81 -10.05
CA ILE D 140 -21.58 39.35 -9.96
C ILE D 140 -22.91 38.84 -9.39
N VAL D 141 -23.44 37.79 -9.99
CA VAL D 141 -24.54 37.03 -9.38
C VAL D 141 -24.16 35.55 -9.24
N THR D 142 -24.36 35.00 -8.03
CA THR D 142 -24.21 33.57 -7.82
C THR D 142 -25.36 33.01 -7.04
N THR D 143 -25.53 31.70 -7.08
CA THR D 143 -26.31 30.98 -6.10
C THR D 143 -25.40 30.42 -5.03
N TYR D 144 -25.93 29.48 -4.24
CA TYR D 144 -25.15 28.86 -3.19
C TYR D 144 -24.44 27.63 -3.72
N PHE D 145 -24.52 27.41 -5.02
CA PHE D 145 -23.83 26.28 -5.64
C PHE D 145 -22.35 26.29 -5.25
N PRO D 146 -21.84 25.14 -4.78
CA PRO D 146 -20.48 25.08 -4.26
C PRO D 146 -19.48 25.69 -5.24
N GLY D 147 -18.55 26.47 -4.72
CA GLY D 147 -17.57 27.14 -5.54
C GLY D 147 -17.83 28.63 -5.67
N TYR D 148 -19.04 29.05 -5.31
CA TYR D 148 -19.45 30.45 -5.53
C TYR D 148 -18.51 31.42 -4.80
N GLN D 149 -18.02 31.01 -3.63
CA GLN D 149 -17.12 31.85 -2.83
C GLN D 149 -15.75 31.92 -3.48
N ASP D 150 -15.28 30.80 -4.00
CA ASP D 150 -14.03 30.76 -4.74
C ASP D 150 -14.11 31.67 -5.98
N PHE D 151 -15.26 31.65 -6.65
CA PHE D 151 -15.47 32.46 -7.85
C PHE D 151 -15.37 33.94 -7.51
N VAL D 152 -16.13 34.35 -6.50
CA VAL D 152 -16.15 35.75 -6.06
C VAL D 152 -14.78 36.17 -5.51
N ASN D 153 -14.17 35.31 -4.71
CA ASN D 153 -12.89 35.62 -4.10
C ASN D 153 -11.81 35.79 -5.15
N LYS D 154 -11.86 34.97 -6.19
CA LYS D 154 -10.87 35.02 -7.25
C LYS D 154 -11.02 36.31 -8.08
N ILE D 155 -12.25 36.65 -8.43
CA ILE D 155 -12.53 37.93 -9.09
C ILE D 155 -12.00 39.09 -8.25
N ARG D 156 -12.38 39.11 -6.97
CA ARG D 156 -12.06 40.22 -6.09
C ARG D 156 -10.55 40.32 -5.87
N SER D 157 -9.92 39.17 -5.65
CA SER D 157 -8.46 39.12 -5.51
C SER D 157 -7.78 39.78 -6.72
N THR D 158 -8.29 39.48 -7.91
CA THR D 158 -7.60 39.84 -9.15
C THR D 158 -7.70 41.35 -9.39
N ILE D 159 -8.89 41.91 -9.18
CA ILE D 159 -9.13 43.31 -9.51
C ILE D 159 -8.59 44.25 -8.42
N GLU D 160 -8.53 43.76 -7.19
CA GLU D 160 -7.88 44.51 -6.11
C GLU D 160 -6.39 44.67 -6.38
N ASN D 161 -5.84 43.72 -7.14
CA ASN D 161 -4.41 43.68 -7.41
C ASN D 161 -4.09 44.20 -8.81
N SER D 162 -4.84 45.22 -9.24
CA SER D 162 -4.76 45.70 -10.62
C SER D 162 -4.65 47.23 -10.66
N PHE D 163 -3.86 47.73 -11.60
CA PHE D 163 -3.85 49.15 -11.91
C PHE D 163 -4.99 49.51 -12.87
N VAL D 164 -5.66 48.49 -13.40
CA VAL D 164 -6.80 48.69 -14.28
C VAL D 164 -8.03 49.13 -13.48
N GLY D 165 -8.86 49.97 -14.10
CA GLY D 165 -9.96 50.62 -13.37
C GLY D 165 -11.20 49.75 -13.27
N TRP D 166 -11.04 48.56 -12.69
CA TRP D 166 -12.17 47.69 -12.40
C TRP D 166 -13.13 48.36 -11.43
N GLU D 167 -14.42 48.32 -11.73
CA GLU D 167 -15.45 48.68 -10.77
C GLU D 167 -16.45 47.53 -10.59
N LEU D 168 -16.30 46.81 -9.49
CA LEU D 168 -17.28 45.79 -9.11
C LEU D 168 -18.41 46.41 -8.31
N GLU D 169 -19.59 46.49 -8.91
CA GLU D 169 -20.63 47.38 -8.42
C GLU D 169 -21.53 46.68 -7.41
N GLU D 170 -21.80 45.40 -7.64
CA GLU D 170 -22.75 44.64 -6.81
C GLU D 170 -22.44 43.14 -6.88
N VAL D 171 -22.51 42.48 -5.73
CA VAL D 171 -22.52 41.02 -5.69
C VAL D 171 -23.80 40.50 -5.08
N LEU D 172 -24.59 39.77 -5.86
CA LEU D 172 -25.83 39.18 -5.36
C LEU D 172 -25.62 37.71 -5.02
N LEU D 173 -26.26 37.27 -3.94
CA LEU D 173 -26.27 35.88 -3.56
C LEU D 173 -27.72 35.38 -3.53
N LEU D 174 -28.07 34.54 -4.50
CA LEU D 174 -29.45 34.09 -4.65
C LEU D 174 -29.66 32.73 -3.99
N ASP D 175 -30.64 32.65 -3.10
CA ASP D 175 -30.98 31.39 -2.43
C ASP D 175 -32.10 30.66 -3.17
N MET D 176 -31.72 29.69 -3.97
CA MET D 176 -32.68 28.93 -4.75
C MET D 176 -32.95 27.57 -4.12
N SER D 177 -32.72 27.47 -2.82
CA SER D 177 -33.18 26.33 -2.03
C SER D 177 -34.58 26.58 -1.46
N LEU D 178 -35.01 27.83 -1.51
CA LEU D 178 -36.37 28.19 -1.13
C LEU D 178 -37.18 28.50 -2.38
N ASP D 179 -38.50 28.39 -2.27
CA ASP D 179 -39.38 28.79 -3.36
C ASP D 179 -39.33 30.30 -3.57
N ASP D 180 -39.77 30.74 -4.74
CA ASP D 180 -39.70 32.15 -5.10
C ASP D 180 -41.10 32.75 -5.21
N GLY D 181 -41.95 32.45 -4.21
CA GLY D 181 -43.33 32.92 -4.22
C GLY D 181 -43.46 34.35 -3.77
N ASP D 182 -42.47 34.82 -3.01
CA ASP D 182 -42.45 36.21 -2.53
C ASP D 182 -41.69 37.12 -3.49
N SER D 183 -41.30 36.57 -4.65
CA SER D 183 -40.58 37.33 -5.67
C SER D 183 -39.30 37.96 -5.11
N LYS D 184 -38.59 37.21 -4.28
CA LYS D 184 -37.37 37.70 -3.65
C LYS D 184 -36.25 37.86 -4.68
N ILE D 185 -36.12 36.89 -5.57
CA ILE D 185 -35.05 36.90 -6.57
C ILE D 185 -35.23 38.09 -7.50
N GLN D 186 -36.45 38.32 -7.95
CA GLN D 186 -36.79 39.48 -8.75
C GLN D 186 -36.30 40.76 -8.08
N ASN D 187 -36.57 40.89 -6.79
CA ASN D 187 -36.25 42.10 -6.05
C ASN D 187 -34.75 42.28 -5.96
N GLN D 188 -34.02 41.18 -5.89
CA GLN D 188 -32.57 41.23 -5.82
C GLN D 188 -31.99 41.64 -7.16
N LEU D 189 -32.52 41.06 -8.24
CA LEU D 189 -32.01 41.31 -9.58
C LEU D 189 -32.23 42.78 -10.00
N LYS D 190 -33.27 43.40 -9.45
CA LYS D 190 -33.63 44.78 -9.81
C LYS D 190 -32.55 45.76 -9.34
N LYS D 191 -31.65 45.28 -8.49
CA LYS D 191 -30.57 46.13 -7.98
C LYS D 191 -29.48 46.33 -9.02
N LEU D 192 -29.47 45.47 -10.03
CA LEU D 192 -28.35 45.40 -10.96
C LEU D 192 -28.36 46.57 -11.91
N GLN D 193 -27.22 47.26 -12.01
CA GLN D 193 -27.07 48.39 -12.94
C GLN D 193 -26.08 48.05 -14.06
N SER D 194 -25.05 47.28 -13.73
CA SER D 194 -23.87 47.17 -14.56
C SER D 194 -24.24 46.65 -15.93
N PRO D 195 -23.45 47.01 -16.96
CA PRO D 195 -23.64 46.50 -18.32
C PRO D 195 -23.05 45.10 -18.51
N ILE D 196 -22.23 44.66 -17.55
CA ILE D 196 -21.69 43.31 -17.57
C ILE D 196 -22.05 42.58 -16.27
N ILE D 197 -22.58 41.37 -16.41
CA ILE D 197 -22.96 40.57 -15.25
C ILE D 197 -22.35 39.17 -15.34
N LEU D 198 -21.52 38.83 -14.36
CA LEU D 198 -20.98 37.50 -14.24
C LEU D 198 -21.89 36.63 -13.38
N LEU D 199 -22.28 35.47 -13.91
CA LEU D 199 -23.26 34.62 -13.26
C LEU D 199 -22.66 33.24 -12.98
N TYR D 200 -22.64 32.85 -11.71
CA TYR D 200 -22.14 31.53 -11.32
C TYR D 200 -23.24 30.71 -10.65
N CYS D 201 -23.58 29.59 -11.27
CA CYS D 201 -24.71 28.79 -10.86
C CYS D 201 -24.83 27.58 -11.80
N THR D 202 -25.83 26.74 -11.56
CA THR D 202 -26.05 25.57 -12.41
C THR D 202 -26.87 25.94 -13.63
N LYS D 203 -26.95 25.02 -14.58
CA LYS D 203 -27.66 25.25 -15.81
C LYS D 203 -29.15 25.43 -15.55
N GLU D 204 -29.71 24.55 -14.71
CA GLU D 204 -31.12 24.66 -14.32
C GLU D 204 -31.38 25.97 -13.56
N GLU D 205 -30.50 26.29 -12.63
CA GLU D 205 -30.61 27.53 -11.87
C GLU D 205 -30.59 28.76 -12.80
N ALA D 206 -29.66 28.75 -13.76
CA ALA D 206 -29.54 29.87 -14.71
C ALA D 206 -30.82 30.01 -15.55
N THR D 207 -31.46 28.90 -15.83
CA THR D 207 -32.68 28.89 -16.63
C THR D 207 -33.79 29.70 -15.93
N TYR D 208 -33.93 29.53 -14.62
CA TYR D 208 -34.87 30.33 -13.84
C TYR D 208 -34.38 31.79 -13.71
N ILE D 209 -33.11 31.95 -13.38
CA ILE D 209 -32.56 33.28 -13.11
C ILE D 209 -32.67 34.18 -14.36
N PHE D 210 -32.54 33.58 -15.54
CA PHE D 210 -32.67 34.32 -16.80
C PHE D 210 -34.13 34.70 -17.06
N GLU D 211 -35.04 33.77 -16.77
CA GLU D 211 -36.47 34.07 -16.87
C GLU D 211 -36.81 35.32 -16.06
N VAL D 212 -36.34 35.37 -14.83
CA VAL D 212 -36.65 36.49 -13.95
C VAL D 212 -35.96 37.76 -14.44
N ALA D 213 -34.71 37.61 -14.89
CA ALA D 213 -33.92 38.77 -15.37
C ALA D 213 -34.57 39.40 -16.60
N ASN D 214 -35.12 38.56 -17.47
CA ASN D 214 -35.86 39.04 -18.61
C ASN D 214 -37.10 39.84 -18.17
N SER D 215 -37.79 39.32 -17.16
CA SER D 215 -38.96 40.01 -16.60
C SER D 215 -38.68 41.48 -16.33
N VAL D 216 -37.51 41.74 -15.76
CA VAL D 216 -37.18 43.08 -15.28
C VAL D 216 -36.13 43.76 -16.18
N GLY D 217 -35.94 43.21 -17.38
CA GLY D 217 -35.36 43.97 -18.49
C GLY D 217 -33.84 43.97 -18.46
N LEU D 218 -33.25 42.86 -18.05
CA LEU D 218 -31.82 42.82 -17.76
C LEU D 218 -31.04 41.98 -18.78
N THR D 219 -31.71 41.56 -19.85
CA THR D 219 -31.10 40.61 -20.78
C THR D 219 -31.07 41.15 -22.20
N GLY D 220 -31.45 42.41 -22.36
CA GLY D 220 -31.50 43.03 -23.68
C GLY D 220 -30.14 43.54 -24.14
N TYR D 221 -30.16 44.54 -25.03
CA TYR D 221 -28.97 44.95 -25.76
C TYR D 221 -27.93 45.55 -24.80
N GLY D 222 -28.40 46.18 -23.73
CA GLY D 222 -27.52 46.93 -22.83
C GLY D 222 -26.78 46.04 -21.82
N TYR D 223 -27.10 44.75 -21.83
CA TYR D 223 -26.60 43.85 -20.79
C TYR D 223 -25.95 42.63 -21.40
N THR D 224 -24.72 42.35 -20.98
CA THR D 224 -24.02 41.15 -21.41
C THR D 224 -23.75 40.22 -20.21
N TRP D 225 -24.29 39.02 -20.28
CA TRP D 225 -24.10 38.02 -19.24
C TRP D 225 -22.98 37.05 -19.62
N ILE D 226 -22.14 36.73 -18.64
CA ILE D 226 -21.02 35.82 -18.88
C ILE D 226 -21.04 34.71 -17.85
N VAL D 227 -21.04 33.46 -18.33
CA VAL D 227 -21.25 32.31 -17.48
C VAL D 227 -20.17 31.26 -17.69
N PRO D 228 -20.00 30.35 -16.73
CA PRO D 228 -18.98 29.32 -16.86
C PRO D 228 -19.47 28.08 -17.59
N SER D 229 -18.57 27.13 -17.80
CA SER D 229 -18.82 25.99 -18.69
C SER D 229 -20.13 25.26 -18.36
N LEU D 230 -20.42 25.11 -17.07
CA LEU D 230 -21.48 24.21 -16.63
C LEU D 230 -22.89 24.81 -16.87
N VAL D 231 -22.94 26.11 -17.13
CA VAL D 231 -24.22 26.76 -17.46
C VAL D 231 -24.57 26.55 -18.94
N ALA D 232 -23.60 26.72 -19.82
CA ALA D 232 -23.74 26.28 -21.20
C ALA D 232 -23.96 24.78 -21.24
N GLY D 233 -23.15 24.04 -20.46
CA GLY D 233 -23.27 22.59 -20.40
C GLY D 233 -23.18 21.96 -21.78
N ASP D 234 -24.10 21.04 -22.05
CA ASP D 234 -24.28 20.51 -23.40
C ASP D 234 -24.84 21.58 -24.35
N THR D 235 -24.04 21.95 -25.33
CA THR D 235 -24.33 23.13 -26.15
C THR D 235 -25.33 22.81 -27.26
N ASP D 236 -25.75 21.55 -27.33
CA ASP D 236 -26.86 21.15 -28.20
C ASP D 236 -28.19 21.25 -27.47
N THR D 237 -28.14 21.58 -26.18
CA THR D 237 -29.35 21.77 -25.40
C THR D 237 -29.42 23.20 -24.87
N VAL D 238 -30.25 24.02 -25.52
CA VAL D 238 -30.28 25.44 -25.26
C VAL D 238 -31.67 25.84 -24.78
N PRO D 239 -31.82 26.06 -23.47
CA PRO D 239 -33.07 26.56 -22.92
C PRO D 239 -33.50 27.86 -23.59
N SER D 240 -34.78 27.95 -23.94
CA SER D 240 -35.31 29.14 -24.60
C SER D 240 -35.10 30.39 -23.72
N GLU D 241 -34.91 30.16 -22.42
CA GLU D 241 -34.78 31.25 -21.46
C GLU D 241 -33.41 31.94 -21.58
N PHE D 242 -32.43 31.22 -22.09
CA PHE D 242 -31.09 31.79 -22.29
C PHE D 242 -31.17 32.94 -23.27
N PRO D 243 -30.61 34.10 -22.90
CA PRO D 243 -30.64 35.28 -23.76
C PRO D 243 -29.63 35.20 -24.90
N THR D 244 -30.08 35.54 -26.11
CA THR D 244 -29.18 35.80 -27.20
C THR D 244 -28.09 36.79 -26.77
N GLY D 245 -26.85 36.46 -27.05
CA GLY D 245 -25.72 37.29 -26.63
C GLY D 245 -25.07 36.79 -25.36
N LEU D 246 -25.56 35.67 -24.85
CA LEU D 246 -24.91 35.00 -23.72
C LEU D 246 -23.50 34.56 -24.09
N ILE D 247 -22.53 34.91 -23.26
CA ILE D 247 -21.15 34.45 -23.43
C ILE D 247 -20.83 33.38 -22.39
N SER D 248 -20.21 32.29 -22.84
CA SER D 248 -19.74 31.25 -21.93
C SER D 248 -18.32 30.82 -22.26
N VAL D 249 -17.54 30.52 -21.22
CA VAL D 249 -16.39 29.64 -21.35
C VAL D 249 -16.84 28.19 -21.41
N SER D 250 -16.31 27.44 -22.36
CA SER D 250 -16.77 26.07 -22.58
C SER D 250 -15.60 25.09 -22.67
N TYR D 251 -15.80 23.92 -22.07
CA TYR D 251 -14.96 22.75 -22.34
C TYR D 251 -15.84 21.55 -22.67
N ASP D 252 -17.07 21.81 -23.09
CA ASP D 252 -17.86 20.85 -23.87
C ASP D 252 -17.05 20.36 -25.08
N GLU D 253 -17.19 19.08 -25.40
CA GLU D 253 -16.38 18.47 -26.45
C GLU D 253 -16.39 19.34 -27.71
N TRP D 254 -15.27 19.97 -28.00
CA TRP D 254 -15.18 20.86 -29.14
C TRP D 254 -14.05 20.43 -30.07
N ASP D 255 -12.84 20.37 -29.53
CA ASP D 255 -11.70 19.78 -30.26
C ASP D 255 -11.13 18.57 -29.52
N TYR D 256 -11.75 18.25 -28.39
CA TYR D 256 -11.28 17.16 -27.54
C TYR D 256 -12.40 16.15 -27.33
N GLY D 257 -12.53 15.22 -28.26
CA GLY D 257 -13.75 14.41 -28.36
C GLY D 257 -13.76 13.26 -27.38
N LEU D 258 -14.95 12.68 -27.19
CA LEU D 258 -15.16 11.66 -26.17
C LEU D 258 -14.14 10.51 -26.32
N PRO D 259 -13.98 10.01 -27.56
CA PRO D 259 -13.05 8.92 -27.81
C PRO D 259 -11.63 9.23 -27.30
N ALA D 260 -11.15 10.43 -27.61
CA ALA D 260 -9.83 10.86 -27.16
C ALA D 260 -9.82 10.99 -25.64
N ARG D 261 -10.93 11.44 -25.08
CA ARG D 261 -11.04 11.64 -23.65
C ARG D 261 -11.01 10.31 -22.91
N VAL D 262 -11.81 9.35 -23.36
CA VAL D 262 -11.83 8.03 -22.75
C VAL D 262 -10.44 7.41 -22.78
N ARG D 263 -9.75 7.61 -23.90
CA ARG D 263 -8.46 6.99 -24.11
C ARG D 263 -7.41 7.61 -23.18
N ASP D 264 -7.53 8.91 -22.95
CA ASP D 264 -6.62 9.61 -22.04
C ASP D 264 -6.91 9.26 -20.58
N GLY D 265 -8.19 9.11 -20.26
CA GLY D 265 -8.61 8.61 -18.95
C GLY D 265 -7.97 7.26 -18.62
N ILE D 266 -8.00 6.35 -19.58
CA ILE D 266 -7.43 5.03 -19.39
C ILE D 266 -5.91 5.13 -19.22
N ALA D 267 -5.29 6.00 -20.00
CA ALA D 267 -3.83 6.20 -19.91
C ALA D 267 -3.42 6.76 -18.55
N ILE D 268 -4.23 7.69 -18.04
CA ILE D 268 -3.94 8.33 -16.76
C ILE D 268 -3.93 7.30 -15.63
N ILE D 269 -4.95 6.46 -15.59
CA ILE D 269 -5.08 5.45 -14.55
C ILE D 269 -3.99 4.41 -14.68
N THR D 270 -3.77 3.93 -15.91
CA THR D 270 -2.75 2.92 -16.17
C THR D 270 -1.37 3.44 -15.79
N THR D 271 -0.99 4.60 -16.34
CA THR D 271 0.31 5.18 -16.08
C THR D 271 0.53 5.39 -14.59
N ALA D 272 -0.50 5.87 -13.91
CA ALA D 272 -0.41 6.12 -12.47
C ALA D 272 -0.12 4.82 -11.72
N ALA D 273 -0.84 3.76 -12.09
CA ALA D 273 -0.64 2.44 -11.49
C ALA D 273 0.78 1.94 -11.75
N SER D 274 1.23 2.09 -12.99
CA SER D 274 2.56 1.63 -13.37
C SER D 274 3.64 2.37 -12.61
N ASP D 275 3.47 3.69 -12.48
CA ASP D 275 4.44 4.53 -11.78
C ASP D 275 4.55 4.12 -10.31
N MET D 276 3.41 3.88 -9.67
CA MET D 276 3.40 3.49 -8.27
C MET D 276 3.96 2.09 -8.09
N LEU D 277 3.56 1.17 -8.97
CA LEU D 277 4.09 -0.20 -8.95
C LEU D 277 5.60 -0.20 -9.11
N SER D 278 6.10 0.70 -9.96
CA SER D 278 7.50 0.75 -10.29
C SER D 278 8.32 1.24 -9.10
N GLU D 279 7.71 2.07 -8.26
CA GLU D 279 8.43 2.70 -7.16
C GLU D 279 8.25 1.94 -5.84
N HIS D 280 7.08 1.32 -5.65
CA HIS D 280 6.71 0.77 -4.36
C HIS D 280 6.47 -0.74 -4.43
N SER D 281 6.49 -1.27 -5.64
CA SER D 281 6.33 -2.71 -5.84
C SER D 281 4.96 -3.19 -5.36
N PHE D 282 4.01 -2.28 -5.28
CA PHE D 282 2.60 -2.65 -5.13
C PHE D 282 1.69 -1.57 -5.67
N ILE D 283 0.45 -1.96 -5.96
CA ILE D 283 -0.64 -1.01 -6.05
C ILE D 283 -1.76 -1.40 -5.09
N PRO D 284 -2.69 -0.47 -4.83
CA PRO D 284 -3.86 -0.77 -4.03
C PRO D 284 -4.67 -1.90 -4.61
N GLU D 285 -4.97 -2.89 -3.78
CA GLU D 285 -5.93 -3.91 -4.15
C GLU D 285 -7.33 -3.31 -4.23
N PRO D 286 -8.04 -3.58 -5.33
CA PRO D 286 -9.37 -3.02 -5.53
C PRO D 286 -10.35 -3.50 -4.48
N LYS D 287 -11.20 -2.59 -4.00
CA LYS D 287 -12.30 -2.96 -3.10
C LYS D 287 -13.13 -4.08 -3.72
N SER D 288 -13.40 -5.11 -2.94
CA SER D 288 -14.24 -6.21 -3.39
C SER D 288 -15.72 -5.93 -3.12
N SER D 289 -16.00 -4.90 -2.32
CA SER D 289 -17.35 -4.39 -2.18
C SER D 289 -17.38 -2.98 -1.57
N CYS D 290 -18.47 -2.26 -1.82
CA CYS D 290 -18.73 -0.99 -1.16
C CYS D 290 -19.19 -1.20 0.27
N TYR D 291 -19.85 -2.33 0.50
CA TYR D 291 -20.61 -2.54 1.73
C TYR D 291 -19.70 -2.78 2.94
N ASN D 292 -18.39 -2.82 2.69
CA ASN D 292 -17.45 -3.38 3.66
C ASN D 292 -16.30 -2.41 3.94
N THR D 293 -16.53 -1.12 3.67
CA THR D 293 -15.45 -0.14 3.60
C THR D 293 -15.04 0.32 4.99
N HIS D 294 -15.99 0.23 5.93
CA HIS D 294 -15.75 0.69 7.30
C HIS D 294 -14.68 -0.17 8.00
N GLU D 295 -14.77 -1.48 7.81
CA GLU D 295 -13.76 -2.40 8.31
C GLU D 295 -12.40 -2.09 7.68
N LYS D 296 -12.38 -2.02 6.36
CA LYS D 296 -11.17 -2.30 5.60
C LYS D 296 -10.37 -1.03 5.36
N ARG D 297 -10.65 0.01 6.13
CA ARG D 297 -10.19 1.36 5.80
C ARG D 297 -8.82 1.63 6.42
N ILE D 298 -8.53 0.98 7.54
CA ILE D 298 -7.20 1.00 8.12
C ILE D 298 -6.17 0.33 7.18
N TYR D 299 -6.67 -0.33 6.14
CA TYR D 299 -5.81 -1.03 5.19
C TYR D 299 -5.75 -0.29 3.86
N GLN D 300 -6.46 0.83 3.78
CA GLN D 300 -6.63 1.54 2.50
C GLN D 300 -6.14 2.97 2.63
N SER D 301 -5.83 3.58 1.49
CA SER D 301 -5.50 4.99 1.45
C SER D 301 -5.64 5.53 0.05
N ASN D 302 -5.37 6.83 -0.11
CA ASN D 302 -5.44 7.48 -1.41
C ASN D 302 -4.05 7.71 -1.98
N MET D 303 -3.13 6.79 -1.71
CA MET D 303 -1.74 6.98 -2.07
C MET D 303 -1.60 7.16 -3.58
N LEU D 304 -2.50 6.53 -4.33
CA LEU D 304 -2.38 6.49 -5.76
C LEU D 304 -2.67 7.87 -6.39
N ASN D 305 -3.24 8.78 -5.59
CA ASN D 305 -3.51 10.15 -6.05
C ASN D 305 -2.23 10.86 -6.48
N ARG D 306 -1.17 10.68 -5.70
CA ARG D 306 0.11 11.35 -5.96
C ARG D 306 0.56 11.10 -7.39
N TYR D 307 0.18 9.94 -7.93
CA TYR D 307 0.62 9.52 -9.25
C TYR D 307 -0.43 9.88 -10.30
N LEU D 308 -1.70 9.85 -9.89
CA LEU D 308 -2.80 10.12 -10.80
C LEU D 308 -2.71 11.53 -11.38
N ILE D 309 -2.10 12.44 -10.63
CA ILE D 309 -2.18 13.87 -10.94
C ILE D 309 -0.96 14.32 -11.75
N ASN D 310 -0.08 13.38 -12.06
CA ASN D 310 1.28 13.72 -12.51
C ASN D 310 1.63 12.99 -13.81
N VAL D 311 0.61 12.61 -14.57
CA VAL D 311 0.79 11.73 -15.72
C VAL D 311 1.09 12.55 -16.98
N THR D 312 2.10 12.13 -17.73
CA THR D 312 2.26 12.56 -19.12
C THR D 312 2.20 11.34 -20.06
N PHE D 313 1.46 11.49 -21.16
CA PHE D 313 1.20 10.36 -22.06
C PHE D 313 1.26 10.80 -23.53
N GLU D 314 1.97 10.02 -24.34
CA GLU D 314 2.22 10.39 -25.72
C GLU D 314 2.57 11.87 -25.84
N GLY D 315 3.38 12.35 -24.89
CA GLY D 315 4.01 13.66 -25.00
C GLY D 315 3.06 14.79 -24.64
N ARG D 316 1.91 14.43 -24.10
CA ARG D 316 0.99 15.42 -23.52
C ARG D 316 1.07 15.39 -21.99
N ASP D 317 1.16 16.58 -21.39
CA ASP D 317 0.95 16.72 -19.94
C ASP D 317 -0.53 16.66 -19.62
N LEU D 318 -0.95 15.57 -18.97
CA LEU D 318 -2.35 15.40 -18.59
C LEU D 318 -2.54 15.62 -17.09
N SER D 319 -1.78 16.56 -16.55
CA SER D 319 -1.75 16.78 -15.11
C SER D 319 -3.13 17.16 -14.60
N PHE D 320 -3.46 16.74 -13.39
CA PHE D 320 -4.52 17.37 -12.62
C PHE D 320 -3.92 18.25 -11.53
N SER D 321 -4.70 19.23 -11.09
CA SER D 321 -4.46 19.87 -9.79
C SER D 321 -4.86 18.94 -8.65
N GLU D 322 -4.42 19.28 -7.44
CA GLU D 322 -4.78 18.51 -6.25
C GLU D 322 -6.22 18.80 -5.85
N ASP D 323 -6.80 19.87 -6.42
CA ASP D 323 -8.21 20.17 -6.25
C ASP D 323 -9.07 19.35 -7.21
N GLY D 324 -8.43 18.68 -8.16
CA GLY D 324 -9.07 17.64 -8.95
C GLY D 324 -9.56 18.15 -10.29
N TYR D 325 -8.84 19.12 -10.84
CA TYR D 325 -9.18 19.68 -12.14
C TYR D 325 -8.02 19.50 -13.12
N GLN D 326 -8.33 19.57 -14.41
CA GLN D 326 -7.30 19.61 -15.45
C GLN D 326 -6.48 20.88 -15.34
N MET D 327 -5.18 20.76 -15.55
CA MET D 327 -4.27 21.88 -15.36
C MET D 327 -4.35 22.85 -16.54
N HIS D 328 -4.13 22.35 -17.75
CA HIS D 328 -3.92 23.22 -18.91
C HIS D 328 -4.90 22.89 -20.04
N PRO D 329 -6.21 23.00 -19.75
CA PRO D 329 -7.21 22.78 -20.76
C PRO D 329 -7.28 23.95 -21.74
N LYS D 330 -7.40 23.62 -23.03
CA LYS D 330 -7.71 24.62 -24.05
C LYS D 330 -9.20 24.94 -24.05
N LEU D 331 -9.55 26.17 -23.66
CA LEU D 331 -10.92 26.55 -23.46
C LEU D 331 -11.46 27.29 -24.68
N VAL D 332 -12.74 27.07 -24.98
CA VAL D 332 -13.39 27.73 -26.09
C VAL D 332 -14.38 28.77 -25.57
N ILE D 333 -14.25 30.00 -26.04
CA ILE D 333 -15.22 31.04 -25.72
C ILE D 333 -16.35 31.05 -26.73
N ILE D 334 -17.58 30.92 -26.24
CA ILE D 334 -18.73 30.69 -27.11
C ILE D 334 -19.82 31.73 -26.88
N LEU D 335 -20.60 31.99 -27.92
CA LEU D 335 -21.58 33.06 -27.90
C LEU D 335 -22.89 32.54 -28.47
N LEU D 336 -23.96 32.72 -27.72
CA LEU D 336 -25.28 32.29 -28.16
C LEU D 336 -25.90 33.33 -29.11
N ASN D 337 -25.99 32.97 -30.39
CA ASN D 337 -26.21 33.96 -31.44
C ASN D 337 -27.70 34.08 -31.77
N LYS D 338 -28.02 34.89 -32.78
CA LYS D 338 -29.40 35.26 -33.07
C LYS D 338 -30.21 34.04 -33.51
N GLU D 339 -29.53 33.05 -34.05
CA GLU D 339 -30.18 31.80 -34.47
C GLU D 339 -30.26 30.80 -33.32
N ARG D 340 -30.00 31.28 -32.10
CA ARG D 340 -30.09 30.44 -30.89
C ARG D 340 -29.15 29.24 -30.99
N LYS D 341 -27.98 29.45 -31.56
CA LYS D 341 -26.94 28.42 -31.60
C LYS D 341 -25.65 28.96 -30.97
N TRP D 342 -24.92 28.07 -30.29
CA TRP D 342 -23.66 28.45 -29.67
C TRP D 342 -22.56 28.52 -30.72
N GLU D 343 -21.88 29.67 -30.78
CA GLU D 343 -20.88 29.91 -31.82
C GLU D 343 -19.53 30.17 -31.18
N ARG D 344 -18.47 29.63 -31.76
CA ARG D 344 -17.12 29.88 -31.30
C ARG D 344 -16.67 31.28 -31.66
N VAL D 345 -16.16 32.00 -30.67
CA VAL D 345 -15.76 33.39 -30.88
C VAL D 345 -14.42 33.70 -30.20
N GLY D 346 -13.77 32.65 -29.67
CA GLY D 346 -12.42 32.81 -29.11
C GLY D 346 -11.84 31.50 -28.59
N LYS D 347 -10.52 31.51 -28.32
CA LYS D 347 -9.86 30.39 -27.66
C LYS D 347 -9.02 30.88 -26.50
N TRP D 348 -8.91 30.06 -25.46
CA TRP D 348 -7.97 30.30 -24.37
C TRP D 348 -6.86 29.26 -24.39
N LYS D 349 -5.66 29.68 -24.78
CA LYS D 349 -4.56 28.75 -25.03
C LYS D 349 -3.23 29.42 -24.72
N ASP D 350 -2.33 28.67 -24.08
CA ASP D 350 -1.06 29.24 -23.60
C ASP D 350 -1.32 30.45 -22.70
N LYS D 351 -2.21 30.28 -21.72
CA LYS D 351 -2.60 31.38 -20.83
C LYS D 351 -2.76 32.69 -21.62
N SER D 352 -3.20 32.59 -22.87
CA SER D 352 -3.47 33.76 -23.70
C SER D 352 -4.86 33.67 -24.33
N LEU D 353 -5.53 34.80 -24.44
CA LEU D 353 -6.85 34.85 -25.07
C LEU D 353 -6.74 35.33 -26.51
N GLN D 354 -7.33 34.58 -27.43
CA GLN D 354 -7.43 35.00 -28.81
C GLN D 354 -8.90 35.04 -29.26
N MET D 355 -9.37 36.24 -29.56
CA MET D 355 -10.80 36.46 -29.84
C MET D 355 -11.02 36.75 -31.32
N LYS D 356 -12.09 36.21 -31.88
CA LYS D 356 -12.41 36.42 -33.29
C LYS D 356 -12.68 37.90 -33.56
N TYR D 357 -13.44 38.53 -32.68
CA TYR D 357 -13.84 39.92 -32.85
C TYR D 357 -12.92 40.83 -32.06
N TYR D 358 -12.63 42.01 -32.61
CA TYR D 358 -12.01 43.08 -31.82
C TYR D 358 -12.94 44.27 -31.62
N VAL D 359 -14.02 44.31 -32.39
CA VAL D 359 -15.23 44.99 -31.95
C VAL D 359 -16.35 44.00 -31.71
N TRP D 360 -16.95 44.06 -30.54
CA TRP D 360 -17.92 43.07 -30.13
C TRP D 360 -19.26 43.36 -30.78
N PRO D 361 -19.81 42.38 -31.49
CA PRO D 361 -21.00 42.60 -32.32
C PRO D 361 -22.28 42.66 -31.49
N ARG D 362 -23.22 43.50 -31.90
CA ARG D 362 -24.52 43.57 -31.26
C ARG D 362 -25.35 42.33 -31.61
N MET D 363 -25.89 41.68 -30.58
CA MET D 363 -26.62 40.43 -30.76
C MET D 363 -28.12 40.66 -30.59
C1 NAG E . 33.60 -34.47 -30.77
C2 NAG E . 33.35 -35.91 -30.36
C3 NAG E . 34.65 -36.61 -29.96
C4 NAG E . 35.73 -36.41 -31.00
C5 NAG E . 35.85 -34.95 -31.41
C6 NAG E . 36.84 -34.78 -32.56
C7 NAG E . 31.16 -36.44 -29.46
C8 NAG E . 30.26 -36.42 -28.27
N2 NAG E . 32.38 -35.96 -29.28
O3 NAG E . 34.41 -38.01 -29.77
O4 NAG E . 36.97 -36.87 -30.46
O5 NAG E . 34.58 -34.44 -31.82
O6 NAG E . 36.25 -35.27 -33.76
O7 NAG E . 30.78 -36.83 -30.56
C1 NAG E . 37.55 -37.88 -31.32
C2 NAG E . 38.99 -38.11 -30.91
C3 NAG E . 39.66 -39.13 -31.85
C4 NAG E . 38.79 -40.38 -32.05
C5 NAG E . 37.30 -40.02 -32.25
C6 NAG E . 36.45 -41.29 -32.21
C7 NAG E . 39.96 -36.17 -29.80
C8 NAG E . 40.63 -34.84 -29.97
N2 NAG E . 39.73 -36.86 -30.92
O3 NAG E . 40.92 -39.51 -31.30
O4 NAG E . 39.24 -41.10 -33.21
O5 NAG E . 36.86 -39.11 -31.25
O6 NAG E . 35.55 -41.28 -33.33
O7 NAG E . 39.67 -36.63 -28.70
C1 BMA E . 40.26 -42.05 -32.84
C2 BMA E . 40.23 -43.22 -33.83
C3 BMA E . 41.28 -44.25 -33.48
C4 BMA E . 42.64 -43.58 -33.36
C5 BMA E . 42.58 -42.40 -32.41
C6 BMA E . 43.92 -41.68 -32.33
O2 BMA E . 40.48 -42.72 -35.16
O3 BMA E . 41.31 -45.28 -34.48
O4 BMA E . 43.61 -44.53 -32.89
O5 BMA E . 41.57 -41.48 -32.85
O6 BMA E . 43.76 -40.52 -31.53
C1 MAN E . 40.78 -46.51 -33.91
C2 MAN E . 41.68 -47.67 -34.34
C3 MAN E . 41.59 -47.90 -35.83
C4 MAN E . 40.14 -47.98 -36.29
C5 MAN E . 39.32 -46.83 -35.75
C6 MAN E . 37.85 -46.97 -36.12
O2 MAN E . 41.29 -48.86 -33.64
O3 MAN E . 42.28 -49.11 -36.18
O4 MAN E . 40.09 -47.97 -37.72
O5 MAN E . 39.45 -46.77 -34.32
O6 MAN E . 37.52 -46.00 -37.12
C1 MAN E . 45.01 -39.82 -31.43
C2 MAN E . 44.99 -38.97 -30.15
C3 MAN E . 43.95 -37.86 -30.27
C4 MAN E . 44.14 -37.08 -31.56
C5 MAN E . 44.21 -38.01 -32.77
C6 MAN E . 44.43 -37.25 -34.06
O2 MAN E . 46.28 -38.41 -29.92
O3 MAN E . 44.05 -36.99 -29.15
O4 MAN E . 43.05 -36.16 -31.72
O5 MAN E . 45.26 -38.97 -32.56
O6 MAN E . 45.76 -36.71 -34.09
C1 NAG F . -36.02 33.65 29.99
C2 NAG F . -37.51 33.59 29.65
C3 NAG F . -38.13 34.96 29.71
C4 NAG F . -38.07 35.48 31.13
C5 NAG F . -36.70 35.21 31.78
C6 NAG F . -36.83 34.14 32.87
C7 NAG F . -37.95 31.72 28.17
C8 NAG F . -38.13 31.27 26.74
N2 NAG F . -37.70 33.01 28.33
O3 NAG F . -39.49 34.91 29.28
O4 NAG F . -38.34 36.89 31.14
O5 NAG F . -35.70 34.81 30.80
O6 NAG F . -36.66 34.75 34.15
O7 NAG F . -38.03 30.94 29.11
C1 NAG F . -39.44 37.13 32.03
C2 NAG F . -39.19 38.42 32.81
C3 NAG F . -40.35 38.71 33.77
C4 NAG F . -41.70 38.58 33.06
C5 NAG F . -41.78 37.30 32.23
C6 NAG F . -43.08 37.23 31.45
C7 NAG F . -37.32 39.39 34.03
C8 NAG F . -36.05 39.13 34.79
N2 NAG F . -37.95 38.32 33.55
O3 NAG F . -40.22 40.04 34.28
O4 NAG F . -42.75 38.60 34.03
O5 NAG F . -40.68 37.24 31.33
O6 NAG F . -43.19 35.98 30.77
O7 NAG F . -37.77 40.52 33.87
C1 NAG G . 12.92 -34.44 -27.99
C2 NAG G . 12.72 -34.42 -29.50
C3 NAG G . 11.99 -35.66 -29.97
C4 NAG G . 12.65 -36.92 -29.42
C5 NAG G . 12.92 -36.82 -27.92
C6 NAG G . 13.74 -38.00 -27.44
C7 NAG G . 12.50 -32.33 -30.72
C8 NAG G . 11.63 -31.13 -30.99
N2 NAG G . 11.98 -33.24 -29.89
O3 NAG G . 11.98 -35.72 -31.39
O4 NAG G . 11.81 -38.05 -29.68
O5 NAG G . 13.63 -35.62 -27.63
O6 NAG G . 13.26 -38.43 -26.17
O7 NAG G . 13.59 -32.47 -31.23
C1 NAG H . 25.18 -52.16 8.35
C2 NAG H . 24.76 -53.56 8.00
C3 NAG H . 24.61 -54.38 9.27
C4 NAG H . 25.87 -54.29 10.13
C5 NAG H . 26.38 -52.84 10.27
C6 NAG H . 27.75 -52.82 10.94
C7 NAG H . 23.51 -53.38 5.90
C8 NAG H . 22.15 -53.36 5.26
N2 NAG H . 23.51 -53.54 7.23
O3 NAG H . 24.36 -55.75 8.93
O4 NAG H . 25.60 -54.83 11.43
O5 NAG H . 26.45 -52.20 8.99
O6 NAG H . 27.75 -51.84 11.99
O7 NAG H . 24.53 -53.27 5.24
NA NA I . 24.93 -28.47 -8.11
CL CL J . 4.23 -35.11 4.75
CL CL K . 31.47 -21.94 -40.85
C1 NAG L . 1.37 -31.31 20.76
C2 NAG L . -0.08 -31.16 20.28
C3 NAG L . -1.04 -31.02 21.46
C4 NAG L . -0.83 -32.14 22.45
C5 NAG L . 0.66 -32.29 22.81
C6 NAG L . 0.85 -33.50 23.74
C7 NAG L . -0.66 -30.14 18.15
C8 NAG L . -0.69 -28.87 17.34
N2 NAG L . -0.18 -30.01 19.39
O3 NAG L . -2.39 -31.03 20.99
O4 NAG L . -1.58 -31.87 23.64
O5 NAG L . 1.46 -32.45 21.62
O6 NAG L . 1.75 -34.44 23.16
O7 NAG L . -1.05 -31.20 17.70
C1 NAG M . 14.40 6.07 12.97
C2 NAG M . 14.26 6.39 14.46
C3 NAG M . 15.46 7.19 15.02
C4 NAG M . 16.07 8.18 14.01
C5 NAG M . 16.01 7.69 12.57
C6 NAG M . 17.32 7.96 11.83
C7 NAG M . 12.18 6.76 15.68
C8 NAG M . 12.57 5.55 16.47
N2 NAG M . 13.02 7.12 14.71
O3 NAG M . 16.47 6.27 15.48
O4 NAG M . 15.40 9.45 14.12
O5 NAG M . 15.73 6.30 12.55
O6 NAG M . 17.15 9.08 10.95
O7 NAG M . 11.16 7.39 15.91
C01 HYS N . 13.43 -25.31 3.27
C02 HYS N . 12.54 -24.34 2.87
C03 HYS N . 13.00 -23.08 2.55
C04 HYS N . 14.37 -22.83 2.57
C05 HYS N . 15.26 -23.84 2.93
C06 HYS N . 14.79 -25.06 3.30
C07 HYS N . 16.79 -23.56 2.97
C08 HYS N . 17.49 -24.00 1.69
N09 HYS N . 18.36 -22.86 1.13
C10 HYS N . 19.60 -22.76 1.90
C11 HYS N . 20.16 -24.17 2.17
C12 HYS N . 21.62 -24.05 2.62
O13 HYS N . 21.82 -24.95 3.73
C14 HYS N . 23.10 -25.46 3.85
C15 HYS N . 23.49 -26.10 5.04
C16 HYS N . 24.78 -26.61 5.16
C17 HYS N . 25.68 -26.47 4.14
C18 HYS N . 25.30 -25.86 2.93
C19 HYS N . 24.00 -25.34 2.80
N20 HYS N . 27.04 -26.99 4.29
S21 HYS N . 27.54 -28.38 3.42
C22 HYS N . 27.27 -28.12 1.68
O23 HYS N . 26.85 -29.57 3.89
O24 HYS N . 28.94 -28.71 3.70
O25 HYS N . 19.41 -24.78 3.17
CL1 HYS N . 10.83 -24.70 2.83
CL2 HYS N . 12.81 -26.89 3.67
CL CL O . 23.69 -17.50 15.07
CL CL P . 2.68 -28.97 15.45
CL CL Q . 12.56 -17.12 -0.66
CL CL R . 22.81 -28.17 13.40
C1 NAG S . -35.60 12.31 27.42
C2 NAG S . -35.73 12.36 28.93
C3 NAG S . -36.94 11.54 29.42
C4 NAG S . -38.18 11.82 28.58
C5 NAG S . -37.86 11.74 27.10
C6 NAG S . -39.07 12.01 26.22
C8 NAG S . -32.59 11.77 30.99
N2 NAG S . -34.52 11.85 29.54
O3 NAG S . -37.19 11.88 30.79
O4 NAG S . -39.21 10.88 28.90
O5 NAG S . -36.84 12.68 26.81
O6 NAG S . -39.49 13.36 26.39
O7 NAG S . -33.97 13.01 30.75
NA NA T . -29.44 24.33 7.47
CL CL U . -35.32 3.37 -5.09
CL CL V . -22.08 15.99 16.63
C1 NAG W . 5.73 14.73 -10.53
C2 NAG W . 6.63 14.20 -9.40
C3 NAG W . 7.90 15.03 -9.28
C4 NAG W . 8.57 15.20 -10.63
C5 NAG W . 7.58 15.68 -11.69
C6 NAG W . 8.26 15.76 -13.06
C7 NAG W . 5.69 13.05 -7.48
C8 NAG W . 6.21 11.79 -8.12
N2 NAG W . 5.91 14.19 -8.14
O3 NAG W . 8.81 14.40 -8.37
O4 NAG W . 9.65 16.14 -10.52
O5 NAG W . 6.46 14.77 -11.76
O6 NAG W . 7.27 15.87 -14.09
O7 NAG W . 5.10 13.03 -6.41
C01 HYS X . -25.86 12.75 -3.53
C02 HYS X . -24.83 11.94 -3.12
C03 HYS X . -23.61 12.49 -2.77
C04 HYS X . -23.44 13.88 -2.83
C05 HYS X . -24.50 14.69 -3.23
C06 HYS X . -25.69 14.13 -3.60
C07 HYS X . -24.34 16.24 -3.26
C08 HYS X . -23.29 16.74 -2.24
N09 HYS X . -23.92 17.72 -1.26
C10 HYS X . -23.65 19.09 -1.68
C11 HYS X . -24.37 19.37 -3.02
C12 HYS X . -24.76 20.85 -3.08
O13 HYS X . -25.73 21.00 -4.15
C14 HYS X . -26.16 22.30 -4.35
C15 HYS X . -26.02 23.25 -3.34
C16 HYS X . -26.48 24.56 -3.55
C17 HYS X . -27.02 24.91 -4.76
C18 HYS X . -27.22 23.94 -5.75
C19 HYS X . -26.77 22.64 -5.55
N20 HYS X . -27.55 26.26 -4.95
S21 HYS X . -28.94 26.75 -4.08
C22 HYS X . -28.71 26.44 -2.35
O23 HYS X . -29.27 28.15 -4.34
O24 HYS X . -30.14 26.07 -4.59
O25 HYS X . -23.52 19.07 -4.08
CL1 HYS X . -25.07 10.20 -3.01
CL2 HYS X . -27.39 12.02 -3.98
CL CL Y . -17.54 23.16 -15.26
CL CL Z . -28.44 1.50 -15.92
CL CL AA . -14.59 42.74 -35.36
CL CL BA . -29.77 21.04 -10.90
#